data_1ASH
# 
_entry.id   1ASH 
# 
_audit_conform.dict_name       mmcif_pdbx.dic 
_audit_conform.dict_version    5.385 
_audit_conform.dict_location   http://mmcif.pdb.org/dictionaries/ascii/mmcif_pdbx.dic 
# 
loop_
_database_2.database_id 
_database_2.database_code 
_database_2.pdbx_database_accession 
_database_2.pdbx_DOI 
PDB   1ASH         pdb_00001ash 10.2210/pdb1ash/pdb 
WWPDB D_1000171203 ?            ?                   
# 
loop_
_pdbx_audit_revision_history.ordinal 
_pdbx_audit_revision_history.data_content_type 
_pdbx_audit_revision_history.major_revision 
_pdbx_audit_revision_history.minor_revision 
_pdbx_audit_revision_history.revision_date 
1 'Structure model' 1 0 1995-02-27 
2 'Structure model' 1 1 2008-03-24 
3 'Structure model' 1 2 2011-07-13 
4 'Structure model' 1 3 2024-02-07 
# 
_pdbx_audit_revision_details.ordinal             1 
_pdbx_audit_revision_details.revision_ordinal    1 
_pdbx_audit_revision_details.data_content_type   'Structure model' 
_pdbx_audit_revision_details.provider            repository 
_pdbx_audit_revision_details.type                'Initial release' 
_pdbx_audit_revision_details.description         ? 
_pdbx_audit_revision_details.details             ? 
# 
loop_
_pdbx_audit_revision_group.ordinal 
_pdbx_audit_revision_group.revision_ordinal 
_pdbx_audit_revision_group.data_content_type 
_pdbx_audit_revision_group.group 
1 2 'Structure model' 'Version format compliance' 
2 3 'Structure model' 'Version format compliance' 
3 4 'Structure model' 'Data collection'           
4 4 'Structure model' 'Database references'       
5 4 'Structure model' 'Derived calculations'      
6 4 'Structure model' Other                       
# 
loop_
_pdbx_audit_revision_category.ordinal 
_pdbx_audit_revision_category.revision_ordinal 
_pdbx_audit_revision_category.data_content_type 
_pdbx_audit_revision_category.category 
1 4 'Structure model' chem_comp_atom         
2 4 'Structure model' chem_comp_bond         
3 4 'Structure model' database_2             
4 4 'Structure model' pdbx_database_status   
5 4 'Structure model' pdbx_struct_conn_angle 
6 4 'Structure model' struct_conn            
7 4 'Structure model' struct_ref_seq_dif     
8 4 'Structure model' struct_site            
# 
loop_
_pdbx_audit_revision_item.ordinal 
_pdbx_audit_revision_item.revision_ordinal 
_pdbx_audit_revision_item.data_content_type 
_pdbx_audit_revision_item.item 
1  4 'Structure model' '_database_2.pdbx_DOI'                        
2  4 'Structure model' '_database_2.pdbx_database_accession'         
3  4 'Structure model' '_pdbx_database_status.process_site'          
4  4 'Structure model' '_pdbx_struct_conn_angle.ptnr1_auth_comp_id'  
5  4 'Structure model' '_pdbx_struct_conn_angle.ptnr1_auth_seq_id'   
6  4 'Structure model' '_pdbx_struct_conn_angle.ptnr1_label_asym_id' 
7  4 'Structure model' '_pdbx_struct_conn_angle.ptnr1_label_atom_id' 
8  4 'Structure model' '_pdbx_struct_conn_angle.ptnr1_label_comp_id' 
9  4 'Structure model' '_pdbx_struct_conn_angle.ptnr1_label_seq_id'  
10 4 'Structure model' '_pdbx_struct_conn_angle.ptnr3_auth_comp_id'  
11 4 'Structure model' '_pdbx_struct_conn_angle.ptnr3_auth_seq_id'   
12 4 'Structure model' '_pdbx_struct_conn_angle.ptnr3_label_asym_id' 
13 4 'Structure model' '_pdbx_struct_conn_angle.ptnr3_label_atom_id' 
14 4 'Structure model' '_pdbx_struct_conn_angle.ptnr3_label_comp_id' 
15 4 'Structure model' '_pdbx_struct_conn_angle.ptnr3_label_seq_id'  
16 4 'Structure model' '_pdbx_struct_conn_angle.value'               
17 4 'Structure model' '_struct_conn.pdbx_dist_value'                
18 4 'Structure model' '_struct_conn.ptnr1_auth_comp_id'             
19 4 'Structure model' '_struct_conn.ptnr1_auth_seq_id'              
20 4 'Structure model' '_struct_conn.ptnr1_label_asym_id'            
21 4 'Structure model' '_struct_conn.ptnr1_label_atom_id'            
22 4 'Structure model' '_struct_conn.ptnr1_label_comp_id'            
23 4 'Structure model' '_struct_conn.ptnr1_label_seq_id'             
24 4 'Structure model' '_struct_conn.ptnr2_auth_comp_id'             
25 4 'Structure model' '_struct_conn.ptnr2_auth_seq_id'              
26 4 'Structure model' '_struct_conn.ptnr2_label_asym_id'            
27 4 'Structure model' '_struct_conn.ptnr2_label_atom_id'            
28 4 'Structure model' '_struct_conn.ptnr2_label_comp_id'            
29 4 'Structure model' '_struct_conn.ptnr2_label_seq_id'             
30 4 'Structure model' '_struct_ref_seq_dif.details'                 
31 4 'Structure model' '_struct_site.pdbx_auth_asym_id'              
32 4 'Structure model' '_struct_site.pdbx_auth_comp_id'              
33 4 'Structure model' '_struct_site.pdbx_auth_seq_id'               
# 
_pdbx_database_status.status_code                     REL 
_pdbx_database_status.entry_id                        1ASH 
_pdbx_database_status.recvd_initial_deposition_date   1995-01-06 
_pdbx_database_status.deposit_site                    ? 
_pdbx_database_status.process_site                    BNL 
_pdbx_database_status.SG_entry                        . 
_pdbx_database_status.pdb_format_compatible           Y 
_pdbx_database_status.status_code_mr                  ? 
_pdbx_database_status.status_code_sf                  ? 
_pdbx_database_status.status_code_cs                  ? 
_pdbx_database_status.status_code_nmr_data            ? 
_pdbx_database_status.methods_development_category    ? 
# 
loop_
_audit_author.name 
_audit_author.pdbx_ordinal 
'Yang, J.'       1 
'Mathews, F.S.'  2 
'Kloek, A.P.'    3 
'Goldberg, D.E.' 4 
# 
loop_
_citation.id 
_citation.title 
_citation.journal_abbrev 
_citation.journal_volume 
_citation.page_first 
_citation.page_last 
_citation.year 
_citation.journal_id_ASTM 
_citation.country 
_citation.journal_id_ISSN 
_citation.journal_id_CSD 
_citation.book_publisher 
_citation.pdbx_database_id_PubMed 
_citation.pdbx_database_id_DOI 
primary 'The structure of Ascaris hemoglobin domain I at 2.2 A resolution: molecular features of oxygen avidity.' 
Proc.Natl.Acad.Sci.USA 92  4224  4228 1995 PNASA6 US 0027-8424 0040 ? 7753786 10.1073/pnas.92.10.4224 
1       'Expression, Characterization and Crystallization of Oxygen-Avid Ascaris Hemoglobin Domains'              J.Biol.Chem. 268 
17669 ?    1993 JBCHA3 US 0021-9258 0071 ? ?       ?                       
# 
loop_
_citation_author.citation_id 
_citation_author.name 
_citation_author.ordinal 
_citation_author.identifier_ORCID 
primary 'Yang, J.'       1 ? 
primary 'Kloek, A.P.'    2 ? 
primary 'Goldberg, D.E.' 3 ? 
primary 'Mathews, F.S.'  4 ? 
1       'Kloek, A.P.'    5 ? 
1       'Yang, J.'       6 ? 
1       'Mathews, F.S.'  7 ? 
1       'Goldberg, D.E.' 8 ? 
# 
loop_
_entity.id 
_entity.type 
_entity.src_method 
_entity.pdbx_description 
_entity.formula_weight 
_entity.pdbx_number_of_molecules 
_entity.pdbx_ec 
_entity.pdbx_mutation 
_entity.pdbx_fragment 
_entity.details 
1 polymer     man 'HEMOGLOBIN (OXY)'                17970.203 1  ? ? ? ? 
2 non-polymer syn 'PROTOPORPHYRIN IX CONTAINING FE' 616.487   1  ? ? ? ? 
3 non-polymer syn 'OXYGEN MOLECULE'                 31.999    1  ? ? ? ? 
4 water       nat water                             18.015    62 ? ? ? ? 
# 
_entity_poly.entity_id                      1 
_entity_poly.type                           'polypeptide(L)' 
_entity_poly.nstd_linkage                   no 
_entity_poly.nstd_monomer                   no 
_entity_poly.pdbx_seq_one_letter_code       
;ANKTRELCMKSLEHAKVDTSNEARQDGIDLYKHMFENYPPLRKYFKSREEYTAEDVQNDPFFAKQGQKILLACHVLCATY
DDRETFNAYTRELLDRHARDHVHMPPEVWTDFWKLFEEYLGKKTTLDEPTKQAWHEIGREFAKEINKHGR
;
_entity_poly.pdbx_seq_one_letter_code_can   
;ANKTRELCMKSLEHAKVDTSNEARQDGIDLYKHMFENYPPLRKYFKSREEYTAEDVQNDPFFAKQGQKILLACHVLCATY
DDRETFNAYTRELLDRHARDHVHMPPEVWTDFWKLFEEYLGKKTTLDEPTKQAWHEIGREFAKEINKHGR
;
_entity_poly.pdbx_strand_id                 A 
_entity_poly.pdbx_target_identifier         ? 
# 
loop_
_pdbx_entity_nonpoly.entity_id 
_pdbx_entity_nonpoly.name 
_pdbx_entity_nonpoly.comp_id 
2 'PROTOPORPHYRIN IX CONTAINING FE' HEM 
3 'OXYGEN MOLECULE'                 OXY 
4 water                             HOH 
# 
loop_
_entity_poly_seq.entity_id 
_entity_poly_seq.num 
_entity_poly_seq.mon_id 
_entity_poly_seq.hetero 
1 1   ALA n 
1 2   ASN n 
1 3   LYS n 
1 4   THR n 
1 5   ARG n 
1 6   GLU n 
1 7   LEU n 
1 8   CYS n 
1 9   MET n 
1 10  LYS n 
1 11  SER n 
1 12  LEU n 
1 13  GLU n 
1 14  HIS n 
1 15  ALA n 
1 16  LYS n 
1 17  VAL n 
1 18  ASP n 
1 19  THR n 
1 20  SER n 
1 21  ASN n 
1 22  GLU n 
1 23  ALA n 
1 24  ARG n 
1 25  GLN n 
1 26  ASP n 
1 27  GLY n 
1 28  ILE n 
1 29  ASP n 
1 30  LEU n 
1 31  TYR n 
1 32  LYS n 
1 33  HIS n 
1 34  MET n 
1 35  PHE n 
1 36  GLU n 
1 37  ASN n 
1 38  TYR n 
1 39  PRO n 
1 40  PRO n 
1 41  LEU n 
1 42  ARG n 
1 43  LYS n 
1 44  TYR n 
1 45  PHE n 
1 46  LYS n 
1 47  SER n 
1 48  ARG n 
1 49  GLU n 
1 50  GLU n 
1 51  TYR n 
1 52  THR n 
1 53  ALA n 
1 54  GLU n 
1 55  ASP n 
1 56  VAL n 
1 57  GLN n 
1 58  ASN n 
1 59  ASP n 
1 60  PRO n 
1 61  PHE n 
1 62  PHE n 
1 63  ALA n 
1 64  LYS n 
1 65  GLN n 
1 66  GLY n 
1 67  GLN n 
1 68  LYS n 
1 69  ILE n 
1 70  LEU n 
1 71  LEU n 
1 72  ALA n 
1 73  CYS n 
1 74  HIS n 
1 75  VAL n 
1 76  LEU n 
1 77  CYS n 
1 78  ALA n 
1 79  THR n 
1 80  TYR n 
1 81  ASP n 
1 82  ASP n 
1 83  ARG n 
1 84  GLU n 
1 85  THR n 
1 86  PHE n 
1 87  ASN n 
1 88  ALA n 
1 89  TYR n 
1 90  THR n 
1 91  ARG n 
1 92  GLU n 
1 93  LEU n 
1 94  LEU n 
1 95  ASP n 
1 96  ARG n 
1 97  HIS n 
1 98  ALA n 
1 99  ARG n 
1 100 ASP n 
1 101 HIS n 
1 102 VAL n 
1 103 HIS n 
1 104 MET n 
1 105 PRO n 
1 106 PRO n 
1 107 GLU n 
1 108 VAL n 
1 109 TRP n 
1 110 THR n 
1 111 ASP n 
1 112 PHE n 
1 113 TRP n 
1 114 LYS n 
1 115 LEU n 
1 116 PHE n 
1 117 GLU n 
1 118 GLU n 
1 119 TYR n 
1 120 LEU n 
1 121 GLY n 
1 122 LYS n 
1 123 LYS n 
1 124 THR n 
1 125 THR n 
1 126 LEU n 
1 127 ASP n 
1 128 GLU n 
1 129 PRO n 
1 130 THR n 
1 131 LYS n 
1 132 GLN n 
1 133 ALA n 
1 134 TRP n 
1 135 HIS n 
1 136 GLU n 
1 137 ILE n 
1 138 GLY n 
1 139 ARG n 
1 140 GLU n 
1 141 PHE n 
1 142 ALA n 
1 143 LYS n 
1 144 GLU n 
1 145 ILE n 
1 146 ASN n 
1 147 LYS n 
1 148 HIS n 
1 149 GLY n 
1 150 ARG n 
# 
_entity_src_gen.entity_id                          1 
_entity_src_gen.pdbx_src_id                        1 
_entity_src_gen.pdbx_alt_source_flag               sample 
_entity_src_gen.pdbx_seq_type                      ? 
_entity_src_gen.pdbx_beg_seq_num                   ? 
_entity_src_gen.pdbx_end_seq_num                   ? 
_entity_src_gen.gene_src_common_name               'pig roundworm' 
_entity_src_gen.gene_src_genus                     Ascaris 
_entity_src_gen.pdbx_gene_src_gene                 ? 
_entity_src_gen.gene_src_species                   ? 
_entity_src_gen.gene_src_strain                    ? 
_entity_src_gen.gene_src_tissue                    ? 
_entity_src_gen.gene_src_tissue_fraction           ? 
_entity_src_gen.gene_src_details                   ? 
_entity_src_gen.pdbx_gene_src_fragment             ? 
_entity_src_gen.pdbx_gene_src_scientific_name      'Ascaris suum' 
_entity_src_gen.pdbx_gene_src_ncbi_taxonomy_id     6253 
_entity_src_gen.pdbx_gene_src_variant              ? 
_entity_src_gen.pdbx_gene_src_cell_line            ? 
_entity_src_gen.pdbx_gene_src_atcc                 ? 
_entity_src_gen.pdbx_gene_src_organ                ? 
_entity_src_gen.pdbx_gene_src_organelle            ? 
_entity_src_gen.pdbx_gene_src_cell                 ? 
_entity_src_gen.pdbx_gene_src_cellular_location    ? 
_entity_src_gen.host_org_common_name               ? 
_entity_src_gen.pdbx_host_org_scientific_name      ? 
_entity_src_gen.pdbx_host_org_ncbi_taxonomy_id     ? 
_entity_src_gen.host_org_genus                     ? 
_entity_src_gen.pdbx_host_org_gene                 ? 
_entity_src_gen.pdbx_host_org_organ                ? 
_entity_src_gen.host_org_species                   ? 
_entity_src_gen.pdbx_host_org_tissue               ? 
_entity_src_gen.pdbx_host_org_tissue_fraction      ? 
_entity_src_gen.pdbx_host_org_strain               ? 
_entity_src_gen.pdbx_host_org_variant              ? 
_entity_src_gen.pdbx_host_org_cell_line            ? 
_entity_src_gen.pdbx_host_org_atcc                 ? 
_entity_src_gen.pdbx_host_org_culture_collection   ? 
_entity_src_gen.pdbx_host_org_cell                 ? 
_entity_src_gen.pdbx_host_org_organelle            ? 
_entity_src_gen.pdbx_host_org_cellular_location    ? 
_entity_src_gen.pdbx_host_org_vector_type          ? 
_entity_src_gen.pdbx_host_org_vector               ? 
_entity_src_gen.host_org_details                   ? 
_entity_src_gen.expression_system_id               ? 
_entity_src_gen.plasmid_name                       PET-8C 
_entity_src_gen.plasmid_details                    ? 
_entity_src_gen.pdbx_description                   ? 
# 
loop_
_chem_comp.id 
_chem_comp.type 
_chem_comp.mon_nstd_flag 
_chem_comp.name 
_chem_comp.pdbx_synonyms 
_chem_comp.formula 
_chem_comp.formula_weight 
ALA 'L-peptide linking' y ALANINE                           ?    'C3 H7 N O2'       89.093  
ARG 'L-peptide linking' y ARGININE                          ?    'C6 H15 N4 O2 1'   175.209 
ASN 'L-peptide linking' y ASPARAGINE                        ?    'C4 H8 N2 O3'      132.118 
ASP 'L-peptide linking' y 'ASPARTIC ACID'                   ?    'C4 H7 N O4'       133.103 
CYS 'L-peptide linking' y CYSTEINE                          ?    'C3 H7 N O2 S'     121.158 
GLN 'L-peptide linking' y GLUTAMINE                         ?    'C5 H10 N2 O3'     146.144 
GLU 'L-peptide linking' y 'GLUTAMIC ACID'                   ?    'C5 H9 N O4'       147.129 
GLY 'peptide linking'   y GLYCINE                           ?    'C2 H5 N O2'       75.067  
HEM non-polymer         . 'PROTOPORPHYRIN IX CONTAINING FE' HEME 'C34 H32 Fe N4 O4' 616.487 
HIS 'L-peptide linking' y HISTIDINE                         ?    'C6 H10 N3 O2 1'   156.162 
HOH non-polymer         . WATER                             ?    'H2 O'             18.015  
ILE 'L-peptide linking' y ISOLEUCINE                        ?    'C6 H13 N O2'      131.173 
LEU 'L-peptide linking' y LEUCINE                           ?    'C6 H13 N O2'      131.173 
LYS 'L-peptide linking' y LYSINE                            ?    'C6 H15 N2 O2 1'   147.195 
MET 'L-peptide linking' y METHIONINE                        ?    'C5 H11 N O2 S'    149.211 
OXY non-polymer         . 'OXYGEN MOLECULE'                 ?    O2                 31.999  
PHE 'L-peptide linking' y PHENYLALANINE                     ?    'C9 H11 N O2'      165.189 
PRO 'L-peptide linking' y PROLINE                           ?    'C5 H9 N O2'       115.130 
SER 'L-peptide linking' y SERINE                            ?    'C3 H7 N O3'       105.093 
THR 'L-peptide linking' y THREONINE                         ?    'C4 H9 N O3'       119.119 
TRP 'L-peptide linking' y TRYPTOPHAN                        ?    'C11 H12 N2 O2'    204.225 
TYR 'L-peptide linking' y TYROSINE                          ?    'C9 H11 N O3'      181.189 
VAL 'L-peptide linking' y VALINE                            ?    'C5 H11 N O2'      117.146 
# 
loop_
_pdbx_poly_seq_scheme.asym_id 
_pdbx_poly_seq_scheme.entity_id 
_pdbx_poly_seq_scheme.seq_id 
_pdbx_poly_seq_scheme.mon_id 
_pdbx_poly_seq_scheme.ndb_seq_num 
_pdbx_poly_seq_scheme.pdb_seq_num 
_pdbx_poly_seq_scheme.auth_seq_num 
_pdbx_poly_seq_scheme.pdb_mon_id 
_pdbx_poly_seq_scheme.auth_mon_id 
_pdbx_poly_seq_scheme.pdb_strand_id 
_pdbx_poly_seq_scheme.pdb_ins_code 
_pdbx_poly_seq_scheme.hetero 
A 1 1   ALA 1   0   0   ALA ALA A . n 
A 1 2   ASN 2   1   1   ASN ASN A . n 
A 1 3   LYS 3   2   2   LYS LYS A . n 
A 1 4   THR 4   3   3   THR THR A . n 
A 1 5   ARG 5   4   4   ARG ARG A . n 
A 1 6   GLU 6   5   5   GLU GLU A . n 
A 1 7   LEU 7   6   6   LEU LEU A . n 
A 1 8   CYS 8   7   7   CYS CYS A . n 
A 1 9   MET 9   8   8   MET MET A . n 
A 1 10  LYS 10  9   9   LYS LYS A . n 
A 1 11  SER 11  10  10  SER SER A . n 
A 1 12  LEU 12  11  11  LEU LEU A . n 
A 1 13  GLU 13  12  12  GLU GLU A . n 
A 1 14  HIS 14  13  13  HIS HIS A . n 
A 1 15  ALA 15  14  14  ALA ALA A . n 
A 1 16  LYS 16  15  15  LYS LYS A . n 
A 1 17  VAL 17  16  16  VAL VAL A . n 
A 1 18  ASP 18  17  17  ASP ASP A . n 
A 1 19  THR 19  18  18  THR THR A . n 
A 1 20  SER 20  19  19  SER SER A . n 
A 1 21  ASN 21  20  20  ASN ASN A . n 
A 1 22  GLU 22  21  21  GLU GLU A . n 
A 1 23  ALA 23  22  22  ALA ALA A . n 
A 1 24  ARG 24  23  23  ARG ARG A . n 
A 1 25  GLN 25  24  24  GLN GLN A . n 
A 1 26  ASP 26  25  25  ASP ASP A . n 
A 1 27  GLY 27  26  26  GLY GLY A . n 
A 1 28  ILE 28  27  27  ILE ILE A . n 
A 1 29  ASP 29  28  28  ASP ASP A . n 
A 1 30  LEU 30  29  29  LEU LEU A . n 
A 1 31  TYR 31  30  30  TYR TYR A . n 
A 1 32  LYS 32  31  31  LYS LYS A . n 
A 1 33  HIS 33  32  32  HIS HIS A . n 
A 1 34  MET 34  33  33  MET MET A . n 
A 1 35  PHE 35  34  34  PHE PHE A . n 
A 1 36  GLU 36  35  35  GLU GLU A . n 
A 1 37  ASN 37  36  36  ASN ASN A . n 
A 1 38  TYR 38  37  37  TYR TYR A . n 
A 1 39  PRO 39  38  38  PRO PRO A . n 
A 1 40  PRO 40  39  39  PRO PRO A . n 
A 1 41  LEU 41  40  40  LEU LEU A . n 
A 1 42  ARG 42  41  41  ARG ARG A . n 
A 1 43  LYS 43  42  42  LYS LYS A . n 
A 1 44  TYR 44  43  43  TYR TYR A . n 
A 1 45  PHE 45  44  44  PHE PHE A . n 
A 1 46  LYS 46  45  45  LYS LYS A . n 
A 1 47  SER 47  46  46  SER SER A . n 
A 1 48  ARG 48  47  47  ARG ARG A . n 
A 1 49  GLU 49  48  48  GLU GLU A . n 
A 1 50  GLU 50  49  49  GLU GLU A . n 
A 1 51  TYR 51  50  50  TYR TYR A . n 
A 1 52  THR 52  51  51  THR THR A . n 
A 1 53  ALA 53  52  52  ALA ALA A . n 
A 1 54  GLU 54  53  53  GLU GLU A . n 
A 1 55  ASP 55  54  54  ASP ASP A . n 
A 1 56  VAL 56  55  55  VAL VAL A . n 
A 1 57  GLN 57  56  56  GLN GLN A . n 
A 1 58  ASN 58  57  57  ASN ASN A . n 
A 1 59  ASP 59  58  58  ASP ASP A . n 
A 1 60  PRO 60  59  59  PRO PRO A . n 
A 1 61  PHE 61  60  60  PHE PHE A . n 
A 1 62  PHE 62  61  61  PHE PHE A . n 
A 1 63  ALA 63  62  62  ALA ALA A . n 
A 1 64  LYS 64  63  63  LYS LYS A . n 
A 1 65  GLN 65  64  64  GLN GLN A . n 
A 1 66  GLY 66  65  65  GLY GLY A . n 
A 1 67  GLN 67  66  66  GLN GLN A . n 
A 1 68  LYS 68  67  67  LYS LYS A . n 
A 1 69  ILE 69  68  68  ILE ILE A . n 
A 1 70  LEU 70  69  69  LEU LEU A . n 
A 1 71  LEU 71  70  70  LEU LEU A . n 
A 1 72  ALA 72  71  71  ALA ALA A . n 
A 1 73  CYS 73  72  72  CYS CYS A . n 
A 1 74  HIS 74  73  73  HIS HIS A . n 
A 1 75  VAL 75  74  74  VAL VAL A . n 
A 1 76  LEU 76  75  75  LEU LEU A . n 
A 1 77  CYS 77  76  76  CYS CYS A . n 
A 1 78  ALA 78  77  77  ALA ALA A . n 
A 1 79  THR 79  78  78  THR THR A . n 
A 1 80  TYR 80  79  79  TYR TYR A . n 
A 1 81  ASP 81  80  80  ASP ASP A . n 
A 1 82  ASP 82  81  81  ASP ASP A . n 
A 1 83  ARG 83  82  82  ARG ARG A . n 
A 1 84  GLU 84  83  83  GLU GLU A . n 
A 1 85  THR 85  84  84  THR THR A . n 
A 1 86  PHE 86  85  85  PHE PHE A . n 
A 1 87  ASN 87  86  86  ASN ASN A . n 
A 1 88  ALA 88  87  87  ALA ALA A . n 
A 1 89  TYR 89  88  88  TYR TYR A . n 
A 1 90  THR 90  89  89  THR THR A . n 
A 1 91  ARG 91  90  90  ARG ARG A . n 
A 1 92  GLU 92  91  91  GLU GLU A . n 
A 1 93  LEU 93  92  92  LEU LEU A . n 
A 1 94  LEU 94  93  93  LEU LEU A . n 
A 1 95  ASP 95  94  94  ASP ASP A . n 
A 1 96  ARG 96  95  95  ARG ARG A . n 
A 1 97  HIS 97  96  96  HIS HIS A . n 
A 1 98  ALA 98  97  97  ALA ALA A . n 
A 1 99  ARG 99  98  98  ARG ARG A . n 
A 1 100 ASP 100 99  99  ASP ASP A . n 
A 1 101 HIS 101 100 100 HIS HIS A . n 
A 1 102 VAL 102 101 101 VAL VAL A . n 
A 1 103 HIS 103 102 102 HIS HIS A . n 
A 1 104 MET 104 103 103 MET MET A . n 
A 1 105 PRO 105 104 104 PRO PRO A . n 
A 1 106 PRO 106 105 105 PRO PRO A . n 
A 1 107 GLU 107 106 106 GLU GLU A . n 
A 1 108 VAL 108 107 107 VAL VAL A . n 
A 1 109 TRP 109 108 108 TRP TRP A . n 
A 1 110 THR 110 109 109 THR THR A . n 
A 1 111 ASP 111 110 110 ASP ASP A . n 
A 1 112 PHE 112 111 111 PHE PHE A . n 
A 1 113 TRP 113 112 112 TRP TRP A . n 
A 1 114 LYS 114 113 113 LYS LYS A . n 
A 1 115 LEU 115 114 114 LEU LEU A . n 
A 1 116 PHE 116 115 115 PHE PHE A . n 
A 1 117 GLU 117 116 116 GLU GLU A . n 
A 1 118 GLU 118 117 117 GLU GLU A . n 
A 1 119 TYR 119 118 118 TYR TYR A . n 
A 1 120 LEU 120 119 119 LEU LEU A . n 
A 1 121 GLY 121 120 120 GLY GLY A . n 
A 1 122 LYS 122 121 121 LYS LYS A . n 
A 1 123 LYS 123 122 122 LYS LYS A . n 
A 1 124 THR 124 123 123 THR THR A . n 
A 1 125 THR 125 124 124 THR THR A . n 
A 1 126 LEU 126 125 125 LEU LEU A . n 
A 1 127 ASP 127 126 126 ASP ASP A . n 
A 1 128 GLU 128 127 127 GLU GLU A . n 
A 1 129 PRO 129 128 128 PRO PRO A . n 
A 1 130 THR 130 129 129 THR THR A . n 
A 1 131 LYS 131 130 130 LYS LYS A . n 
A 1 132 GLN 132 131 131 GLN GLN A . n 
A 1 133 ALA 133 132 132 ALA ALA A . n 
A 1 134 TRP 134 133 133 TRP TRP A . n 
A 1 135 HIS 135 134 134 HIS HIS A . n 
A 1 136 GLU 136 135 135 GLU GLU A . n 
A 1 137 ILE 137 136 136 ILE ILE A . n 
A 1 138 GLY 138 137 137 GLY GLY A . n 
A 1 139 ARG 139 138 138 ARG ARG A . n 
A 1 140 GLU 140 139 139 GLU GLU A . n 
A 1 141 PHE 141 140 140 PHE PHE A . n 
A 1 142 ALA 142 141 141 ALA ALA A . n 
A 1 143 LYS 143 142 142 LYS LYS A . n 
A 1 144 GLU 144 143 143 GLU GLU A . n 
A 1 145 ILE 145 144 144 ILE ILE A . n 
A 1 146 ASN 146 145 145 ASN ASN A . n 
A 1 147 LYS 147 146 146 LYS LYS A . n 
A 1 148 HIS 148 147 ?   ?   ?   A . n 
A 1 149 GLY 149 148 ?   ?   ?   A . n 
A 1 150 ARG 150 149 ?   ?   ?   A . n 
# 
loop_
_pdbx_nonpoly_scheme.asym_id 
_pdbx_nonpoly_scheme.entity_id 
_pdbx_nonpoly_scheme.mon_id 
_pdbx_nonpoly_scheme.ndb_seq_num 
_pdbx_nonpoly_scheme.pdb_seq_num 
_pdbx_nonpoly_scheme.auth_seq_num 
_pdbx_nonpoly_scheme.pdb_mon_id 
_pdbx_nonpoly_scheme.auth_mon_id 
_pdbx_nonpoly_scheme.pdb_strand_id 
_pdbx_nonpoly_scheme.pdb_ins_code 
B 2 HEM 1  301 301 HEM HEM A . 
C 3 OXY 1  302 302 OXY OXY A . 
D 4 HOH 1  303 3   HOH HOH A . 
D 4 HOH 2  304 4   HOH HOH A . 
D 4 HOH 3  305 5   HOH HOH A . 
D 4 HOH 4  306 6   HOH HOH A . 
D 4 HOH 5  307 7   HOH HOH A . 
D 4 HOH 6  308 9   HOH HOH A . 
D 4 HOH 7  309 10  HOH HOH A . 
D 4 HOH 8  310 11  HOH HOH A . 
D 4 HOH 9  311 13  HOH HOH A . 
D 4 HOH 10 312 15  HOH HOH A . 
D 4 HOH 11 313 17  HOH HOH A . 
D 4 HOH 12 314 18  HOH HOH A . 
D 4 HOH 13 315 19  HOH HOH A . 
D 4 HOH 14 316 21  HOH HOH A . 
D 4 HOH 15 317 22  HOH HOH A . 
D 4 HOH 16 318 23  HOH HOH A . 
D 4 HOH 17 319 26  HOH HOH A . 
D 4 HOH 18 320 28  HOH HOH A . 
D 4 HOH 19 321 29  HOH HOH A . 
D 4 HOH 20 322 32  HOH HOH A . 
D 4 HOH 21 323 33  HOH HOH A . 
D 4 HOH 22 324 34  HOH HOH A . 
D 4 HOH 23 325 35  HOH HOH A . 
D 4 HOH 24 326 36  HOH HOH A . 
D 4 HOH 25 327 40  HOH HOH A . 
D 4 HOH 26 328 41  HOH HOH A . 
D 4 HOH 27 329 42  HOH HOH A . 
D 4 HOH 28 330 45  HOH HOH A . 
D 4 HOH 29 331 46  HOH HOH A . 
D 4 HOH 30 332 47  HOH HOH A . 
D 4 HOH 31 333 48  HOH HOH A . 
D 4 HOH 32 334 50  HOH HOH A . 
D 4 HOH 33 335 52  HOH HOH A . 
D 4 HOH 34 336 54  HOH HOH A . 
D 4 HOH 35 337 57  HOH HOH A . 
D 4 HOH 36 338 58  HOH HOH A . 
D 4 HOH 37 339 60  HOH HOH A . 
D 4 HOH 38 340 62  HOH HOH A . 
D 4 HOH 39 341 65  HOH HOH A . 
D 4 HOH 40 342 66  HOH HOH A . 
D 4 HOH 41 343 68  HOH HOH A . 
D 4 HOH 42 344 69  HOH HOH A . 
D 4 HOH 43 345 71  HOH HOH A . 
D 4 HOH 44 346 72  HOH HOH A . 
D 4 HOH 45 347 74  HOH HOH A . 
D 4 HOH 46 348 75  HOH HOH A . 
D 4 HOH 47 349 79  HOH HOH A . 
D 4 HOH 48 350 82  HOH HOH A . 
D 4 HOH 49 351 84  HOH HOH A . 
D 4 HOH 50 352 85  HOH HOH A . 
D 4 HOH 51 353 87  HOH HOH A . 
D 4 HOH 52 354 88  HOH HOH A . 
D 4 HOH 53 355 89  HOH HOH A . 
D 4 HOH 54 356 90  HOH HOH A . 
D 4 HOH 55 357 91  HOH HOH A . 
D 4 HOH 56 358 92  HOH HOH A . 
D 4 HOH 57 359 94  HOH HOH A . 
D 4 HOH 58 360 97  HOH HOH A . 
D 4 HOH 59 361 98  HOH HOH A . 
D 4 HOH 60 362 99  HOH HOH A . 
D 4 HOH 61 363 100 HOH HOH A . 
D 4 HOH 62 364 101 HOH HOH A . 
# 
loop_
_pdbx_unobs_or_zero_occ_atoms.id 
_pdbx_unobs_or_zero_occ_atoms.PDB_model_num 
_pdbx_unobs_or_zero_occ_atoms.polymer_flag 
_pdbx_unobs_or_zero_occ_atoms.occupancy_flag 
_pdbx_unobs_or_zero_occ_atoms.auth_asym_id 
_pdbx_unobs_or_zero_occ_atoms.auth_comp_id 
_pdbx_unobs_or_zero_occ_atoms.auth_seq_id 
_pdbx_unobs_or_zero_occ_atoms.PDB_ins_code 
_pdbx_unobs_or_zero_occ_atoms.auth_atom_id 
_pdbx_unobs_or_zero_occ_atoms.label_alt_id 
_pdbx_unobs_or_zero_occ_atoms.label_asym_id 
_pdbx_unobs_or_zero_occ_atoms.label_comp_id 
_pdbx_unobs_or_zero_occ_atoms.label_seq_id 
_pdbx_unobs_or_zero_occ_atoms.label_atom_id 
1  1 Y 1 A ALA 0   ? CB  ? A ALA 1   CB  
2  1 Y 0 A LYS 9   ? CD  ? A LYS 10  CD  
3  1 Y 0 A LYS 9   ? CE  ? A LYS 10  CE  
4  1 Y 0 A LYS 15  ? CE  ? A LYS 16  CE  
5  1 Y 0 A ARG 23  ? CD  ? A ARG 24  CD  
6  1 Y 0 A ARG 23  ? NE  ? A ARG 24  NE  
7  1 Y 0 A SER 46  ? CB  ? A SER 47  CB  
8  1 Y 0 A SER 46  ? OG  ? A SER 47  OG  
9  1 Y 0 A GLU 48  ? OE1 ? A GLU 49  OE1 
10 1 Y 0 A GLU 48  ? OE2 ? A GLU 49  OE2 
11 1 Y 0 A GLU 49  ? CD  ? A GLU 50  CD  
12 1 Y 0 A GLU 49  ? OE1 ? A GLU 50  OE1 
13 1 Y 0 A GLU 49  ? OE2 ? A GLU 50  OE2 
14 1 Y 0 A THR 51  ? OG1 ? A THR 52  OG1 
15 1 Y 0 A THR 51  ? CG2 ? A THR 52  CG2 
16 1 Y 0 A ASN 57  ? CG  ? A ASN 58  CG  
17 1 Y 0 A ASN 57  ? OD1 ? A ASN 58  OD1 
18 1 Y 0 A ASN 57  ? ND2 ? A ASN 58  ND2 
19 1 Y 0 A ARG 98  ? CZ  ? A ARG 99  CZ  
20 1 Y 0 A ARG 98  ? NH1 ? A ARG 99  NH1 
21 1 Y 0 A ARG 98  ? NH2 ? A ARG 99  NH2 
22 1 Y 0 A GLU 106 ? CG  ? A GLU 107 CG  
23 1 Y 0 A LYS 113 ? CG  ? A LYS 114 CG  
24 1 Y 0 A LYS 113 ? CD  ? A LYS 114 CD  
25 1 Y 0 A LYS 113 ? NZ  ? A LYS 114 NZ  
26 1 Y 0 A LYS 122 ? CG  ? A LYS 123 CG  
27 1 Y 0 A LYS 122 ? CD  ? A LYS 123 CD  
28 1 Y 0 A LYS 122 ? CE  ? A LYS 123 CE  
29 1 Y 0 A LYS 122 ? NZ  ? A LYS 123 NZ  
# 
loop_
_software.name 
_software.classification 
_software.version 
_software.citation_id 
_software.pdbx_ordinal 
X-PLOR 'model building' . ? 1 
X-PLOR refinement       . ? 2 
X-PLOR phasing          . ? 3 
# 
_cell.entry_id           1ASH 
_cell.length_a           63.460 
_cell.length_b           63.460 
_cell.length_c           69.920 
_cell.angle_alpha        90.00 
_cell.angle_beta         90.00 
_cell.angle_gamma        120.00 
_cell.Z_PDB              6 
_cell.pdbx_unique_axis   ? 
# 
_symmetry.entry_id                         1ASH 
_symmetry.space_group_name_H-M             'P 31 2 1' 
_symmetry.pdbx_full_space_group_name_H-M   ? 
_symmetry.cell_setting                     ? 
_symmetry.Int_Tables_number                152 
# 
_exptl.entry_id          1ASH 
_exptl.method            'X-RAY DIFFRACTION' 
_exptl.crystals_number   ? 
# 
_exptl_crystal.id                    1 
_exptl_crystal.density_meas          ? 
_exptl_crystal.density_Matthews      2.26 
_exptl_crystal.density_percent_sol   45.60 
_exptl_crystal.description           ? 
# 
_diffrn.id                     1 
_diffrn.ambient_temp           ? 
_diffrn.ambient_temp_details   ? 
_diffrn.crystal_id             1 
# 
_diffrn_radiation.diffrn_id                        1 
_diffrn_radiation.wavelength_id                    1 
_diffrn_radiation.pdbx_monochromatic_or_laue_m_l   ? 
_diffrn_radiation.monochromator                    ? 
_diffrn_radiation.pdbx_diffrn_protocol             ? 
_diffrn_radiation.pdbx_scattering_type             x-ray 
# 
_diffrn_radiation_wavelength.id           1 
_diffrn_radiation_wavelength.wavelength   . 
_diffrn_radiation_wavelength.wt           1.0 
# 
_reflns.entry_id                     1ASH 
_reflns.observed_criterion_sigma_I   1.5 
_reflns.observed_criterion_sigma_F   ? 
_reflns.d_resolution_low             ? 
_reflns.d_resolution_high            ? 
_reflns.number_obs                   9127 
_reflns.number_all                   ? 
_reflns.percent_possible_obs         98.7 
_reflns.pdbx_Rmerge_I_obs            ? 
_reflns.pdbx_Rsym_value              ? 
_reflns.pdbx_netI_over_sigmaI        ? 
_reflns.B_iso_Wilson_estimate        ? 
_reflns.pdbx_redundancy              ? 
_reflns.pdbx_diffrn_id               1 
_reflns.pdbx_ordinal                 1 
# 
_refine.entry_id                                 1ASH 
_refine.ls_number_reflns_obs                     9035 
_refine.ls_number_reflns_all                     ? 
_refine.pdbx_ls_sigma_I                          ? 
_refine.pdbx_ls_sigma_F                          3. 
_refine.pdbx_data_cutoff_high_absF               ? 
_refine.pdbx_data_cutoff_low_absF                ? 
_refine.pdbx_data_cutoff_high_rms_absF           ? 
_refine.ls_d_res_low                             10.0 
_refine.ls_d_res_high                            2.15 
_refine.ls_percent_reflns_obs                    95.0 
_refine.ls_R_factor_obs                          0.179 
_refine.ls_R_factor_all                          ? 
_refine.ls_R_factor_R_work                       0.179 
_refine.ls_R_factor_R_free                       ? 
_refine.ls_R_factor_R_free_error                 ? 
_refine.ls_R_factor_R_free_error_details         ? 
_refine.ls_percent_reflns_R_free                 ? 
_refine.ls_number_reflns_R_free                  ? 
_refine.ls_number_parameters                     ? 
_refine.ls_number_restraints                     ? 
_refine.occupancy_min                            ? 
_refine.occupancy_max                            ? 
_refine.B_iso_mean                               ? 
_refine.aniso_B[1][1]                            ? 
_refine.aniso_B[2][2]                            ? 
_refine.aniso_B[3][3]                            ? 
_refine.aniso_B[1][2]                            ? 
_refine.aniso_B[1][3]                            ? 
_refine.aniso_B[2][3]                            ? 
_refine.solvent_model_details                    ? 
_refine.solvent_model_param_ksol                 ? 
_refine.solvent_model_param_bsol                 ? 
_refine.pdbx_ls_cross_valid_method               ? 
_refine.details                                  ? 
_refine.pdbx_starting_model                      ? 
_refine.pdbx_method_to_determine_struct          ? 
_refine.pdbx_isotropic_thermal_model             ? 
_refine.pdbx_stereochemistry_target_values       ? 
_refine.pdbx_stereochem_target_val_spec_case     ? 
_refine.pdbx_R_Free_selection_details            ? 
_refine.pdbx_overall_ESU_R                       ? 
_refine.pdbx_overall_ESU_R_Free                  ? 
_refine.overall_SU_ML                            ? 
_refine.overall_SU_B                             ? 
_refine.pdbx_refine_id                           'X-RAY DIFFRACTION' 
_refine.pdbx_diffrn_id                           1 
_refine.pdbx_TLS_residual_ADP_flag               ? 
_refine.correlation_coeff_Fo_to_Fc               ? 
_refine.correlation_coeff_Fo_to_Fc_free          ? 
_refine.pdbx_solvent_vdw_probe_radii             ? 
_refine.pdbx_solvent_ion_probe_radii             ? 
_refine.pdbx_solvent_shrinkage_radii             ? 
_refine.pdbx_overall_phase_error                 ? 
_refine.overall_SU_R_Cruickshank_DPI             ? 
_refine.pdbx_overall_SU_R_free_Cruickshank_DPI   ? 
_refine.pdbx_overall_SU_R_Blow_DPI               ? 
_refine.pdbx_overall_SU_R_free_Blow_DPI          ? 
# 
_refine_analyze.entry_id                        1ASH 
_refine_analyze.Luzzati_coordinate_error_obs    0.24 
_refine_analyze.Luzzati_sigma_a_obs             ? 
_refine_analyze.Luzzati_d_res_low_obs           ? 
_refine_analyze.Luzzati_coordinate_error_free   ? 
_refine_analyze.Luzzati_sigma_a_free            ? 
_refine_analyze.Luzzati_d_res_low_free          ? 
_refine_analyze.number_disordered_residues      ? 
_refine_analyze.occupancy_sum_hydrogen          ? 
_refine_analyze.occupancy_sum_non_hydrogen      ? 
_refine_analyze.pdbx_refine_id                  'X-RAY DIFFRACTION' 
# 
_refine_hist.pdbx_refine_id                   'X-RAY DIFFRACTION' 
_refine_hist.cycle_id                         LAST 
_refine_hist.pdbx_number_atoms_protein        1239 
_refine_hist.pdbx_number_atoms_nucleic_acid   0 
_refine_hist.pdbx_number_atoms_ligand         45 
_refine_hist.number_atoms_solvent             62 
_refine_hist.number_atoms_total               1346 
_refine_hist.d_res_high                       2.15 
_refine_hist.d_res_low                        10.0 
# 
loop_
_refine_ls_restr.type 
_refine_ls_restr.dev_ideal 
_refine_ls_restr.dev_ideal_target 
_refine_ls_restr.weight 
_refine_ls_restr.number 
_refine_ls_restr.pdbx_refine_id 
_refine_ls_restr.pdbx_restraint_function 
x_bond_d                0.016 ? ? ? 'X-RAY DIFFRACTION' ? 
x_bond_d_na             ?     ? ? ? 'X-RAY DIFFRACTION' ? 
x_bond_d_prot           ?     ? ? ? 'X-RAY DIFFRACTION' ? 
x_angle_d               ?     ? ? ? 'X-RAY DIFFRACTION' ? 
x_angle_d_na            ?     ? ? ? 'X-RAY DIFFRACTION' ? 
x_angle_d_prot          ?     ? ? ? 'X-RAY DIFFRACTION' ? 
x_angle_deg             3.167 ? ? ? 'X-RAY DIFFRACTION' ? 
x_angle_deg_na          ?     ? ? ? 'X-RAY DIFFRACTION' ? 
x_angle_deg_prot        ?     ? ? ? 'X-RAY DIFFRACTION' ? 
x_dihedral_angle_d      21.93 ? ? ? 'X-RAY DIFFRACTION' ? 
x_dihedral_angle_d_na   ?     ? ? ? 'X-RAY DIFFRACTION' ? 
x_dihedral_angle_d_prot ?     ? ? ? 'X-RAY DIFFRACTION' ? 
x_improper_angle_d      1.574 ? ? ? 'X-RAY DIFFRACTION' ? 
x_improper_angle_d_na   ?     ? ? ? 'X-RAY DIFFRACTION' ? 
x_improper_angle_d_prot ?     ? ? ? 'X-RAY DIFFRACTION' ? 
x_mcbond_it             ?     ? ? ? 'X-RAY DIFFRACTION' ? 
x_mcangle_it            ?     ? ? ? 'X-RAY DIFFRACTION' ? 
x_scbond_it             ?     ? ? ? 'X-RAY DIFFRACTION' ? 
x_scangle_it            ?     ? ? ? 'X-RAY DIFFRACTION' ? 
# 
_struct.entry_id                  1ASH 
_struct.title                     
'THE STRUCTURE OF ASCARIS HEMOGLOBIN DOMAIN I AT 2.2 ANGSTROMS RESOLUTION: MOLECULAR FEATURES OF OXYGEN AVIDITY' 
_struct.pdbx_model_details        ? 
_struct.pdbx_CASP_flag            ? 
_struct.pdbx_model_type_details   ? 
# 
_struct_keywords.entry_id        1ASH 
_struct_keywords.pdbx_keywords   'OXYGEN STORAGE' 
_struct_keywords.text            'OXYGEN STORAGE' 
# 
loop_
_struct_asym.id 
_struct_asym.pdbx_blank_PDB_chainid_flag 
_struct_asym.pdbx_modified 
_struct_asym.entity_id 
_struct_asym.details 
A N N 1 ? 
B N N 2 ? 
C N N 3 ? 
D N N 4 ? 
# 
_struct_ref.id                         1 
_struct_ref.db_name                    UNP 
_struct_ref.db_code                    GLB_ASCSU 
_struct_ref.entity_id                  1 
_struct_ref.pdbx_db_accession          P28316 
_struct_ref.pdbx_align_begin           1 
_struct_ref.pdbx_seq_one_letter_code   
;MRSLLLLSIVFFVVTVSANKTRELCMKSLEHAKVDTSNEARQDGIDLYKHMFENYPPLRKYFKNREEYTAEDVQNDPFFA
KQGQKILLACHVLCATYDDRETFNAYTRELLDRHARDHVHMPPEVWTDFWKLFEEYLGKKTTLDEPTKQAWHEIGREFAK
EINKHGRHAVRHQCMRSLQHIDIGHSETAKQNGIDLYKHMFENYPSMREAFKDRENYTAEDVQKDPFFVKQGQRILLACH
LLCASYDDEETFHMYVHELMERHERLGVQLPDQHWTDFWKLFEEFLEKKSHLCEHTKHAWAVIGKEFAYEATRHGKEHHE
HKEEHKEEHKEEHKEEQH
;
_struct_ref.pdbx_db_isoform            ? 
# 
_struct_ref_seq.align_id                      1 
_struct_ref_seq.ref_id                        1 
_struct_ref_seq.pdbx_PDB_id_code              1ASH 
_struct_ref_seq.pdbx_strand_id                A 
_struct_ref_seq.seq_align_beg                 1 
_struct_ref_seq.pdbx_seq_align_beg_ins_code   ? 
_struct_ref_seq.seq_align_end                 150 
_struct_ref_seq.pdbx_seq_align_end_ins_code   ? 
_struct_ref_seq.pdbx_db_accession             P28316 
_struct_ref_seq.db_align_beg                  18 
_struct_ref_seq.pdbx_db_align_beg_ins_code    ? 
_struct_ref_seq.db_align_end                  167 
_struct_ref_seq.pdbx_db_align_end_ins_code    ? 
_struct_ref_seq.pdbx_auth_seq_align_beg       0 
_struct_ref_seq.pdbx_auth_seq_align_end       149 
# 
_struct_ref_seq_dif.align_id                     1 
_struct_ref_seq_dif.pdbx_pdb_id_code             1ASH 
_struct_ref_seq_dif.mon_id                       SER 
_struct_ref_seq_dif.pdbx_pdb_strand_id           A 
_struct_ref_seq_dif.seq_num                      47 
_struct_ref_seq_dif.pdbx_pdb_ins_code            ? 
_struct_ref_seq_dif.pdbx_seq_db_name             UNP 
_struct_ref_seq_dif.pdbx_seq_db_accession_code   P28316 
_struct_ref_seq_dif.db_mon_id                    ASN 
_struct_ref_seq_dif.pdbx_seq_db_seq_num          64 
_struct_ref_seq_dif.details                      conflict 
_struct_ref_seq_dif.pdbx_auth_seq_num            46 
_struct_ref_seq_dif.pdbx_ordinal                 1 
# 
_pdbx_struct_assembly.id                   1 
_pdbx_struct_assembly.details              author_defined_assembly 
_pdbx_struct_assembly.method_details       ? 
_pdbx_struct_assembly.oligomeric_details   monomeric 
_pdbx_struct_assembly.oligomeric_count     1 
# 
_pdbx_struct_assembly_gen.assembly_id       1 
_pdbx_struct_assembly_gen.oper_expression   1 
_pdbx_struct_assembly_gen.asym_id_list      A,B,C,D 
# 
_pdbx_struct_oper_list.id                   1 
_pdbx_struct_oper_list.type                 'identity operation' 
_pdbx_struct_oper_list.name                 1_555 
_pdbx_struct_oper_list.symmetry_operation   x,y,z 
_pdbx_struct_oper_list.matrix[1][1]         1.0000000000 
_pdbx_struct_oper_list.matrix[1][2]         0.0000000000 
_pdbx_struct_oper_list.matrix[1][3]         0.0000000000 
_pdbx_struct_oper_list.vector[1]            0.0000000000 
_pdbx_struct_oper_list.matrix[2][1]         0.0000000000 
_pdbx_struct_oper_list.matrix[2][2]         1.0000000000 
_pdbx_struct_oper_list.matrix[2][3]         0.0000000000 
_pdbx_struct_oper_list.vector[2]            0.0000000000 
_pdbx_struct_oper_list.matrix[3][1]         0.0000000000 
_pdbx_struct_oper_list.matrix[3][2]         0.0000000000 
_pdbx_struct_oper_list.matrix[3][3]         1.0000000000 
_pdbx_struct_oper_list.vector[3]            0.0000000000 
# 
_struct_biol.id   1 
# 
loop_
_struct_conf.conf_type_id 
_struct_conf.id 
_struct_conf.pdbx_PDB_helix_id 
_struct_conf.beg_label_comp_id 
_struct_conf.beg_label_asym_id 
_struct_conf.beg_label_seq_id 
_struct_conf.pdbx_beg_PDB_ins_code 
_struct_conf.end_label_comp_id 
_struct_conf.end_label_asym_id 
_struct_conf.end_label_seq_id 
_struct_conf.pdbx_end_PDB_ins_code 
_struct_conf.beg_auth_comp_id 
_struct_conf.beg_auth_asym_id 
_struct_conf.beg_auth_seq_id 
_struct_conf.end_auth_comp_id 
_struct_conf.end_auth_asym_id 
_struct_conf.end_auth_seq_id 
_struct_conf.pdbx_PDB_helix_class 
_struct_conf.details 
_struct_conf.pdbx_PDB_helix_length 
HELX_P HELX_P1 1 ASN A 2   ? HIS A 14  ? ASN A 1   HIS A 13  1 ? 13 
HELX_P HELX_P2 2 ASN A 21  ? ASN A 37  ? ASN A 20  ASN A 36  1 ? 17 
HELX_P HELX_P3 3 PRO A 39  ? TYR A 44  ? PRO A 38  TYR A 43  5 ? 6  
HELX_P HELX_P4 4 ALA A 53  ? ASN A 58  ? ALA A 52  ASN A 57  1 ? 6  
HELX_P HELX_P5 5 PRO A 60  ? ALA A 78  ? PRO A 59  ALA A 77  1 ? 19 
HELX_P HELX_P6 6 ARG A 83  ? ASP A 100 ? ARG A 82  ASP A 99  1 ? 18 
HELX_P HELX_P7 7 PRO A 106 ? LYS A 123 ? PRO A 105 LYS A 122 1 ? 18 
HELX_P HELX_P8 8 GLU A 128 ? ILE A 145 ? GLU A 127 ILE A 144 1 ? 18 
# 
_struct_conf_type.id          HELX_P 
_struct_conf_type.criteria    ? 
_struct_conf_type.reference   ? 
# 
loop_
_struct_conn.id 
_struct_conn.conn_type_id 
_struct_conn.pdbx_leaving_atom_flag 
_struct_conn.pdbx_PDB_id 
_struct_conn.ptnr1_label_asym_id 
_struct_conn.ptnr1_label_comp_id 
_struct_conn.ptnr1_label_seq_id 
_struct_conn.ptnr1_label_atom_id 
_struct_conn.pdbx_ptnr1_label_alt_id 
_struct_conn.pdbx_ptnr1_PDB_ins_code 
_struct_conn.pdbx_ptnr1_standard_comp_id 
_struct_conn.ptnr1_symmetry 
_struct_conn.ptnr2_label_asym_id 
_struct_conn.ptnr2_label_comp_id 
_struct_conn.ptnr2_label_seq_id 
_struct_conn.ptnr2_label_atom_id 
_struct_conn.pdbx_ptnr2_label_alt_id 
_struct_conn.pdbx_ptnr2_PDB_ins_code 
_struct_conn.ptnr1_auth_asym_id 
_struct_conn.ptnr1_auth_comp_id 
_struct_conn.ptnr1_auth_seq_id 
_struct_conn.ptnr2_auth_asym_id 
_struct_conn.ptnr2_auth_comp_id 
_struct_conn.ptnr2_auth_seq_id 
_struct_conn.ptnr2_symmetry 
_struct_conn.pdbx_ptnr3_label_atom_id 
_struct_conn.pdbx_ptnr3_label_seq_id 
_struct_conn.pdbx_ptnr3_label_comp_id 
_struct_conn.pdbx_ptnr3_label_asym_id 
_struct_conn.pdbx_ptnr3_label_alt_id 
_struct_conn.pdbx_ptnr3_PDB_ins_code 
_struct_conn.details 
_struct_conn.pdbx_dist_value 
_struct_conn.pdbx_value_order 
_struct_conn.pdbx_role 
metalc1 metalc ? ? A HIS 97 NE2 ? ? ? 1_555 B HEM . FE ? ? A HIS 96  A HEM 301 1_555 ? ? ? ? ? ? ? 2.204 ? ? 
metalc2 metalc ? ? B HEM .  FE  ? ? ? 1_555 C OXY . O1 ? ? A HEM 301 A OXY 302 1_555 ? ? ? ? ? ? ? 1.904 ? ? 
metalc3 metalc ? ? B HEM .  FE  ? ? ? 1_555 C OXY . O2 ? ? A HEM 301 A OXY 302 1_555 ? ? ? ? ? ? ? 2.837 ? ? 
# 
_struct_conn_type.id          metalc 
_struct_conn_type.criteria    ? 
_struct_conn_type.reference   ? 
# 
loop_
_pdbx_struct_conn_angle.id 
_pdbx_struct_conn_angle.ptnr1_label_atom_id 
_pdbx_struct_conn_angle.ptnr1_label_alt_id 
_pdbx_struct_conn_angle.ptnr1_label_asym_id 
_pdbx_struct_conn_angle.ptnr1_label_comp_id 
_pdbx_struct_conn_angle.ptnr1_label_seq_id 
_pdbx_struct_conn_angle.ptnr1_auth_atom_id 
_pdbx_struct_conn_angle.ptnr1_auth_asym_id 
_pdbx_struct_conn_angle.ptnr1_auth_comp_id 
_pdbx_struct_conn_angle.ptnr1_auth_seq_id 
_pdbx_struct_conn_angle.ptnr1_PDB_ins_code 
_pdbx_struct_conn_angle.ptnr1_symmetry 
_pdbx_struct_conn_angle.ptnr2_label_atom_id 
_pdbx_struct_conn_angle.ptnr2_label_alt_id 
_pdbx_struct_conn_angle.ptnr2_label_asym_id 
_pdbx_struct_conn_angle.ptnr2_label_comp_id 
_pdbx_struct_conn_angle.ptnr2_label_seq_id 
_pdbx_struct_conn_angle.ptnr2_auth_atom_id 
_pdbx_struct_conn_angle.ptnr2_auth_asym_id 
_pdbx_struct_conn_angle.ptnr2_auth_comp_id 
_pdbx_struct_conn_angle.ptnr2_auth_seq_id 
_pdbx_struct_conn_angle.ptnr2_PDB_ins_code 
_pdbx_struct_conn_angle.ptnr2_symmetry 
_pdbx_struct_conn_angle.ptnr3_label_atom_id 
_pdbx_struct_conn_angle.ptnr3_label_alt_id 
_pdbx_struct_conn_angle.ptnr3_label_asym_id 
_pdbx_struct_conn_angle.ptnr3_label_comp_id 
_pdbx_struct_conn_angle.ptnr3_label_seq_id 
_pdbx_struct_conn_angle.ptnr3_auth_atom_id 
_pdbx_struct_conn_angle.ptnr3_auth_asym_id 
_pdbx_struct_conn_angle.ptnr3_auth_comp_id 
_pdbx_struct_conn_angle.ptnr3_auth_seq_id 
_pdbx_struct_conn_angle.ptnr3_PDB_ins_code 
_pdbx_struct_conn_angle.ptnr3_symmetry 
_pdbx_struct_conn_angle.value 
_pdbx_struct_conn_angle.value_esd 
1  NE2 ? A HIS 97 ? A HIS 96  ? 1_555 FE ? B HEM . ? A HEM 301 ? 1_555 NA ? B HEM . ? A HEM 301 ? 1_555 79.5  ? 
2  NE2 ? A HIS 97 ? A HIS 96  ? 1_555 FE ? B HEM . ? A HEM 301 ? 1_555 NB ? B HEM . ? A HEM 301 ? 1_555 98.5  ? 
3  NA  ? B HEM .  ? A HEM 301 ? 1_555 FE ? B HEM . ? A HEM 301 ? 1_555 NB ? B HEM . ? A HEM 301 ? 1_555 88.1  ? 
4  NE2 ? A HIS 97 ? A HIS 96  ? 1_555 FE ? B HEM . ? A HEM 301 ? 1_555 NC ? B HEM . ? A HEM 301 ? 1_555 96.6  ? 
5  NA  ? B HEM .  ? A HEM 301 ? 1_555 FE ? B HEM . ? A HEM 301 ? 1_555 NC ? B HEM . ? A HEM 301 ? 1_555 175.5 ? 
6  NB  ? B HEM .  ? A HEM 301 ? 1_555 FE ? B HEM . ? A HEM 301 ? 1_555 NC ? B HEM . ? A HEM 301 ? 1_555 90.2  ? 
7  NE2 ? A HIS 97 ? A HIS 96  ? 1_555 FE ? B HEM . ? A HEM 301 ? 1_555 ND ? B HEM . ? A HEM 301 ? 1_555 83.2  ? 
8  NA  ? B HEM .  ? A HEM 301 ? 1_555 FE ? B HEM . ? A HEM 301 ? 1_555 ND ? B HEM . ? A HEM 301 ? 1_555 92.7  ? 
9  NB  ? B HEM .  ? A HEM 301 ? 1_555 FE ? B HEM . ? A HEM 301 ? 1_555 ND ? B HEM . ? A HEM 301 ? 1_555 178.2 ? 
10 NC  ? B HEM .  ? A HEM 301 ? 1_555 FE ? B HEM . ? A HEM 301 ? 1_555 ND ? B HEM . ? A HEM 301 ? 1_555 89.0  ? 
11 NE2 ? A HIS 97 ? A HIS 96  ? 1_555 FE ? B HEM . ? A HEM 301 ? 1_555 O1 ? C OXY . ? A OXY 302 ? 1_555 166.5 ? 
12 NA  ? B HEM .  ? A HEM 301 ? 1_555 FE ? B HEM . ? A HEM 301 ? 1_555 O1 ? C OXY . ? A OXY 302 ? 1_555 95.1  ? 
13 NB  ? B HEM .  ? A HEM 301 ? 1_555 FE ? B HEM . ? A HEM 301 ? 1_555 O1 ? C OXY . ? A OXY 302 ? 1_555 93.6  ? 
14 NC  ? B HEM .  ? A HEM 301 ? 1_555 FE ? B HEM . ? A HEM 301 ? 1_555 O1 ? C OXY . ? A OXY 302 ? 1_555 89.3  ? 
15 ND  ? B HEM .  ? A HEM 301 ? 1_555 FE ? B HEM . ? A HEM 301 ? 1_555 O1 ? C OXY . ? A OXY 302 ? 1_555 84.8  ? 
16 NE2 ? A HIS 97 ? A HIS 96  ? 1_555 FE ? B HEM . ? A HEM 301 ? 1_555 O2 ? C OXY . ? A OXY 302 ? 1_555 157.8 ? 
17 NA  ? B HEM .  ? A HEM 301 ? 1_555 FE ? B HEM . ? A HEM 301 ? 1_555 O2 ? C OXY . ? A OXY 302 ? 1_555 113.1 ? 
18 NB  ? B HEM .  ? A HEM 301 ? 1_555 FE ? B HEM . ? A HEM 301 ? 1_555 O2 ? C OXY . ? A OXY 302 ? 1_555 100.1 ? 
19 NC  ? B HEM .  ? A HEM 301 ? 1_555 FE ? B HEM . ? A HEM 301 ? 1_555 O2 ? C OXY . ? A OXY 302 ? 1_555 71.4  ? 
20 ND  ? B HEM .  ? A HEM 301 ? 1_555 FE ? B HEM . ? A HEM 301 ? 1_555 O2 ? C OXY . ? A OXY 302 ? 1_555 78.1  ? 
21 O1  ? C OXY .  ? A OXY 302 ? 1_555 FE ? B HEM . ? A HEM 301 ? 1_555 O2 ? C OXY . ? A OXY 302 ? 1_555 19.1  ? 
# 
loop_
_struct_site.id 
_struct_site.pdbx_evidence_code 
_struct_site.pdbx_auth_asym_id 
_struct_site.pdbx_auth_comp_id 
_struct_site.pdbx_auth_seq_id 
_struct_site.pdbx_auth_ins_code 
_struct_site.pdbx_num_residues 
_struct_site.details 
AC1 Software A HEM 301 ? 13 'BINDING SITE FOR RESIDUE HEM A 301' 
AC2 Software A OXY 302 ? 4  'BINDING SITE FOR RESIDUE OXY A 302' 
# 
loop_
_struct_site_gen.id 
_struct_site_gen.site_id 
_struct_site_gen.pdbx_num_res 
_struct_site_gen.label_comp_id 
_struct_site_gen.label_asym_id 
_struct_site_gen.label_seq_id 
_struct_site_gen.pdbx_auth_ins_code 
_struct_site_gen.auth_comp_id 
_struct_site_gen.auth_asym_id 
_struct_site_gen.auth_seq_id 
_struct_site_gen.label_atom_id 
_struct_site_gen.label_alt_id 
_struct_site_gen.symmetry 
_struct_site_gen.details 
1  AC1 13 LEU A 41  ? LEU A 40  . ? 1_555 ? 
2  AC1 13 TYR A 44  ? TYR A 43  . ? 1_555 ? 
3  AC1 13 PHE A 45  ? PHE A 44  . ? 1_555 ? 
4  AC1 13 GLN A 65  ? GLN A 64  . ? 1_555 ? 
5  AC1 13 LYS A 68  ? LYS A 67  . ? 1_555 ? 
6  AC1 13 ALA A 72  ? ALA A 71  . ? 1_555 ? 
7  AC1 13 ARG A 96  ? ARG A 95  . ? 1_555 ? 
8  AC1 13 HIS A 97  ? HIS A 96  . ? 1_555 ? 
9  AC1 13 MET A 104 ? MET A 103 . ? 1_555 ? 
10 AC1 13 TRP A 109 ? TRP A 108 . ? 1_555 ? 
11 AC1 13 PHE A 112 ? PHE A 111 . ? 1_555 ? 
12 AC1 13 PHE A 141 ? PHE A 140 . ? 1_555 ? 
13 AC1 13 OXY C .   ? OXY A 302 . ? 1_555 ? 
14 AC2 4  TYR A 31  ? TYR A 30  . ? 1_555 ? 
15 AC2 4  PHE A 45  ? PHE A 44  . ? 1_555 ? 
16 AC2 4  GLN A 65  ? GLN A 64  . ? 1_555 ? 
17 AC2 4  HEM B .   ? HEM A 301 . ? 1_555 ? 
# 
loop_
_pdbx_validate_rmsd_angle.id 
_pdbx_validate_rmsd_angle.PDB_model_num 
_pdbx_validate_rmsd_angle.auth_atom_id_1 
_pdbx_validate_rmsd_angle.auth_asym_id_1 
_pdbx_validate_rmsd_angle.auth_comp_id_1 
_pdbx_validate_rmsd_angle.auth_seq_id_1 
_pdbx_validate_rmsd_angle.PDB_ins_code_1 
_pdbx_validate_rmsd_angle.label_alt_id_1 
_pdbx_validate_rmsd_angle.auth_atom_id_2 
_pdbx_validate_rmsd_angle.auth_asym_id_2 
_pdbx_validate_rmsd_angle.auth_comp_id_2 
_pdbx_validate_rmsd_angle.auth_seq_id_2 
_pdbx_validate_rmsd_angle.PDB_ins_code_2 
_pdbx_validate_rmsd_angle.label_alt_id_2 
_pdbx_validate_rmsd_angle.auth_atom_id_3 
_pdbx_validate_rmsd_angle.auth_asym_id_3 
_pdbx_validate_rmsd_angle.auth_comp_id_3 
_pdbx_validate_rmsd_angle.auth_seq_id_3 
_pdbx_validate_rmsd_angle.PDB_ins_code_3 
_pdbx_validate_rmsd_angle.label_alt_id_3 
_pdbx_validate_rmsd_angle.angle_value 
_pdbx_validate_rmsd_angle.angle_target_value 
_pdbx_validate_rmsd_angle.angle_deviation 
_pdbx_validate_rmsd_angle.angle_standard_deviation 
_pdbx_validate_rmsd_angle.linker_flag 
1  1 NE  A ARG 4   ? ? CZ  A ARG 4   ? ? NH1 A ARG 4   ? ? 124.01 120.30 3.71   0.50 N 
2  1 NE  A ARG 4   ? ? CZ  A ARG 4   ? ? NH2 A ARG 4   ? ? 117.17 120.30 -3.13  0.50 N 
3  1 N   A THR 18  ? ? CA  A THR 18  ? ? CB  A THR 18  ? ? 96.88  110.30 -13.42 1.90 N 
4  1 NE  A ARG 23  ? ? CZ  A ARG 23  ? ? NH1 A ARG 23  ? ? 126.10 120.30 5.80   0.50 N 
5  1 CA  A MET 33  ? ? CB  A MET 33  ? ? CG  A MET 33  ? ? 129.25 113.30 15.95  1.70 N 
6  1 CG  A MET 33  ? ? SD  A MET 33  ? ? CE  A MET 33  ? ? 89.97  100.20 -10.23 1.60 N 
7  1 CA  A LYS 45  ? ? C   A LYS 45  ? ? N   A SER 46  ? ? 134.78 117.20 17.58  2.20 Y 
8  1 NE  A ARG 47  ? ? CZ  A ARG 47  ? ? NH2 A ARG 47  ? ? 116.14 120.30 -4.16  0.50 N 
9  1 CB  A TYR 50  ? ? CG  A TYR 50  ? ? CD2 A TYR 50  ? ? 115.19 121.00 -5.81  0.60 N 
10 1 CB  A TYR 88  ? ? CG  A TYR 88  ? ? CD2 A TYR 88  ? ? 117.37 121.00 -3.63  0.60 N 
11 1 NE  A ARG 98  ? ? CZ  A ARG 98  ? ? NH1 A ARG 98  ? ? 123.61 120.30 3.31   0.50 N 
12 1 CD1 A TRP 108 ? ? CG  A TRP 108 ? ? CD2 A TRP 108 ? ? 111.88 106.30 5.58   0.80 N 
13 1 CE2 A TRP 108 ? ? CD2 A TRP 108 ? ? CG  A TRP 108 ? ? 102.35 107.30 -4.95  0.80 N 
14 1 CD1 A TRP 112 ? ? CG  A TRP 112 ? ? CD2 A TRP 112 ? ? 113.16 106.30 6.86   0.80 N 
15 1 CE2 A TRP 112 ? ? CD2 A TRP 112 ? ? CG  A TRP 112 ? ? 101.53 107.30 -5.77  0.80 N 
16 1 CG  A TRP 112 ? ? CD2 A TRP 112 ? ? CE3 A TRP 112 ? ? 139.38 133.90 5.48   0.90 N 
17 1 CD1 A TRP 133 ? ? CG  A TRP 133 ? ? CD2 A TRP 133 ? ? 112.60 106.30 6.30   0.80 N 
18 1 CE2 A TRP 133 ? ? CD2 A TRP 133 ? ? CG  A TRP 133 ? ? 101.33 107.30 -5.97  0.80 N 
# 
loop_
_pdbx_validate_torsion.id 
_pdbx_validate_torsion.PDB_model_num 
_pdbx_validate_torsion.auth_comp_id 
_pdbx_validate_torsion.auth_asym_id 
_pdbx_validate_torsion.auth_seq_id 
_pdbx_validate_torsion.PDB_ins_code 
_pdbx_validate_torsion.label_alt_id 
_pdbx_validate_torsion.phi 
_pdbx_validate_torsion.psi 
1 1 ASP A 17  ? ? -92.88 -156.66 
2 1 SER A 19  ? ? -51.78 177.40  
3 1 LYS A 45  ? ? -3.80  -83.14  
4 1 ASN A 145 ? ? -69.68 10.02   
# 
_pdbx_validate_planes.id              1 
_pdbx_validate_planes.PDB_model_num   1 
_pdbx_validate_planes.auth_comp_id    HIS 
_pdbx_validate_planes.auth_asym_id    A 
_pdbx_validate_planes.auth_seq_id     102 
_pdbx_validate_planes.PDB_ins_code    ? 
_pdbx_validate_planes.label_alt_id    ? 
_pdbx_validate_planes.rmsd            0.095 
_pdbx_validate_planes.type            'SIDE CHAIN' 
# 
loop_
_pdbx_unobs_or_zero_occ_residues.id 
_pdbx_unobs_or_zero_occ_residues.PDB_model_num 
_pdbx_unobs_or_zero_occ_residues.polymer_flag 
_pdbx_unobs_or_zero_occ_residues.occupancy_flag 
_pdbx_unobs_or_zero_occ_residues.auth_asym_id 
_pdbx_unobs_or_zero_occ_residues.auth_comp_id 
_pdbx_unobs_or_zero_occ_residues.auth_seq_id 
_pdbx_unobs_or_zero_occ_residues.PDB_ins_code 
_pdbx_unobs_or_zero_occ_residues.label_asym_id 
_pdbx_unobs_or_zero_occ_residues.label_comp_id 
_pdbx_unobs_or_zero_occ_residues.label_seq_id 
1 1 Y 1 A HIS 147 ? A HIS 148 
2 1 Y 1 A GLY 148 ? A GLY 149 
3 1 Y 1 A ARG 149 ? A ARG 150 
# 
loop_
_chem_comp_atom.comp_id 
_chem_comp_atom.atom_id 
_chem_comp_atom.type_symbol 
_chem_comp_atom.pdbx_aromatic_flag 
_chem_comp_atom.pdbx_stereo_config 
_chem_comp_atom.pdbx_ordinal 
ALA N    N  N N 1   
ALA CA   C  N S 2   
ALA C    C  N N 3   
ALA O    O  N N 4   
ALA CB   C  N N 5   
ALA OXT  O  N N 6   
ALA H    H  N N 7   
ALA H2   H  N N 8   
ALA HA   H  N N 9   
ALA HB1  H  N N 10  
ALA HB2  H  N N 11  
ALA HB3  H  N N 12  
ALA HXT  H  N N 13  
ARG N    N  N N 14  
ARG CA   C  N S 15  
ARG C    C  N N 16  
ARG O    O  N N 17  
ARG CB   C  N N 18  
ARG CG   C  N N 19  
ARG CD   C  N N 20  
ARG NE   N  N N 21  
ARG CZ   C  N N 22  
ARG NH1  N  N N 23  
ARG NH2  N  N N 24  
ARG OXT  O  N N 25  
ARG H    H  N N 26  
ARG H2   H  N N 27  
ARG HA   H  N N 28  
ARG HB2  H  N N 29  
ARG HB3  H  N N 30  
ARG HG2  H  N N 31  
ARG HG3  H  N N 32  
ARG HD2  H  N N 33  
ARG HD3  H  N N 34  
ARG HE   H  N N 35  
ARG HH11 H  N N 36  
ARG HH12 H  N N 37  
ARG HH21 H  N N 38  
ARG HH22 H  N N 39  
ARG HXT  H  N N 40  
ASN N    N  N N 41  
ASN CA   C  N S 42  
ASN C    C  N N 43  
ASN O    O  N N 44  
ASN CB   C  N N 45  
ASN CG   C  N N 46  
ASN OD1  O  N N 47  
ASN ND2  N  N N 48  
ASN OXT  O  N N 49  
ASN H    H  N N 50  
ASN H2   H  N N 51  
ASN HA   H  N N 52  
ASN HB2  H  N N 53  
ASN HB3  H  N N 54  
ASN HD21 H  N N 55  
ASN HD22 H  N N 56  
ASN HXT  H  N N 57  
ASP N    N  N N 58  
ASP CA   C  N S 59  
ASP C    C  N N 60  
ASP O    O  N N 61  
ASP CB   C  N N 62  
ASP CG   C  N N 63  
ASP OD1  O  N N 64  
ASP OD2  O  N N 65  
ASP OXT  O  N N 66  
ASP H    H  N N 67  
ASP H2   H  N N 68  
ASP HA   H  N N 69  
ASP HB2  H  N N 70  
ASP HB3  H  N N 71  
ASP HD2  H  N N 72  
ASP HXT  H  N N 73  
CYS N    N  N N 74  
CYS CA   C  N R 75  
CYS C    C  N N 76  
CYS O    O  N N 77  
CYS CB   C  N N 78  
CYS SG   S  N N 79  
CYS OXT  O  N N 80  
CYS H    H  N N 81  
CYS H2   H  N N 82  
CYS HA   H  N N 83  
CYS HB2  H  N N 84  
CYS HB3  H  N N 85  
CYS HG   H  N N 86  
CYS HXT  H  N N 87  
GLN N    N  N N 88  
GLN CA   C  N S 89  
GLN C    C  N N 90  
GLN O    O  N N 91  
GLN CB   C  N N 92  
GLN CG   C  N N 93  
GLN CD   C  N N 94  
GLN OE1  O  N N 95  
GLN NE2  N  N N 96  
GLN OXT  O  N N 97  
GLN H    H  N N 98  
GLN H2   H  N N 99  
GLN HA   H  N N 100 
GLN HB2  H  N N 101 
GLN HB3  H  N N 102 
GLN HG2  H  N N 103 
GLN HG3  H  N N 104 
GLN HE21 H  N N 105 
GLN HE22 H  N N 106 
GLN HXT  H  N N 107 
GLU N    N  N N 108 
GLU CA   C  N S 109 
GLU C    C  N N 110 
GLU O    O  N N 111 
GLU CB   C  N N 112 
GLU CG   C  N N 113 
GLU CD   C  N N 114 
GLU OE1  O  N N 115 
GLU OE2  O  N N 116 
GLU OXT  O  N N 117 
GLU H    H  N N 118 
GLU H2   H  N N 119 
GLU HA   H  N N 120 
GLU HB2  H  N N 121 
GLU HB3  H  N N 122 
GLU HG2  H  N N 123 
GLU HG3  H  N N 124 
GLU HE2  H  N N 125 
GLU HXT  H  N N 126 
GLY N    N  N N 127 
GLY CA   C  N N 128 
GLY C    C  N N 129 
GLY O    O  N N 130 
GLY OXT  O  N N 131 
GLY H    H  N N 132 
GLY H2   H  N N 133 
GLY HA2  H  N N 134 
GLY HA3  H  N N 135 
GLY HXT  H  N N 136 
HEM CHA  C  N N 137 
HEM CHB  C  N N 138 
HEM CHC  C  N N 139 
HEM CHD  C  N N 140 
HEM C1A  C  Y N 141 
HEM C2A  C  Y N 142 
HEM C3A  C  Y N 143 
HEM C4A  C  Y N 144 
HEM CMA  C  N N 145 
HEM CAA  C  N N 146 
HEM CBA  C  N N 147 
HEM CGA  C  N N 148 
HEM O1A  O  N N 149 
HEM O2A  O  N N 150 
HEM C1B  C  N N 151 
HEM C2B  C  N N 152 
HEM C3B  C  N N 153 
HEM C4B  C  N N 154 
HEM CMB  C  N N 155 
HEM CAB  C  N N 156 
HEM CBB  C  N N 157 
HEM C1C  C  Y N 158 
HEM C2C  C  Y N 159 
HEM C3C  C  Y N 160 
HEM C4C  C  Y N 161 
HEM CMC  C  N N 162 
HEM CAC  C  N N 163 
HEM CBC  C  N N 164 
HEM C1D  C  N N 165 
HEM C2D  C  N N 166 
HEM C3D  C  N N 167 
HEM C4D  C  N N 168 
HEM CMD  C  N N 169 
HEM CAD  C  N N 170 
HEM CBD  C  N N 171 
HEM CGD  C  N N 172 
HEM O1D  O  N N 173 
HEM O2D  O  N N 174 
HEM NA   N  Y N 175 
HEM NB   N  N N 176 
HEM NC   N  Y N 177 
HEM ND   N  N N 178 
HEM FE   FE N N 179 
HEM HHB  H  N N 180 
HEM HHC  H  N N 181 
HEM HHD  H  N N 182 
HEM HMA  H  N N 183 
HEM HMAA H  N N 184 
HEM HMAB H  N N 185 
HEM HAA  H  N N 186 
HEM HAAA H  N N 187 
HEM HBA  H  N N 188 
HEM HBAA H  N N 189 
HEM HMB  H  N N 190 
HEM HMBA H  N N 191 
HEM HMBB H  N N 192 
HEM HAB  H  N N 193 
HEM HBB  H  N N 194 
HEM HBBA H  N N 195 
HEM HMC  H  N N 196 
HEM HMCA H  N N 197 
HEM HMCB H  N N 198 
HEM HAC  H  N N 199 
HEM HBC  H  N N 200 
HEM HBCA H  N N 201 
HEM HMD  H  N N 202 
HEM HMDA H  N N 203 
HEM HMDB H  N N 204 
HEM HAD  H  N N 205 
HEM HADA H  N N 206 
HEM HBD  H  N N 207 
HEM HBDA H  N N 208 
HEM H2A  H  N N 209 
HEM H2D  H  N N 210 
HEM HHA  H  N N 211 
HIS N    N  N N 212 
HIS CA   C  N S 213 
HIS C    C  N N 214 
HIS O    O  N N 215 
HIS CB   C  N N 216 
HIS CG   C  Y N 217 
HIS ND1  N  Y N 218 
HIS CD2  C  Y N 219 
HIS CE1  C  Y N 220 
HIS NE2  N  Y N 221 
HIS OXT  O  N N 222 
HIS H    H  N N 223 
HIS H2   H  N N 224 
HIS HA   H  N N 225 
HIS HB2  H  N N 226 
HIS HB3  H  N N 227 
HIS HD1  H  N N 228 
HIS HD2  H  N N 229 
HIS HE1  H  N N 230 
HIS HE2  H  N N 231 
HIS HXT  H  N N 232 
HOH O    O  N N 233 
HOH H1   H  N N 234 
HOH H2   H  N N 235 
ILE N    N  N N 236 
ILE CA   C  N S 237 
ILE C    C  N N 238 
ILE O    O  N N 239 
ILE CB   C  N S 240 
ILE CG1  C  N N 241 
ILE CG2  C  N N 242 
ILE CD1  C  N N 243 
ILE OXT  O  N N 244 
ILE H    H  N N 245 
ILE H2   H  N N 246 
ILE HA   H  N N 247 
ILE HB   H  N N 248 
ILE HG12 H  N N 249 
ILE HG13 H  N N 250 
ILE HG21 H  N N 251 
ILE HG22 H  N N 252 
ILE HG23 H  N N 253 
ILE HD11 H  N N 254 
ILE HD12 H  N N 255 
ILE HD13 H  N N 256 
ILE HXT  H  N N 257 
LEU N    N  N N 258 
LEU CA   C  N S 259 
LEU C    C  N N 260 
LEU O    O  N N 261 
LEU CB   C  N N 262 
LEU CG   C  N N 263 
LEU CD1  C  N N 264 
LEU CD2  C  N N 265 
LEU OXT  O  N N 266 
LEU H    H  N N 267 
LEU H2   H  N N 268 
LEU HA   H  N N 269 
LEU HB2  H  N N 270 
LEU HB3  H  N N 271 
LEU HG   H  N N 272 
LEU HD11 H  N N 273 
LEU HD12 H  N N 274 
LEU HD13 H  N N 275 
LEU HD21 H  N N 276 
LEU HD22 H  N N 277 
LEU HD23 H  N N 278 
LEU HXT  H  N N 279 
LYS N    N  N N 280 
LYS CA   C  N S 281 
LYS C    C  N N 282 
LYS O    O  N N 283 
LYS CB   C  N N 284 
LYS CG   C  N N 285 
LYS CD   C  N N 286 
LYS CE   C  N N 287 
LYS NZ   N  N N 288 
LYS OXT  O  N N 289 
LYS H    H  N N 290 
LYS H2   H  N N 291 
LYS HA   H  N N 292 
LYS HB2  H  N N 293 
LYS HB3  H  N N 294 
LYS HG2  H  N N 295 
LYS HG3  H  N N 296 
LYS HD2  H  N N 297 
LYS HD3  H  N N 298 
LYS HE2  H  N N 299 
LYS HE3  H  N N 300 
LYS HZ1  H  N N 301 
LYS HZ2  H  N N 302 
LYS HZ3  H  N N 303 
LYS HXT  H  N N 304 
MET N    N  N N 305 
MET CA   C  N S 306 
MET C    C  N N 307 
MET O    O  N N 308 
MET CB   C  N N 309 
MET CG   C  N N 310 
MET SD   S  N N 311 
MET CE   C  N N 312 
MET OXT  O  N N 313 
MET H    H  N N 314 
MET H2   H  N N 315 
MET HA   H  N N 316 
MET HB2  H  N N 317 
MET HB3  H  N N 318 
MET HG2  H  N N 319 
MET HG3  H  N N 320 
MET HE1  H  N N 321 
MET HE2  H  N N 322 
MET HE3  H  N N 323 
MET HXT  H  N N 324 
OXY O1   O  N N 325 
OXY O2   O  N N 326 
PHE N    N  N N 327 
PHE CA   C  N S 328 
PHE C    C  N N 329 
PHE O    O  N N 330 
PHE CB   C  N N 331 
PHE CG   C  Y N 332 
PHE CD1  C  Y N 333 
PHE CD2  C  Y N 334 
PHE CE1  C  Y N 335 
PHE CE2  C  Y N 336 
PHE CZ   C  Y N 337 
PHE OXT  O  N N 338 
PHE H    H  N N 339 
PHE H2   H  N N 340 
PHE HA   H  N N 341 
PHE HB2  H  N N 342 
PHE HB3  H  N N 343 
PHE HD1  H  N N 344 
PHE HD2  H  N N 345 
PHE HE1  H  N N 346 
PHE HE2  H  N N 347 
PHE HZ   H  N N 348 
PHE HXT  H  N N 349 
PRO N    N  N N 350 
PRO CA   C  N S 351 
PRO C    C  N N 352 
PRO O    O  N N 353 
PRO CB   C  N N 354 
PRO CG   C  N N 355 
PRO CD   C  N N 356 
PRO OXT  O  N N 357 
PRO H    H  N N 358 
PRO HA   H  N N 359 
PRO HB2  H  N N 360 
PRO HB3  H  N N 361 
PRO HG2  H  N N 362 
PRO HG3  H  N N 363 
PRO HD2  H  N N 364 
PRO HD3  H  N N 365 
PRO HXT  H  N N 366 
SER N    N  N N 367 
SER CA   C  N S 368 
SER C    C  N N 369 
SER O    O  N N 370 
SER CB   C  N N 371 
SER OG   O  N N 372 
SER OXT  O  N N 373 
SER H    H  N N 374 
SER H2   H  N N 375 
SER HA   H  N N 376 
SER HB2  H  N N 377 
SER HB3  H  N N 378 
SER HG   H  N N 379 
SER HXT  H  N N 380 
THR N    N  N N 381 
THR CA   C  N S 382 
THR C    C  N N 383 
THR O    O  N N 384 
THR CB   C  N R 385 
THR OG1  O  N N 386 
THR CG2  C  N N 387 
THR OXT  O  N N 388 
THR H    H  N N 389 
THR H2   H  N N 390 
THR HA   H  N N 391 
THR HB   H  N N 392 
THR HG1  H  N N 393 
THR HG21 H  N N 394 
THR HG22 H  N N 395 
THR HG23 H  N N 396 
THR HXT  H  N N 397 
TRP N    N  N N 398 
TRP CA   C  N S 399 
TRP C    C  N N 400 
TRP O    O  N N 401 
TRP CB   C  N N 402 
TRP CG   C  Y N 403 
TRP CD1  C  Y N 404 
TRP CD2  C  Y N 405 
TRP NE1  N  Y N 406 
TRP CE2  C  Y N 407 
TRP CE3  C  Y N 408 
TRP CZ2  C  Y N 409 
TRP CZ3  C  Y N 410 
TRP CH2  C  Y N 411 
TRP OXT  O  N N 412 
TRP H    H  N N 413 
TRP H2   H  N N 414 
TRP HA   H  N N 415 
TRP HB2  H  N N 416 
TRP HB3  H  N N 417 
TRP HD1  H  N N 418 
TRP HE1  H  N N 419 
TRP HE3  H  N N 420 
TRP HZ2  H  N N 421 
TRP HZ3  H  N N 422 
TRP HH2  H  N N 423 
TRP HXT  H  N N 424 
TYR N    N  N N 425 
TYR CA   C  N S 426 
TYR C    C  N N 427 
TYR O    O  N N 428 
TYR CB   C  N N 429 
TYR CG   C  Y N 430 
TYR CD1  C  Y N 431 
TYR CD2  C  Y N 432 
TYR CE1  C  Y N 433 
TYR CE2  C  Y N 434 
TYR CZ   C  Y N 435 
TYR OH   O  N N 436 
TYR OXT  O  N N 437 
TYR H    H  N N 438 
TYR H2   H  N N 439 
TYR HA   H  N N 440 
TYR HB2  H  N N 441 
TYR HB3  H  N N 442 
TYR HD1  H  N N 443 
TYR HD2  H  N N 444 
TYR HE1  H  N N 445 
TYR HE2  H  N N 446 
TYR HH   H  N N 447 
TYR HXT  H  N N 448 
VAL N    N  N N 449 
VAL CA   C  N S 450 
VAL C    C  N N 451 
VAL O    O  N N 452 
VAL CB   C  N N 453 
VAL CG1  C  N N 454 
VAL CG2  C  N N 455 
VAL OXT  O  N N 456 
VAL H    H  N N 457 
VAL H2   H  N N 458 
VAL HA   H  N N 459 
VAL HB   H  N N 460 
VAL HG11 H  N N 461 
VAL HG12 H  N N 462 
VAL HG13 H  N N 463 
VAL HG21 H  N N 464 
VAL HG22 H  N N 465 
VAL HG23 H  N N 466 
VAL HXT  H  N N 467 
# 
loop_
_chem_comp_bond.comp_id 
_chem_comp_bond.atom_id_1 
_chem_comp_bond.atom_id_2 
_chem_comp_bond.value_order 
_chem_comp_bond.pdbx_aromatic_flag 
_chem_comp_bond.pdbx_stereo_config 
_chem_comp_bond.pdbx_ordinal 
ALA N   CA   sing N N 1   
ALA N   H    sing N N 2   
ALA N   H2   sing N N 3   
ALA CA  C    sing N N 4   
ALA CA  CB   sing N N 5   
ALA CA  HA   sing N N 6   
ALA C   O    doub N N 7   
ALA C   OXT  sing N N 8   
ALA CB  HB1  sing N N 9   
ALA CB  HB2  sing N N 10  
ALA CB  HB3  sing N N 11  
ALA OXT HXT  sing N N 12  
ARG N   CA   sing N N 13  
ARG N   H    sing N N 14  
ARG N   H2   sing N N 15  
ARG CA  C    sing N N 16  
ARG CA  CB   sing N N 17  
ARG CA  HA   sing N N 18  
ARG C   O    doub N N 19  
ARG C   OXT  sing N N 20  
ARG CB  CG   sing N N 21  
ARG CB  HB2  sing N N 22  
ARG CB  HB3  sing N N 23  
ARG CG  CD   sing N N 24  
ARG CG  HG2  sing N N 25  
ARG CG  HG3  sing N N 26  
ARG CD  NE   sing N N 27  
ARG CD  HD2  sing N N 28  
ARG CD  HD3  sing N N 29  
ARG NE  CZ   sing N N 30  
ARG NE  HE   sing N N 31  
ARG CZ  NH1  sing N N 32  
ARG CZ  NH2  doub N N 33  
ARG NH1 HH11 sing N N 34  
ARG NH1 HH12 sing N N 35  
ARG NH2 HH21 sing N N 36  
ARG NH2 HH22 sing N N 37  
ARG OXT HXT  sing N N 38  
ASN N   CA   sing N N 39  
ASN N   H    sing N N 40  
ASN N   H2   sing N N 41  
ASN CA  C    sing N N 42  
ASN CA  CB   sing N N 43  
ASN CA  HA   sing N N 44  
ASN C   O    doub N N 45  
ASN C   OXT  sing N N 46  
ASN CB  CG   sing N N 47  
ASN CB  HB2  sing N N 48  
ASN CB  HB3  sing N N 49  
ASN CG  OD1  doub N N 50  
ASN CG  ND2  sing N N 51  
ASN ND2 HD21 sing N N 52  
ASN ND2 HD22 sing N N 53  
ASN OXT HXT  sing N N 54  
ASP N   CA   sing N N 55  
ASP N   H    sing N N 56  
ASP N   H2   sing N N 57  
ASP CA  C    sing N N 58  
ASP CA  CB   sing N N 59  
ASP CA  HA   sing N N 60  
ASP C   O    doub N N 61  
ASP C   OXT  sing N N 62  
ASP CB  CG   sing N N 63  
ASP CB  HB2  sing N N 64  
ASP CB  HB3  sing N N 65  
ASP CG  OD1  doub N N 66  
ASP CG  OD2  sing N N 67  
ASP OD2 HD2  sing N N 68  
ASP OXT HXT  sing N N 69  
CYS N   CA   sing N N 70  
CYS N   H    sing N N 71  
CYS N   H2   sing N N 72  
CYS CA  C    sing N N 73  
CYS CA  CB   sing N N 74  
CYS CA  HA   sing N N 75  
CYS C   O    doub N N 76  
CYS C   OXT  sing N N 77  
CYS CB  SG   sing N N 78  
CYS CB  HB2  sing N N 79  
CYS CB  HB3  sing N N 80  
CYS SG  HG   sing N N 81  
CYS OXT HXT  sing N N 82  
GLN N   CA   sing N N 83  
GLN N   H    sing N N 84  
GLN N   H2   sing N N 85  
GLN CA  C    sing N N 86  
GLN CA  CB   sing N N 87  
GLN CA  HA   sing N N 88  
GLN C   O    doub N N 89  
GLN C   OXT  sing N N 90  
GLN CB  CG   sing N N 91  
GLN CB  HB2  sing N N 92  
GLN CB  HB3  sing N N 93  
GLN CG  CD   sing N N 94  
GLN CG  HG2  sing N N 95  
GLN CG  HG3  sing N N 96  
GLN CD  OE1  doub N N 97  
GLN CD  NE2  sing N N 98  
GLN NE2 HE21 sing N N 99  
GLN NE2 HE22 sing N N 100 
GLN OXT HXT  sing N N 101 
GLU N   CA   sing N N 102 
GLU N   H    sing N N 103 
GLU N   H2   sing N N 104 
GLU CA  C    sing N N 105 
GLU CA  CB   sing N N 106 
GLU CA  HA   sing N N 107 
GLU C   O    doub N N 108 
GLU C   OXT  sing N N 109 
GLU CB  CG   sing N N 110 
GLU CB  HB2  sing N N 111 
GLU CB  HB3  sing N N 112 
GLU CG  CD   sing N N 113 
GLU CG  HG2  sing N N 114 
GLU CG  HG3  sing N N 115 
GLU CD  OE1  doub N N 116 
GLU CD  OE2  sing N N 117 
GLU OE2 HE2  sing N N 118 
GLU OXT HXT  sing N N 119 
GLY N   CA   sing N N 120 
GLY N   H    sing N N 121 
GLY N   H2   sing N N 122 
GLY CA  C    sing N N 123 
GLY CA  HA2  sing N N 124 
GLY CA  HA3  sing N N 125 
GLY C   O    doub N N 126 
GLY C   OXT  sing N N 127 
GLY OXT HXT  sing N N 128 
HEM CHA C1A  sing N N 129 
HEM CHA C4D  doub N N 130 
HEM CHA HHA  sing N N 131 
HEM CHB C4A  sing N N 132 
HEM CHB C1B  doub N N 133 
HEM CHB HHB  sing N N 134 
HEM CHC C4B  sing N N 135 
HEM CHC C1C  doub N N 136 
HEM CHC HHC  sing N N 137 
HEM CHD C4C  doub N N 138 
HEM CHD C1D  sing N N 139 
HEM CHD HHD  sing N N 140 
HEM C1A C2A  doub Y N 141 
HEM C1A NA   sing Y N 142 
HEM C2A C3A  sing Y N 143 
HEM C2A CAA  sing N N 144 
HEM C3A C4A  doub Y N 145 
HEM C3A CMA  sing N N 146 
HEM C4A NA   sing Y N 147 
HEM CMA HMA  sing N N 148 
HEM CMA HMAA sing N N 149 
HEM CMA HMAB sing N N 150 
HEM CAA CBA  sing N N 151 
HEM CAA HAA  sing N N 152 
HEM CAA HAAA sing N N 153 
HEM CBA CGA  sing N N 154 
HEM CBA HBA  sing N N 155 
HEM CBA HBAA sing N N 156 
HEM CGA O1A  doub N N 157 
HEM CGA O2A  sing N N 158 
HEM C1B C2B  sing N N 159 
HEM C1B NB   sing N N 160 
HEM C2B C3B  doub N N 161 
HEM C2B CMB  sing N N 162 
HEM C3B C4B  sing N N 163 
HEM C3B CAB  sing N N 164 
HEM C4B NB   doub N N 165 
HEM CMB HMB  sing N N 166 
HEM CMB HMBA sing N N 167 
HEM CMB HMBB sing N N 168 
HEM CAB CBB  doub N N 169 
HEM CAB HAB  sing N N 170 
HEM CBB HBB  sing N N 171 
HEM CBB HBBA sing N N 172 
HEM C1C C2C  sing Y N 173 
HEM C1C NC   sing Y N 174 
HEM C2C C3C  doub Y N 175 
HEM C2C CMC  sing N N 176 
HEM C3C C4C  sing Y N 177 
HEM C3C CAC  sing N N 178 
HEM C4C NC   sing Y N 179 
HEM CMC HMC  sing N N 180 
HEM CMC HMCA sing N N 181 
HEM CMC HMCB sing N N 182 
HEM CAC CBC  doub N N 183 
HEM CAC HAC  sing N N 184 
HEM CBC HBC  sing N N 185 
HEM CBC HBCA sing N N 186 
HEM C1D C2D  sing N N 187 
HEM C1D ND   doub N N 188 
HEM C2D C3D  doub N N 189 
HEM C2D CMD  sing N N 190 
HEM C3D C4D  sing N N 191 
HEM C3D CAD  sing N N 192 
HEM C4D ND   sing N N 193 
HEM CMD HMD  sing N N 194 
HEM CMD HMDA sing N N 195 
HEM CMD HMDB sing N N 196 
HEM CAD CBD  sing N N 197 
HEM CAD HAD  sing N N 198 
HEM CAD HADA sing N N 199 
HEM CBD CGD  sing N N 200 
HEM CBD HBD  sing N N 201 
HEM CBD HBDA sing N N 202 
HEM CGD O1D  doub N N 203 
HEM CGD O2D  sing N N 204 
HEM O2A H2A  sing N N 205 
HEM O2D H2D  sing N N 206 
HEM FE  NA   sing N N 207 
HEM FE  NB   sing N N 208 
HEM FE  NC   sing N N 209 
HEM FE  ND   sing N N 210 
HIS N   CA   sing N N 211 
HIS N   H    sing N N 212 
HIS N   H2   sing N N 213 
HIS CA  C    sing N N 214 
HIS CA  CB   sing N N 215 
HIS CA  HA   sing N N 216 
HIS C   O    doub N N 217 
HIS C   OXT  sing N N 218 
HIS CB  CG   sing N N 219 
HIS CB  HB2  sing N N 220 
HIS CB  HB3  sing N N 221 
HIS CG  ND1  sing Y N 222 
HIS CG  CD2  doub Y N 223 
HIS ND1 CE1  doub Y N 224 
HIS ND1 HD1  sing N N 225 
HIS CD2 NE2  sing Y N 226 
HIS CD2 HD2  sing N N 227 
HIS CE1 NE2  sing Y N 228 
HIS CE1 HE1  sing N N 229 
HIS NE2 HE2  sing N N 230 
HIS OXT HXT  sing N N 231 
HOH O   H1   sing N N 232 
HOH O   H2   sing N N 233 
ILE N   CA   sing N N 234 
ILE N   H    sing N N 235 
ILE N   H2   sing N N 236 
ILE CA  C    sing N N 237 
ILE CA  CB   sing N N 238 
ILE CA  HA   sing N N 239 
ILE C   O    doub N N 240 
ILE C   OXT  sing N N 241 
ILE CB  CG1  sing N N 242 
ILE CB  CG2  sing N N 243 
ILE CB  HB   sing N N 244 
ILE CG1 CD1  sing N N 245 
ILE CG1 HG12 sing N N 246 
ILE CG1 HG13 sing N N 247 
ILE CG2 HG21 sing N N 248 
ILE CG2 HG22 sing N N 249 
ILE CG2 HG23 sing N N 250 
ILE CD1 HD11 sing N N 251 
ILE CD1 HD12 sing N N 252 
ILE CD1 HD13 sing N N 253 
ILE OXT HXT  sing N N 254 
LEU N   CA   sing N N 255 
LEU N   H    sing N N 256 
LEU N   H2   sing N N 257 
LEU CA  C    sing N N 258 
LEU CA  CB   sing N N 259 
LEU CA  HA   sing N N 260 
LEU C   O    doub N N 261 
LEU C   OXT  sing N N 262 
LEU CB  CG   sing N N 263 
LEU CB  HB2  sing N N 264 
LEU CB  HB3  sing N N 265 
LEU CG  CD1  sing N N 266 
LEU CG  CD2  sing N N 267 
LEU CG  HG   sing N N 268 
LEU CD1 HD11 sing N N 269 
LEU CD1 HD12 sing N N 270 
LEU CD1 HD13 sing N N 271 
LEU CD2 HD21 sing N N 272 
LEU CD2 HD22 sing N N 273 
LEU CD2 HD23 sing N N 274 
LEU OXT HXT  sing N N 275 
LYS N   CA   sing N N 276 
LYS N   H    sing N N 277 
LYS N   H2   sing N N 278 
LYS CA  C    sing N N 279 
LYS CA  CB   sing N N 280 
LYS CA  HA   sing N N 281 
LYS C   O    doub N N 282 
LYS C   OXT  sing N N 283 
LYS CB  CG   sing N N 284 
LYS CB  HB2  sing N N 285 
LYS CB  HB3  sing N N 286 
LYS CG  CD   sing N N 287 
LYS CG  HG2  sing N N 288 
LYS CG  HG3  sing N N 289 
LYS CD  CE   sing N N 290 
LYS CD  HD2  sing N N 291 
LYS CD  HD3  sing N N 292 
LYS CE  NZ   sing N N 293 
LYS CE  HE2  sing N N 294 
LYS CE  HE3  sing N N 295 
LYS NZ  HZ1  sing N N 296 
LYS NZ  HZ2  sing N N 297 
LYS NZ  HZ3  sing N N 298 
LYS OXT HXT  sing N N 299 
MET N   CA   sing N N 300 
MET N   H    sing N N 301 
MET N   H2   sing N N 302 
MET CA  C    sing N N 303 
MET CA  CB   sing N N 304 
MET CA  HA   sing N N 305 
MET C   O    doub N N 306 
MET C   OXT  sing N N 307 
MET CB  CG   sing N N 308 
MET CB  HB2  sing N N 309 
MET CB  HB3  sing N N 310 
MET CG  SD   sing N N 311 
MET CG  HG2  sing N N 312 
MET CG  HG3  sing N N 313 
MET SD  CE   sing N N 314 
MET CE  HE1  sing N N 315 
MET CE  HE2  sing N N 316 
MET CE  HE3  sing N N 317 
MET OXT HXT  sing N N 318 
OXY O1  O2   doub N N 319 
PHE N   CA   sing N N 320 
PHE N   H    sing N N 321 
PHE N   H2   sing N N 322 
PHE CA  C    sing N N 323 
PHE CA  CB   sing N N 324 
PHE CA  HA   sing N N 325 
PHE C   O    doub N N 326 
PHE C   OXT  sing N N 327 
PHE CB  CG   sing N N 328 
PHE CB  HB2  sing N N 329 
PHE CB  HB3  sing N N 330 
PHE CG  CD1  doub Y N 331 
PHE CG  CD2  sing Y N 332 
PHE CD1 CE1  sing Y N 333 
PHE CD1 HD1  sing N N 334 
PHE CD2 CE2  doub Y N 335 
PHE CD2 HD2  sing N N 336 
PHE CE1 CZ   doub Y N 337 
PHE CE1 HE1  sing N N 338 
PHE CE2 CZ   sing Y N 339 
PHE CE2 HE2  sing N N 340 
PHE CZ  HZ   sing N N 341 
PHE OXT HXT  sing N N 342 
PRO N   CA   sing N N 343 
PRO N   CD   sing N N 344 
PRO N   H    sing N N 345 
PRO CA  C    sing N N 346 
PRO CA  CB   sing N N 347 
PRO CA  HA   sing N N 348 
PRO C   O    doub N N 349 
PRO C   OXT  sing N N 350 
PRO CB  CG   sing N N 351 
PRO CB  HB2  sing N N 352 
PRO CB  HB3  sing N N 353 
PRO CG  CD   sing N N 354 
PRO CG  HG2  sing N N 355 
PRO CG  HG3  sing N N 356 
PRO CD  HD2  sing N N 357 
PRO CD  HD3  sing N N 358 
PRO OXT HXT  sing N N 359 
SER N   CA   sing N N 360 
SER N   H    sing N N 361 
SER N   H2   sing N N 362 
SER CA  C    sing N N 363 
SER CA  CB   sing N N 364 
SER CA  HA   sing N N 365 
SER C   O    doub N N 366 
SER C   OXT  sing N N 367 
SER CB  OG   sing N N 368 
SER CB  HB2  sing N N 369 
SER CB  HB3  sing N N 370 
SER OG  HG   sing N N 371 
SER OXT HXT  sing N N 372 
THR N   CA   sing N N 373 
THR N   H    sing N N 374 
THR N   H2   sing N N 375 
THR CA  C    sing N N 376 
THR CA  CB   sing N N 377 
THR CA  HA   sing N N 378 
THR C   O    doub N N 379 
THR C   OXT  sing N N 380 
THR CB  OG1  sing N N 381 
THR CB  CG2  sing N N 382 
THR CB  HB   sing N N 383 
THR OG1 HG1  sing N N 384 
THR CG2 HG21 sing N N 385 
THR CG2 HG22 sing N N 386 
THR CG2 HG23 sing N N 387 
THR OXT HXT  sing N N 388 
TRP N   CA   sing N N 389 
TRP N   H    sing N N 390 
TRP N   H2   sing N N 391 
TRP CA  C    sing N N 392 
TRP CA  CB   sing N N 393 
TRP CA  HA   sing N N 394 
TRP C   O    doub N N 395 
TRP C   OXT  sing N N 396 
TRP CB  CG   sing N N 397 
TRP CB  HB2  sing N N 398 
TRP CB  HB3  sing N N 399 
TRP CG  CD1  doub Y N 400 
TRP CG  CD2  sing Y N 401 
TRP CD1 NE1  sing Y N 402 
TRP CD1 HD1  sing N N 403 
TRP CD2 CE2  doub Y N 404 
TRP CD2 CE3  sing Y N 405 
TRP NE1 CE2  sing Y N 406 
TRP NE1 HE1  sing N N 407 
TRP CE2 CZ2  sing Y N 408 
TRP CE3 CZ3  doub Y N 409 
TRP CE3 HE3  sing N N 410 
TRP CZ2 CH2  doub Y N 411 
TRP CZ2 HZ2  sing N N 412 
TRP CZ3 CH2  sing Y N 413 
TRP CZ3 HZ3  sing N N 414 
TRP CH2 HH2  sing N N 415 
TRP OXT HXT  sing N N 416 
TYR N   CA   sing N N 417 
TYR N   H    sing N N 418 
TYR N   H2   sing N N 419 
TYR CA  C    sing N N 420 
TYR CA  CB   sing N N 421 
TYR CA  HA   sing N N 422 
TYR C   O    doub N N 423 
TYR C   OXT  sing N N 424 
TYR CB  CG   sing N N 425 
TYR CB  HB2  sing N N 426 
TYR CB  HB3  sing N N 427 
TYR CG  CD1  doub Y N 428 
TYR CG  CD2  sing Y N 429 
TYR CD1 CE1  sing Y N 430 
TYR CD1 HD1  sing N N 431 
TYR CD2 CE2  doub Y N 432 
TYR CD2 HD2  sing N N 433 
TYR CE1 CZ   doub Y N 434 
TYR CE1 HE1  sing N N 435 
TYR CE2 CZ   sing Y N 436 
TYR CE2 HE2  sing N N 437 
TYR CZ  OH   sing N N 438 
TYR OH  HH   sing N N 439 
TYR OXT HXT  sing N N 440 
VAL N   CA   sing N N 441 
VAL N   H    sing N N 442 
VAL N   H2   sing N N 443 
VAL CA  C    sing N N 444 
VAL CA  CB   sing N N 445 
VAL CA  HA   sing N N 446 
VAL C   O    doub N N 447 
VAL C   OXT  sing N N 448 
VAL CB  CG1  sing N N 449 
VAL CB  CG2  sing N N 450 
VAL CB  HB   sing N N 451 
VAL CG1 HG11 sing N N 452 
VAL CG1 HG12 sing N N 453 
VAL CG1 HG13 sing N N 454 
VAL CG2 HG21 sing N N 455 
VAL CG2 HG22 sing N N 456 
VAL CG2 HG23 sing N N 457 
VAL OXT HXT  sing N N 458 
# 
_atom_sites.entry_id                    1ASH 
_atom_sites.fract_transf_matrix[1][1]   0.00389325 
_atom_sites.fract_transf_matrix[1][2]   -0.01556475 
_atom_sites.fract_transf_matrix[1][3]   0.00858309 
_atom_sites.fract_transf_matrix[2][1]   0.00234760 
_atom_sites.fract_transf_matrix[2][2]   -0.00009876 
_atom_sites.fract_transf_matrix[2][3]   0.01804365 
_atom_sites.fract_transf_matrix[3][1]   -0.01396605 
_atom_sites.fract_transf_matrix[3][2]   -0.00249889 
_atom_sites.fract_transf_matrix[3][3]   0.00180340 
_atom_sites.fract_transf_vector[1]      0.114002 
_atom_sites.fract_transf_vector[2]      -0.272330 
_atom_sites.fract_transf_vector[3]      0.003006 
# 
_atom_sites_footnote.id     1 
_atom_sites_footnote.text   
'LYS      146 - HIS      147              OMEGA =   0.02 PEPTIDE BOND DEVIATES SIGNIFICANTLY FROM TRANS CONFORMATION' 
# 
loop_
_atom_type.symbol 
C  
FE 
N  
O  
S  
# 
loop_
_atom_site.group_PDB 
_atom_site.id 
_atom_site.type_symbol 
_atom_site.label_atom_id 
_atom_site.label_alt_id 
_atom_site.label_comp_id 
_atom_site.label_asym_id 
_atom_site.label_entity_id 
_atom_site.label_seq_id 
_atom_site.pdbx_PDB_ins_code 
_atom_site.Cartn_x 
_atom_site.Cartn_y 
_atom_site.Cartn_z 
_atom_site.occupancy 
_atom_site.B_iso_or_equiv 
_atom_site.pdbx_formal_charge 
_atom_site.auth_seq_id 
_atom_site.auth_comp_id 
_atom_site.auth_asym_id 
_atom_site.auth_atom_id 
_atom_site.pdbx_PDB_model_num 
ATOM   1    N  N   . ALA A 1 1   ? -7.785  2.996   17.985  1.00 64.40 ? 0   ALA A N   1 
ATOM   2    C  CA  . ALA A 1 1   ? -8.957  3.534   17.283  1.00 60.28 ? 0   ALA A CA  1 
ATOM   3    C  C   . ALA A 1 1   ? -8.580  4.827   16.556  1.00 56.39 ? 0   ALA A C   1 
ATOM   4    O  O   . ALA A 1 1   ? -7.661  4.846   15.739  1.00 52.67 ? 0   ALA A O   1 
ATOM   5    N  N   . ASN A 1 2   ? -9.230  5.908   17.001  1.00 55.08 ? 1   ASN A N   1 
ATOM   6    C  CA  . ASN A 1 2   ? -9.017  7.280   16.547  1.00 53.00 ? 1   ASN A CA  1 
ATOM   7    C  C   . ASN A 1 2   ? -7.603  7.809   16.819  1.00 47.79 ? 1   ASN A C   1 
ATOM   8    O  O   . ASN A 1 2   ? -7.117  8.577   15.994  1.00 46.55 ? 1   ASN A O   1 
ATOM   9    C  CB  . ASN A 1 2   ? -10.092 8.166   17.209  1.00 60.06 ? 1   ASN A CB  1 
ATOM   10   C  CG  . ASN A 1 2   ? -10.037 9.664   16.871  1.00 65.81 ? 1   ASN A CG  1 
ATOM   11   O  OD1 . ASN A 1 2   ? -10.060 10.106  15.720  1.00 68.33 ? 1   ASN A OD1 1 
ATOM   12   N  ND2 . ASN A 1 2   ? -9.972  10.515  17.893  1.00 68.59 ? 1   ASN A ND2 1 
ATOM   13   N  N   . LYS A 1 3   ? -6.841  7.475   17.872  1.00 43.12 ? 2   LYS A N   1 
ATOM   14   C  CA  . LYS A 1 3   ? -5.434  7.885   17.843  1.00 38.31 ? 2   LYS A CA  1 
ATOM   15   C  C   . LYS A 1 3   ? -4.655  7.102   16.786  1.00 31.24 ? 2   LYS A C   1 
ATOM   16   O  O   . LYS A 1 3   ? -3.856  7.708   16.095  1.00 35.55 ? 2   LYS A O   1 
ATOM   17   C  CB  . LYS A 1 3   ? -4.733  7.692   19.185  1.00 43.90 ? 2   LYS A CB  1 
ATOM   18   C  CG  . LYS A 1 3   ? -3.624  8.762   19.208  1.00 50.06 ? 2   LYS A CG  1 
ATOM   19   C  CD  . LYS A 1 3   ? -2.751  8.885   20.433  1.00 54.79 ? 2   LYS A CD  1 
ATOM   20   C  CE  . LYS A 1 3   ? -1.999  7.568   20.624  1.00 59.95 ? 2   LYS A CE  1 
ATOM   21   N  NZ  . LYS A 1 3   ? -0.830  7.766   21.467  1.00 65.93 ? 2   LYS A NZ  1 
ATOM   22   N  N   . THR A 1 4   ? -4.863  5.811   16.550  1.00 24.90 ? 3   THR A N   1 
ATOM   23   C  CA  . THR A 1 4   ? -4.201  5.105   15.478  1.00 22.84 ? 3   THR A CA  1 
ATOM   24   C  C   . THR A 1 4   ? -4.473  5.762   14.149  1.00 21.02 ? 3   THR A C   1 
ATOM   25   O  O   . THR A 1 4   ? -3.551  6.039   13.384  1.00 20.39 ? 3   THR A O   1 
ATOM   26   C  CB  . THR A 1 4   ? -4.688  3.691   15.383  1.00 23.35 ? 3   THR A CB  1 
ATOM   27   O  OG1 . THR A 1 4   ? -4.557  3.121   16.676  1.00 20.08 ? 3   THR A OG1 1 
ATOM   28   C  CG2 . THR A 1 4   ? -3.903  2.901   14.370  1.00 20.71 ? 3   THR A CG2 1 
ATOM   29   N  N   . ARG A 1 5   ? -5.746  6.051   13.926  1.00 20.77 ? 4   ARG A N   1 
ATOM   30   C  CA  . ARG A 1 5   ? -6.195  6.730   12.725  1.00 20.53 ? 4   ARG A CA  1 
ATOM   31   C  C   . ARG A 1 5   ? -5.500  8.079   12.580  1.00 21.16 ? 4   ARG A C   1 
ATOM   32   O  O   . ARG A 1 5   ? -4.960  8.422   11.539  1.00 22.44 ? 4   ARG A O   1 
ATOM   33   C  CB  . ARG A 1 5   ? -7.704  6.925   12.790  1.00 16.82 ? 4   ARG A CB  1 
ATOM   34   C  CG  . ARG A 1 5   ? -8.250  7.605   11.538  1.00 19.86 ? 4   ARG A CG  1 
ATOM   35   C  CD  . ARG A 1 5   ? -9.691  7.990   11.743  1.00 22.75 ? 4   ARG A CD  1 
ATOM   36   N  NE  . ARG A 1 5   ? -10.212 8.524   10.515  1.00 24.72 ? 4   ARG A NE  1 
ATOM   37   C  CZ  . ARG A 1 5   ? -10.437 9.819   10.332  1.00 27.01 ? 4   ARG A CZ  1 
ATOM   38   N  NH1 . ARG A 1 5   ? -10.231 10.751  11.263  1.00 28.79 ? 4   ARG A NH1 1 
ATOM   39   N  NH2 . ARG A 1 5   ? -10.853 10.196  9.133   1.00 27.80 ? 4   ARG A NH2 1 
ATOM   40   N  N   . GLU A 1 6   ? -5.399  8.832   13.657  1.00 21.80 ? 5   GLU A N   1 
ATOM   41   C  CA  . GLU A 1 6   ? -4.790  10.137  13.604  1.00 23.30 ? 5   GLU A CA  1 
ATOM   42   C  C   . GLU A 1 6   ? -3.286  10.044  13.335  1.00 20.08 ? 5   GLU A C   1 
ATOM   43   O  O   . GLU A 1 6   ? -2.802  10.807  12.485  1.00 19.12 ? 5   GLU A O   1 
ATOM   44   C  CB  . GLU A 1 6   ? -5.119  10.816  14.921  1.00 29.32 ? 5   GLU A CB  1 
ATOM   45   C  CG  . GLU A 1 6   ? -4.962  12.324  14.930  1.00 43.25 ? 5   GLU A CG  1 
ATOM   46   C  CD  . GLU A 1 6   ? -5.231  13.003  16.280  1.00 53.50 ? 5   GLU A CD  1 
ATOM   47   O  OE1 . GLU A 1 6   ? -6.385  13.083  16.745  1.00 57.77 ? 5   GLU A OE1 1 
ATOM   48   O  OE2 . GLU A 1 6   ? -4.250  13.467  16.858  1.00 58.10 ? 5   GLU A OE2 1 
ATOM   49   N  N   . LEU A 1 7   ? -2.555  9.108   13.965  1.00 18.24 ? 6   LEU A N   1 
ATOM   50   C  CA  . LEU A 1 7   ? -1.128  8.970   13.723  1.00 17.55 ? 6   LEU A CA  1 
ATOM   51   C  C   . LEU A 1 7   ? -0.885  8.478   12.326  1.00 17.66 ? 6   LEU A C   1 
ATOM   52   O  O   . LEU A 1 7   ? -0.032  9.026   11.634  1.00 19.54 ? 6   LEU A O   1 
ATOM   53   C  CB  . LEU A 1 7   ? -0.476  8.000   14.666  1.00 18.05 ? 6   LEU A CB  1 
ATOM   54   C  CG  . LEU A 1 7   ? -0.546  8.420   16.115  1.00 17.65 ? 6   LEU A CG  1 
ATOM   55   C  CD1 . LEU A 1 7   ? 0.195   7.439   16.912  1.00 17.62 ? 6   LEU A CD1 1 
ATOM   56   C  CD2 . LEU A 1 7   ? 0.095   9.766   16.325  1.00 19.15 ? 6   LEU A CD2 1 
ATOM   57   N  N   . CYS A 1 8   ? -1.662  7.518   11.817  1.00 19.43 ? 7   CYS A N   1 
ATOM   58   C  CA  . CYS A 1 8   ? -1.510  7.089   10.433  1.00 14.39 ? 7   CYS A CA  1 
ATOM   59   C  C   . CYS A 1 8   ? -1.825  8.176   9.408   1.00 14.01 ? 7   CYS A C   1 
ATOM   60   O  O   . CYS A 1 8   ? -1.039  8.369   8.468   1.00 17.18 ? 7   CYS A O   1 
ATOM   61   C  CB  . CYS A 1 8   ? -2.396  5.909   10.230  1.00 11.26 ? 7   CYS A CB  1 
ATOM   62   S  SG  . CYS A 1 8   ? -1.696  4.563   11.176  1.00 17.62 ? 7   CYS A SG  1 
ATOM   63   N  N   . MET A 1 9   ? -2.915  8.940   9.575   1.00 14.14 ? 8   MET A N   1 
ATOM   64   C  CA  . MET A 1 9   ? -3.307  9.975   8.642   1.00 14.73 ? 8   MET A CA  1 
ATOM   65   C  C   . MET A 1 9   ? -2.224  11.001  8.465   1.00 16.91 ? 8   MET A C   1 
ATOM   66   O  O   . MET A 1 9   ? -1.990  11.480  7.369   1.00 20.37 ? 8   MET A O   1 
ATOM   67   C  CB  . MET A 1 9   ? -4.501  10.718  9.115   1.00 20.53 ? 8   MET A CB  1 
ATOM   68   C  CG  . MET A 1 9   ? -5.817  9.980   9.111   1.00 28.54 ? 8   MET A CG  1 
ATOM   69   S  SD  . MET A 1 9   ? -6.183  9.382   7.441   1.00 43.53 ? 8   MET A SD  1 
ATOM   70   C  CE  . MET A 1 9   ? -7.189  10.809  7.122   1.00 41.03 ? 8   MET A CE  1 
ATOM   71   N  N   . LYS A 1 10  ? -1.538  11.395  9.535   1.00 21.44 ? 9   LYS A N   1 
ATOM   72   C  CA  . LYS A 1 10  ? -0.530  12.413  9.377   1.00 19.22 ? 9   LYS A CA  1 
ATOM   73   C  C   . LYS A 1 10  ? 0.743   11.871  8.796   1.00 17.36 ? 9   LYS A C   1 
ATOM   74   O  O   . LYS A 1 10  ? 1.352   12.610  8.024   1.00 19.14 ? 9   LYS A O   1 
ATOM   75   C  CB  . LYS A 1 10  ? -0.276  13.111  10.712  1.00 21.75 ? 9   LYS A CB  1 
ATOM   76   C  CG  . LYS A 1 10  ? 0.751   12.578  11.690  1.00 27.42 ? 9   LYS A CG  1 
ATOM   77   C  CD  . LYS A 1 10  ? 1.790   13.618  12.170  0.00 29.11 ? 9   LYS A CD  1 
ATOM   78   C  CE  . LYS A 1 10  ? 2.700   12.978  13.214  0.00 31.56 ? 9   LYS A CE  1 
ATOM   79   N  NZ  . LYS A 1 10  ? 3.631   13.885  13.846  1.00 35.64 ? 9   LYS A NZ  1 
ATOM   80   N  N   . SER A 1 11  ? 1.216   10.636  9.019   1.00 16.79 ? 10  SER A N   1 
ATOM   81   C  CA  . SER A 1 11  ? 2.411   10.191  8.343   1.00 14.92 ? 10  SER A CA  1 
ATOM   82   C  C   . SER A 1 11  ? 2.047   10.175  6.894   1.00 15.03 ? 10  SER A C   1 
ATOM   83   O  O   . SER A 1 11  ? 2.911   10.467  6.081   1.00 22.14 ? 10  SER A O   1 
ATOM   84   C  CB  . SER A 1 11  ? 2.773   8.837   8.796   1.00 14.84 ? 10  SER A CB  1 
ATOM   85   O  OG  . SER A 1 11  ? 1.693   7.983   8.548   1.00 14.38 ? 10  SER A OG  1 
ATOM   86   N  N   . LEU A 1 12  ? 0.783   9.979   6.528   1.00 15.99 ? 11  LEU A N   1 
ATOM   87   C  CA  . LEU A 1 12  ? 0.436   10.026  5.137   1.00 14.14 ? 11  LEU A CA  1 
ATOM   88   C  C   . LEU A 1 12  ? 0.418   11.384  4.501   1.00 18.20 ? 11  LEU A C   1 
ATOM   89   O  O   . LEU A 1 12  ? 0.204   11.489  3.293   1.00 19.78 ? 11  LEU A O   1 
ATOM   90   C  CB  . LEU A 1 12  ? -0.892  9.388   4.917   1.00 14.42 ? 11  LEU A CB  1 
ATOM   91   C  CG  . LEU A 1 12  ? -0.769  7.888   5.020   1.00 14.97 ? 11  LEU A CG  1 
ATOM   92   C  CD1 . LEU A 1 12  ? -2.125  7.283   4.821   1.00 11.35 ? 11  LEU A CD1 1 
ATOM   93   C  CD2 . LEU A 1 12  ? 0.181   7.364   3.955   1.00 15.57 ? 11  LEU A CD2 1 
ATOM   94   N  N   . GLU A 1 13  ? 0.695   12.486  5.179   1.00 17.89 ? 12  GLU A N   1 
ATOM   95   C  CA  . GLU A 1 13  ? 0.738   13.756  4.483   1.00 20.24 ? 12  GLU A CA  1 
ATOM   96   C  C   . GLU A 1 13  ? 1.966   13.749  3.581   1.00 20.22 ? 12  GLU A C   1 
ATOM   97   O  O   . GLU A 1 13  ? 2.123   14.489  2.626   1.00 19.25 ? 12  GLU A O   1 
ATOM   98   C  CB  . GLU A 1 13  ? 0.817   14.863  5.511   1.00 27.63 ? 12  GLU A CB  1 
ATOM   99   C  CG  . GLU A 1 13  ? -0.410  15.021  6.458   1.00 37.88 ? 12  GLU A CG  1 
ATOM   100  C  CD  . GLU A 1 13  ? -0.357  16.141  7.538   1.00 43.57 ? 12  GLU A CD  1 
ATOM   101  O  OE1 . GLU A 1 13  ? 0.727   16.613  7.891   1.00 45.13 ? 12  GLU A OE1 1 
ATOM   102  O  OE2 . GLU A 1 13  ? -1.413  16.541  8.043   1.00 50.07 ? 12  GLU A OE2 1 
ATOM   103  N  N   . HIS A 1 14  ? 2.877   12.824  3.852   1.00 23.61 ? 13  HIS A N   1 
ATOM   104  C  CA  . HIS A 1 14  ? 4.123   12.737  3.114   1.00 23.83 ? 13  HIS A CA  1 
ATOM   105  C  C   . HIS A 1 14  ? 4.025   11.916  1.871   1.00 22.91 ? 13  HIS A C   1 
ATOM   106  O  O   . HIS A 1 14  ? 5.030   11.730  1.212   1.00 25.37 ? 13  HIS A O   1 
ATOM   107  C  CB  . HIS A 1 14  ? 5.203   12.150  3.998   1.00 22.98 ? 13  HIS A CB  1 
ATOM   108  C  CG  . HIS A 1 14  ? 5.331   13.161  5.123   1.00 30.11 ? 13  HIS A CG  1 
ATOM   109  N  ND1 . HIS A 1 14  ? 5.907   14.427  4.980   1.00 29.69 ? 13  HIS A ND1 1 
ATOM   110  C  CD2 . HIS A 1 14  ? 4.757   12.997  6.390   1.00 31.17 ? 13  HIS A CD2 1 
ATOM   111  C  CE1 . HIS A 1 14  ? 5.640   15.044  6.143   1.00 30.54 ? 13  HIS A CE1 1 
ATOM   112  N  NE2 . HIS A 1 14  ? 4.987   14.255  6.955   1.00 34.23 ? 13  HIS A NE2 1 
ATOM   113  N  N   . ALA A 1 15  ? 2.890   11.370  1.489   1.00 23.63 ? 14  ALA A N   1 
ATOM   114  C  CA  . ALA A 1 15  ? 2.795   10.534  0.319   1.00 21.17 ? 14  ALA A CA  1 
ATOM   115  C  C   . ALA A 1 15  ? 1.588   11.181  -0.355  1.00 21.15 ? 14  ALA A C   1 
ATOM   116  O  O   . ALA A 1 15  ? 0.483   11.143  0.203   1.00 20.77 ? 14  ALA A O   1 
ATOM   117  C  CB  . ALA A 1 15  ? 2.547   9.098   0.786   1.00 22.18 ? 14  ALA A CB  1 
ATOM   118  N  N   . LYS A 1 16  ? 1.790   11.871  -1.486  1.00 19.03 ? 15  LYS A N   1 
ATOM   119  C  CA  . LYS A 1 16  ? 0.680   12.560  -2.094  1.00 20.88 ? 15  LYS A CA  1 
ATOM   120  C  C   . LYS A 1 16  ? -0.105  11.694  -3.063  1.00 18.40 ? 15  LYS A C   1 
ATOM   121  O  O   . LYS A 1 16  ? 0.366   10.786  -3.737  1.00 15.92 ? 15  LYS A O   1 
ATOM   122  C  CB  . LYS A 1 16  ? 1.181   13.822  -2.787  1.00 19.14 ? 15  LYS A CB  1 
ATOM   123  C  CG  . LYS A 1 16  ? 1.452   15.015  -1.894  1.00 22.69 ? 15  LYS A CG  1 
ATOM   124  C  CD  . LYS A 1 16  ? 1.800   16.073  -2.977  1.00 27.18 ? 15  LYS A CD  1 
ATOM   125  C  CE  . LYS A 1 16  ? 1.559   17.525  -2.509  0.00 28.67 ? 15  LYS A CE  1 
ATOM   126  N  NZ  . LYS A 1 16  ? 1.450   18.550  -3.567  1.00 31.92 ? 15  LYS A NZ  1 
ATOM   127  N  N   . VAL A 1 17  ? -1.370  12.060  -3.142  1.00 19.98 ? 16  VAL A N   1 
ATOM   128  C  CA  . VAL A 1 17  ? -2.391  11.357  -3.899  1.00 19.03 ? 16  VAL A CA  1 
ATOM   129  C  C   . VAL A 1 17  ? -3.244  12.358  -4.670  1.00 23.27 ? 16  VAL A C   1 
ATOM   130  O  O   . VAL A 1 17  ? -4.400  12.156  -5.025  1.00 27.31 ? 16  VAL A O   1 
ATOM   131  C  CB  . VAL A 1 17  ? -3.020  10.539  -2.755  1.00 16.23 ? 16  VAL A CB  1 
ATOM   132  C  CG1 . VAL A 1 17  ? -4.147  11.287  -2.080  1.00 18.75 ? 16  VAL A CG1 1 
ATOM   133  C  CG2 . VAL A 1 17  ? -3.343  9.208   -3.295  1.00 17.83 ? 16  VAL A CG2 1 
ATOM   134  N  N   . ASP A 1 18  ? -2.662  13.532  -4.893  1.00 24.93 ? 17  ASP A N   1 
ATOM   135  C  CA  . ASP A 1 18  ? -3.342  14.556  -5.652  1.00 26.56 ? 17  ASP A CA  1 
ATOM   136  C  C   . ASP A 1 18  ? -2.970  14.470  -7.122  1.00 28.05 ? 17  ASP A C   1 
ATOM   137  O  O   . ASP A 1 18  ? -2.514  13.469  -7.682  1.00 29.78 ? 17  ASP A O   1 
ATOM   138  C  CB  . ASP A 1 18  ? -3.009  15.968  -5.063  1.00 26.40 ? 17  ASP A CB  1 
ATOM   139  C  CG  . ASP A 1 18  ? -1.573  16.437  -4.971  1.00 26.38 ? 17  ASP A CG  1 
ATOM   140  O  OD1 . ASP A 1 18  ? -0.713  15.731  -5.433  1.00 30.22 ? 17  ASP A OD1 1 
ATOM   141  O  OD2 . ASP A 1 18  ? -1.276  17.500  -4.428  1.00 32.50 ? 17  ASP A OD2 1 
ATOM   142  N  N   . THR A 1 19  ? -3.124  15.569  -7.780  1.00 29.07 ? 18  THR A N   1 
ATOM   143  C  CA  . THR A 1 19  ? -2.770  15.584  -9.155  1.00 34.61 ? 18  THR A CA  1 
ATOM   144  C  C   . THR A 1 19  ? -1.300  15.954  -9.472  1.00 36.14 ? 18  THR A C   1 
ATOM   145  O  O   . THR A 1 19  ? -0.856  15.705  -10.579 1.00 41.10 ? 18  THR A O   1 
ATOM   146  C  CB  . THR A 1 19  ? -3.905  16.483  -9.626  1.00 36.25 ? 18  THR A CB  1 
ATOM   147  O  OG1 . THR A 1 19  ? -4.835  15.513  -10.076 1.00 38.61 ? 18  THR A OG1 1 
ATOM   148  C  CG2 . THR A 1 19  ? -3.571  17.575  -10.618 1.00 41.21 ? 18  THR A CG2 1 
ATOM   149  N  N   . SER A 1 20  ? -0.463  16.546  -8.626  1.00 34.93 ? 19  SER A N   1 
ATOM   150  C  CA  . SER A 1 20  ? 0.909   16.931  -8.955  1.00 35.13 ? 19  SER A CA  1 
ATOM   151  C  C   . SER A 1 20  ? 1.897   15.924  -9.573  1.00 35.93 ? 19  SER A C   1 
ATOM   152  O  O   . SER A 1 20  ? 1.648   14.715  -9.632  1.00 39.22 ? 19  SER A O   1 
ATOM   153  C  CB  . SER A 1 20  ? 1.548   17.465  -7.687  1.00 35.67 ? 19  SER A CB  1 
ATOM   154  O  OG  . SER A 1 20  ? 1.719   16.488  -6.650  1.00 34.31 ? 19  SER A OG  1 
ATOM   155  N  N   . ASN A 1 21  ? 3.121   16.345  -9.901  1.00 35.57 ? 20  ASN A N   1 
ATOM   156  C  CA  . ASN A 1 21  ? 4.133   15.396  -10.326 1.00 33.61 ? 20  ASN A CA  1 
ATOM   157  C  C   . ASN A 1 21  ? 4.674   14.654  -9.140  1.00 30.05 ? 20  ASN A C   1 
ATOM   158  O  O   . ASN A 1 21  ? 5.143   13.531  -9.307  1.00 27.51 ? 20  ASN A O   1 
ATOM   159  C  CB  . ASN A 1 21  ? 5.287   16.069  -10.975 1.00 42.04 ? 20  ASN A CB  1 
ATOM   160  C  CG  . ASN A 1 21  ? 5.131   16.124  -12.480 1.00 51.06 ? 20  ASN A CG  1 
ATOM   161  O  OD1 . ASN A 1 21  ? 4.794   17.156  -13.072 1.00 56.88 ? 20  ASN A OD1 1 
ATOM   162  N  ND2 . ASN A 1 21  ? 5.359   14.999  -13.130 1.00 51.67 ? 20  ASN A ND2 1 
ATOM   163  N  N   . GLU A 1 22  ? 4.669   15.289  -7.968  1.00 27.40 ? 21  GLU A N   1 
ATOM   164  C  CA  . GLU A 1 22  ? 5.079   14.680  -6.715  1.00 31.05 ? 21  GLU A CA  1 
ATOM   165  C  C   . GLU A 1 22  ? 4.363   13.369  -6.447  1.00 29.53 ? 21  GLU A C   1 
ATOM   166  O  O   . GLU A 1 22  ? 4.962   12.336  -6.168  1.00 32.10 ? 21  GLU A O   1 
ATOM   167  C  CB  . GLU A 1 22  ? 4.757   15.506  -5.522  1.00 36.49 ? 21  GLU A CB  1 
ATOM   168  C  CG  . GLU A 1 22  ? 5.870   16.334  -4.966  1.00 52.03 ? 21  GLU A CG  1 
ATOM   169  C  CD  . GLU A 1 22  ? 5.616   16.672  -3.499  1.00 58.32 ? 21  GLU A CD  1 
ATOM   170  O  OE1 . GLU A 1 22  ? 5.925   15.825  -2.636  1.00 61.34 ? 21  GLU A OE1 1 
ATOM   171  O  OE2 . GLU A 1 22  ? 5.111   17.772  -3.235  1.00 63.35 ? 21  GLU A OE2 1 
ATOM   172  N  N   . ALA A 1 23  ? 3.037   13.435  -6.525  1.00 26.57 ? 22  ALA A N   1 
ATOM   173  C  CA  . ALA A 1 23  ? 2.215   12.280  -6.315  1.00 22.54 ? 22  ALA A CA  1 
ATOM   174  C  C   . ALA A 1 23  ? 2.496   11.205  -7.353  1.00 22.86 ? 22  ALA A C   1 
ATOM   175  O  O   . ALA A 1 23  ? 2.657   10.037  -7.023  1.00 26.86 ? 22  ALA A O   1 
ATOM   176  C  CB  . ALA A 1 23  ? 0.810   12.740  -6.376  1.00 17.93 ? 22  ALA A CB  1 
ATOM   177  N  N   . ARG A 1 24  ? 2.648   11.531  -8.624  1.00 22.51 ? 23  ARG A N   1 
ATOM   178  C  CA  . ARG A 1 24  ? 2.939   10.579  -9.665  1.00 21.46 ? 23  ARG A CA  1 
ATOM   179  C  C   . ARG A 1 24  ? 4.229   9.870   -9.268  1.00 19.93 ? 23  ARG A C   1 
ATOM   180  O  O   . ARG A 1 24  ? 4.239   8.636   -9.280  1.00 16.41 ? 23  ARG A O   1 
ATOM   181  C  CB  . ARG A 1 24  ? 2.994   11.466  -10.897 1.00 24.11 ? 23  ARG A CB  1 
ATOM   182  C  CG  . ARG A 1 24  ? 3.323   10.768  -12.238 1.00 30.94 ? 23  ARG A CG  1 
ATOM   183  C  CD  . ARG A 1 24  ? 4.041   11.674  -13.287 0.00 37.41 ? 23  ARG A CD  1 
ATOM   184  N  NE  . ARG A 1 24  ? 3.221   12.333  -14.315 0.00 46.36 ? 23  ARG A NE  1 
ATOM   185  C  CZ  . ARG A 1 24  ? 3.748   13.128  -15.289 1.00 51.68 ? 23  ARG A CZ  1 
ATOM   186  N  NH1 . ARG A 1 24  ? 5.067   13.429  -15.454 1.00 55.86 ? 23  ARG A NH1 1 
ATOM   187  N  NH2 . ARG A 1 24  ? 2.906   13.667  -16.208 1.00 56.90 ? 23  ARG A NH2 1 
ATOM   188  N  N   . GLN A 1 25  ? 5.248   10.586  -8.784  1.00 21.06 ? 24  GLN A N   1 
ATOM   189  C  CA  . GLN A 1 25  ? 6.532   10.033  -8.394  1.00 21.07 ? 24  GLN A CA  1 
ATOM   190  C  C   . GLN A 1 25  ? 6.402   9.254   -7.107  1.00 24.31 ? 24  GLN A C   1 
ATOM   191  O  O   . GLN A 1 25  ? 7.049   8.210   -6.964  1.00 27.45 ? 24  GLN A O   1 
ATOM   192  C  CB  . GLN A 1 25  ? 7.522   11.107  -8.165  1.00 23.47 ? 24  GLN A CB  1 
ATOM   193  C  CG  . GLN A 1 25  ? 8.938   10.549  -8.154  1.00 23.95 ? 24  GLN A CG  1 
ATOM   194  C  CD  . GLN A 1 25  ? 9.355   9.722   -9.376  1.00 25.08 ? 24  GLN A CD  1 
ATOM   195  O  OE1 . GLN A 1 25  ? 9.181   10.116  -10.535 1.00 26.14 ? 24  GLN A OE1 1 
ATOM   196  N  NE2 . GLN A 1 25  ? 9.946   8.554   -9.120  1.00 21.41 ? 24  GLN A NE2 1 
ATOM   197  N  N   . ASP A 1 26  ? 5.606   9.657   -6.125  1.00 22.31 ? 25  ASP A N   1 
ATOM   198  C  CA  . ASP A 1 26  ? 5.407   8.857   -4.914  1.00 21.50 ? 25  ASP A CA  1 
ATOM   199  C  C   . ASP A 1 26  ? 4.698   7.536   -5.222  1.00 22.84 ? 25  ASP A C   1 
ATOM   200  O  O   . ASP A 1 26  ? 4.998   6.457   -4.693  1.00 23.61 ? 25  ASP A O   1 
ATOM   201  C  CB  . ASP A 1 26  ? 4.599   9.667   -3.929  1.00 23.24 ? 25  ASP A CB  1 
ATOM   202  C  CG  . ASP A 1 26  ? 5.292   10.829  -3.238  1.00 24.67 ? 25  ASP A CG  1 
ATOM   203  O  OD1 . ASP A 1 26  ? 6.526   10.935  -3.223  1.00 27.49 ? 25  ASP A OD1 1 
ATOM   204  O  OD2 . ASP A 1 26  ? 4.547   11.634  -2.694  1.00 23.10 ? 25  ASP A OD2 1 
ATOM   205  N  N   . GLY A 1 27  ? 3.750   7.548   -6.150  1.00 20.90 ? 26  GLY A N   1 
ATOM   206  C  CA  . GLY A 1 27  ? 3.152   6.316   -6.596  1.00 19.78 ? 26  GLY A CA  1 
ATOM   207  C  C   . GLY A 1 27  ? 4.201   5.453   -7.280  1.00 20.40 ? 26  GLY A C   1 
ATOM   208  O  O   . GLY A 1 27  ? 4.297   4.278   -6.948  1.00 22.98 ? 26  GLY A O   1 
ATOM   209  N  N   . ILE A 1 28  ? 5.055   5.964   -8.170  1.00 21.18 ? 27  ILE A N   1 
ATOM   210  C  CA  . ILE A 1 28  ? 6.110   5.168   -8.776  1.00 21.06 ? 27  ILE A CA  1 
ATOM   211  C  C   . ILE A 1 28  ? 7.135   4.619   -7.786  1.00 22.72 ? 27  ILE A C   1 
ATOM   212  O  O   . ILE A 1 28  ? 7.427   3.415   -7.811  1.00 22.04 ? 27  ILE A O   1 
ATOM   213  C  CB  . ILE A 1 28  ? 6.826   6.011   -9.845  1.00 23.34 ? 27  ILE A CB  1 
ATOM   214  C  CG1 . ILE A 1 28  ? 5.888   6.436   -10.987 1.00 25.91 ? 27  ILE A CG1 1 
ATOM   215  C  CG2 . ILE A 1 28  ? 7.883   5.153   -10.511 1.00 18.83 ? 27  ILE A CG2 1 
ATOM   216  C  CD1 . ILE A 1 28  ? 6.526   7.480   -11.953 1.00 28.54 ? 27  ILE A CD1 1 
ATOM   217  N  N   . ASP A 1 29  ? 7.662   5.440   -6.863  1.00 22.16 ? 28  ASP A N   1 
ATOM   218  C  CA  . ASP A 1 29  ? 8.677   4.985   -5.917  1.00 20.56 ? 28  ASP A CA  1 
ATOM   219  C  C   . ASP A 1 29  ? 8.257   3.833   -5.058  1.00 20.78 ? 28  ASP A C   1 
ATOM   220  O  O   . ASP A 1 29  ? 9.083   3.049   -4.600  1.00 21.79 ? 28  ASP A O   1 
ATOM   221  C  CB  . ASP A 1 29  ? 9.094   6.066   -4.969  1.00 24.76 ? 28  ASP A CB  1 
ATOM   222  C  CG  . ASP A 1 29  ? 9.793   7.314   -5.512  1.00 32.74 ? 28  ASP A CG  1 
ATOM   223  O  OD1 . ASP A 1 29  ? 10.557  7.188   -6.490  1.00 34.39 ? 28  ASP A OD1 1 
ATOM   224  O  OD2 . ASP A 1 29  ? 9.570   8.407   -4.941  1.00 34.20 ? 28  ASP A OD2 1 
ATOM   225  N  N   . LEU A 1 30  ? 6.963   3.679   -4.838  1.00 21.06 ? 29  LEU A N   1 
ATOM   226  C  CA  . LEU A 1 30  ? 6.452   2.568   -4.069  1.00 19.32 ? 29  LEU A CA  1 
ATOM   227  C  C   . LEU A 1 30  ? 6.689   1.309   -4.854  1.00 20.03 ? 29  LEU A C   1 
ATOM   228  O  O   . LEU A 1 30  ? 7.158   0.308   -4.300  1.00 16.90 ? 29  LEU A O   1 
ATOM   229  C  CB  . LEU A 1 30  ? 4.943   2.730   -3.795  1.00 23.26 ? 29  LEU A CB  1 
ATOM   230  C  CG  . LEU A 1 30  ? 4.204   1.660   -2.988  1.00 19.49 ? 29  LEU A CG  1 
ATOM   231  C  CD1 . LEU A 1 30  ? 4.699   1.677   -1.586  1.00 23.39 ? 29  LEU A CD1 1 
ATOM   232  C  CD2 . LEU A 1 30  ? 2.779   1.983   -2.787  1.00 19.99 ? 29  LEU A CD2 1 
ATOM   233  N  N   . TYR A 1 31  ? 6.410   1.329   -6.153  1.00 20.69 ? 30  TYR A N   1 
ATOM   234  C  CA  . TYR A 1 31  ? 6.606   0.131   -6.943  1.00 20.66 ? 30  TYR A CA  1 
ATOM   235  C  C   . TYR A 1 31  ? 8.061   -0.124  -7.165  1.00 22.31 ? 30  TYR A C   1 
ATOM   236  O  O   . TYR A 1 31  ? 8.469   -1.285  -7.222  1.00 26.43 ? 30  TYR A O   1 
ATOM   237  C  CB  . TYR A 1 31  ? 5.915   0.256   -8.256  1.00 21.85 ? 30  TYR A CB  1 
ATOM   238  C  CG  . TYR A 1 31  ? 4.461   -0.056  -8.017  1.00 24.84 ? 30  TYR A CG  1 
ATOM   239  C  CD1 . TYR A 1 31  ? 3.555   0.949   -7.635  1.00 27.58 ? 30  TYR A CD1 1 
ATOM   240  C  CD2 . TYR A 1 31  ? 4.040   -1.377  -8.133  1.00 24.15 ? 30  TYR A CD2 1 
ATOM   241  C  CE1 . TYR A 1 31  ? 2.227   0.604   -7.364  1.00 29.38 ? 30  TYR A CE1 1 
ATOM   242  C  CE2 . TYR A 1 31  ? 2.718   -1.701  -7.866  1.00 24.10 ? 30  TYR A CE2 1 
ATOM   243  C  CZ  . TYR A 1 31  ? 1.830   -0.722  -7.481  1.00 26.64 ? 30  TYR A CZ  1 
ATOM   244  O  OH  . TYR A 1 31  ? 0.546   -1.077  -7.169  1.00 28.15 ? 30  TYR A OH  1 
ATOM   245  N  N   . LYS A 1 32  ? 8.875   0.930   -7.237  1.00 24.88 ? 31  LYS A N   1 
ATOM   246  C  CA  . LYS A 1 32  ? 10.325  0.759   -7.249  1.00 24.99 ? 31  LYS A CA  1 
ATOM   247  C  C   . LYS A 1 32  ? 10.763  -0.031  -6.007  1.00 25.96 ? 31  LYS A C   1 
ATOM   248  O  O   . LYS A 1 32  ? 11.459  -1.051  -6.098  1.00 27.05 ? 31  LYS A O   1 
ATOM   249  C  CB  . LYS A 1 32  ? 11.006  2.100   -7.250  1.00 20.86 ? 31  LYS A CB  1 
ATOM   250  C  CG  . LYS A 1 32  ? 11.365  2.555   -8.622  1.00 22.86 ? 31  LYS A CG  1 
ATOM   251  C  CD  . LYS A 1 32  ? 12.170  3.806   -8.406  1.00 28.10 ? 31  LYS A CD  1 
ATOM   252  C  CE  . LYS A 1 32  ? 12.698  4.465   -9.682  1.00 34.32 ? 31  LYS A CE  1 
ATOM   253  N  NZ  . LYS A 1 32  ? 13.155  5.820   -9.374  1.00 33.09 ? 31  LYS A NZ  1 
ATOM   254  N  N   . HIS A 1 33  ? 10.294  0.355   -4.816  1.00 26.31 ? 32  HIS A N   1 
ATOM   255  C  CA  . HIS A 1 33  ? 10.645  -0.360  -3.589  1.00 25.07 ? 32  HIS A CA  1 
ATOM   256  C  C   . HIS A 1 33  ? 10.193  -1.802  -3.647  1.00 25.08 ? 32  HIS A C   1 
ATOM   257  O  O   . HIS A 1 33  ? 10.962  -2.695  -3.308  1.00 25.65 ? 32  HIS A O   1 
ATOM   258  C  CB  . HIS A 1 33  ? 10.005  0.332   -2.413  1.00 24.77 ? 32  HIS A CB  1 
ATOM   259  C  CG  . HIS A 1 33  ? 10.501  -0.247  -1.112  1.00 25.97 ? 32  HIS A CG  1 
ATOM   260  N  ND1 . HIS A 1 33  ? 9.781   -1.113  -0.310  1.00 28.18 ? 32  HIS A ND1 1 
ATOM   261  C  CD2 . HIS A 1 33  ? 11.762  -0.019  -0.591  1.00 26.65 ? 32  HIS A CD2 1 
ATOM   262  C  CE1 . HIS A 1 33  ? 10.614  -1.437  0.684   1.00 23.17 ? 32  HIS A CE1 1 
ATOM   263  N  NE2 . HIS A 1 33  ? 11.732  -0.827  0.551   1.00 28.24 ? 32  HIS A NE2 1 
ATOM   264  N  N   . MET A 1 34  ? 8.990   -2.129  -4.113  1.00 29.31 ? 33  MET A N   1 
ATOM   265  C  CA  . MET A 1 34  ? 8.674   -3.554  -4.138  1.00 33.89 ? 33  MET A CA  1 
ATOM   266  C  C   . MET A 1 34  ? 9.399   -4.327  -5.232  1.00 33.27 ? 33  MET A C   1 
ATOM   267  O  O   . MET A 1 34  ? 9.803   -5.458  -4.986  1.00 31.45 ? 33  MET A O   1 
ATOM   268  C  CB  . MET A 1 34  ? 7.150   -3.837  -4.273  1.00 35.68 ? 33  MET A CB  1 
ATOM   269  C  CG  . MET A 1 34  ? 6.202   -3.444  -5.374  1.00 35.46 ? 33  MET A CG  1 
ATOM   270  S  SD  . MET A 1 34  ? 4.708   -4.431  -5.126  1.00 31.62 ? 33  MET A SD  1 
ATOM   271  C  CE  . MET A 1 34  ? 5.362   -5.680  -6.160  1.00 32.60 ? 33  MET A CE  1 
ATOM   272  N  N   . PHE A 1 35  ? 9.677   -3.731  -6.391  1.00 32.59 ? 34  PHE A N   1 
ATOM   273  C  CA  . PHE A 1 35  ? 10.298  -4.485  -7.444  1.00 31.71 ? 34  PHE A CA  1 
ATOM   274  C  C   . PHE A 1 35  ? 11.745  -4.725  -7.102  1.00 30.71 ? 34  PHE A C   1 
ATOM   275  O  O   . PHE A 1 35  ? 12.151  -5.869  -7.214  1.00 35.61 ? 34  PHE A O   1 
ATOM   276  C  CB  . PHE A 1 35  ? 10.071  -3.715  -8.762  1.00 28.02 ? 34  PHE A CB  1 
ATOM   277  C  CG  . PHE A 1 35  ? 8.754   -4.147  -9.421  1.00 27.70 ? 34  PHE A CG  1 
ATOM   278  C  CD1 . PHE A 1 35  ? 7.553   -4.078  -8.738  1.00 29.34 ? 34  PHE A CD1 1 
ATOM   279  C  CD2 . PHE A 1 35  ? 8.752   -4.681  -10.701 1.00 28.22 ? 34  PHE A CD2 1 
ATOM   280  C  CE1 . PHE A 1 35  ? 6.389   -4.548  -9.318  1.00 29.00 ? 34  PHE A CE1 1 
ATOM   281  C  CE2 . PHE A 1 35  ? 7.579   -5.152  -11.277 1.00 29.01 ? 34  PHE A CE2 1 
ATOM   282  C  CZ  . PHE A 1 35  ? 6.394   -5.089  -10.586 1.00 28.44 ? 34  PHE A CZ  1 
ATOM   283  N  N   . GLU A 1 36  ? 12.511  -3.776  -6.565  1.00 33.42 ? 35  GLU A N   1 
ATOM   284  C  CA  . GLU A 1 36  ? 13.924  -3.963  -6.248  1.00 33.80 ? 35  GLU A CA  1 
ATOM   285  C  C   . GLU A 1 36  ? 14.051  -4.711  -4.925  1.00 34.11 ? 35  GLU A C   1 
ATOM   286  O  O   . GLU A 1 36  ? 15.080  -5.329  -4.672  1.00 37.51 ? 35  GLU A O   1 
ATOM   287  C  CB  . GLU A 1 36  ? 14.658  -2.579  -6.146  1.00 36.38 ? 35  GLU A CB  1 
ATOM   288  C  CG  . GLU A 1 36  ? 16.133  -2.361  -6.664  1.00 45.65 ? 35  GLU A CG  1 
ATOM   289  C  CD  . GLU A 1 36  ? 16.517  -2.195  -8.184  1.00 50.04 ? 35  GLU A CD  1 
ATOM   290  O  OE1 . GLU A 1 36  ? 15.885  -2.801  -9.063  1.00 53.18 ? 35  GLU A OE1 1 
ATOM   291  O  OE2 . GLU A 1 36  ? 17.480  -1.467  -8.508  1.00 47.93 ? 35  GLU A OE2 1 
ATOM   292  N  N   . ASN A 1 37  ? 13.107  -4.748  -4.002  1.00 31.52 ? 36  ASN A N   1 
ATOM   293  C  CA  . ASN A 1 37  ? 13.350  -5.461  -2.779  1.00 29.91 ? 36  ASN A CA  1 
ATOM   294  C  C   . ASN A 1 37  ? 12.440  -6.578  -2.438  1.00 31.15 ? 36  ASN A C   1 
ATOM   295  O  O   . ASN A 1 37  ? 12.609  -7.222  -1.400  1.00 30.85 ? 36  ASN A O   1 
ATOM   296  C  CB  . ASN A 1 37  ? 13.320  -4.565  -1.600  1.00 32.41 ? 36  ASN A CB  1 
ATOM   297  C  CG  . ASN A 1 37  ? 14.559  -3.725  -1.473  1.00 32.73 ? 36  ASN A CG  1 
ATOM   298  O  OD1 . ASN A 1 37  ? 14.522  -2.723  -0.786  1.00 40.58 ? 36  ASN A OD1 1 
ATOM   299  N  ND2 . ASN A 1 37  ? 15.679  -3.938  -2.142  1.00 37.28 ? 36  ASN A ND2 1 
ATOM   300  N  N   . TYR A 1 38  ? 11.400  -6.798  -3.203  1.00 28.40 ? 37  TYR A N   1 
ATOM   301  C  CA  . TYR A 1 38  ? 10.649  -7.986  -2.966  1.00 30.80 ? 37  TYR A CA  1 
ATOM   302  C  C   . TYR A 1 38  ? 10.494  -8.659  -4.322  1.00 34.05 ? 37  TYR A C   1 
ATOM   303  O  O   . TYR A 1 38  ? 9.372   -8.853  -4.770  1.00 31.99 ? 37  TYR A O   1 
ATOM   304  C  CB  . TYR A 1 38  ? 9.320   -7.610  -2.356  1.00 29.24 ? 37  TYR A CB  1 
ATOM   305  C  CG  . TYR A 1 38  ? 9.390   -7.074  -0.955  1.00 31.18 ? 37  TYR A CG  1 
ATOM   306  C  CD1 . TYR A 1 38  ? 9.899   -5.793  -0.706  1.00 30.38 ? 37  TYR A CD1 1 
ATOM   307  C  CD2 . TYR A 1 38  ? 8.944   -7.885  0.089   1.00 30.06 ? 37  TYR A CD2 1 
ATOM   308  C  CE1 . TYR A 1 38  ? 9.959   -5.322  0.601   1.00 29.77 ? 37  TYR A CE1 1 
ATOM   309  C  CE2 . TYR A 1 38  ? 8.995   -7.407  1.401   1.00 29.49 ? 37  TYR A CE2 1 
ATOM   310  C  CZ  . TYR A 1 38  ? 9.511   -6.138  1.637   1.00 28.25 ? 37  TYR A CZ  1 
ATOM   311  O  OH  . TYR A 1 38  ? 9.562   -5.678  2.932   1.00 24.85 ? 37  TYR A OH  1 
ATOM   312  N  N   . PRO A 1 39  ? 11.506  -9.143  -5.049  1.00 38.28 ? 38  PRO A N   1 
ATOM   313  C  CA  . PRO A 1 39  ? 11.344  -9.735  -6.379  1.00 39.63 ? 38  PRO A CA  1 
ATOM   314  C  C   . PRO A 1 39  ? 10.276  -10.812 -6.613  1.00 41.03 ? 38  PRO A C   1 
ATOM   315  O  O   . PRO A 1 39  ? 9.733   -10.912 -7.728  1.00 41.63 ? 38  PRO A O   1 
ATOM   316  C  CB  . PRO A 1 39  ? 12.731  -10.217 -6.715  1.00 40.36 ? 38  PRO A CB  1 
ATOM   317  C  CG  . PRO A 1 39  ? 13.589  -9.205  -6.017  1.00 40.41 ? 38  PRO A CG  1 
ATOM   318  C  CD  . PRO A 1 39  ? 12.907  -9.167  -4.661  1.00 39.75 ? 38  PRO A CD  1 
ATOM   319  N  N   . PRO A 1 40  ? 9.886   -11.650 -5.637  1.00 42.79 ? 39  PRO A N   1 
ATOM   320  C  CA  . PRO A 1 40  ? 8.787   -12.586 -5.789  1.00 43.96 ? 39  PRO A CA  1 
ATOM   321  C  C   . PRO A 1 40  ? 7.443   -11.972 -6.059  1.00 44.35 ? 39  PRO A C   1 
ATOM   322  O  O   . PRO A 1 40  ? 6.588   -12.627 -6.643  1.00 46.03 ? 39  PRO A O   1 
ATOM   323  C  CB  . PRO A 1 40  ? 8.784   -13.398 -4.521  1.00 46.35 ? 39  PRO A CB  1 
ATOM   324  C  CG  . PRO A 1 40  ? 9.644   -12.614 -3.554  1.00 45.58 ? 39  PRO A CG  1 
ATOM   325  C  CD  . PRO A 1 40  ? 10.691  -12.098 -4.501  1.00 45.90 ? 39  PRO A CD  1 
ATOM   326  N  N   . LEU A 1 41  ? 7.222   -10.718 -5.686  1.00 42.07 ? 40  LEU A N   1 
ATOM   327  C  CA  . LEU A 1 41  ? 5.926   -10.113 -5.878  1.00 38.87 ? 40  LEU A CA  1 
ATOM   328  C  C   . LEU A 1 41  ? 5.804   -9.613  -7.305  1.00 37.46 ? 40  LEU A C   1 
ATOM   329  O  O   . LEU A 1 41  ? 4.696   -9.452  -7.798  1.00 39.04 ? 40  LEU A O   1 
ATOM   330  C  CB  . LEU A 1 41  ? 5.751   -8.993  -4.825  1.00 34.80 ? 40  LEU A CB  1 
ATOM   331  C  CG  . LEU A 1 41  ? 5.464   -9.405  -3.356  1.00 34.51 ? 40  LEU A CG  1 
ATOM   332  C  CD1 . LEU A 1 41  ? 6.693   -9.996  -2.714  1.00 34.04 ? 40  LEU A CD1 1 
ATOM   333  C  CD2 . LEU A 1 41  ? 5.125   -8.182  -2.514  1.00 35.40 ? 40  LEU A CD2 1 
ATOM   334  N  N   . ARG A 1 42  ? 6.891   -9.478  -8.059  1.00 38.18 ? 41  ARG A N   1 
ATOM   335  C  CA  . ARG A 1 42  ? 6.874   -8.981  -9.435  1.00 38.50 ? 41  ARG A CA  1 
ATOM   336  C  C   . ARG A 1 42  ? 6.126   -9.929  -10.362 1.00 40.36 ? 41  ARG A C   1 
ATOM   337  O  O   . ARG A 1 42  ? 5.534   -9.508  -11.363 1.00 41.67 ? 41  ARG A O   1 
ATOM   338  C  CB  . ARG A 1 42  ? 8.268   -8.848  -10.002 1.00 38.59 ? 41  ARG A CB  1 
ATOM   339  C  CG  . ARG A 1 42  ? 9.136   -8.150  -9.014  1.00 46.76 ? 41  ARG A CG  1 
ATOM   340  C  CD  . ARG A 1 42  ? 10.598  -8.031  -9.342  1.00 53.34 ? 41  ARG A CD  1 
ATOM   341  N  NE  . ARG A 1 42  ? 11.206  -9.132  -10.061 1.00 61.65 ? 41  ARG A NE  1 
ATOM   342  C  CZ  . ARG A 1 42  ? 12.495  -9.026  -10.422 1.00 68.77 ? 41  ARG A CZ  1 
ATOM   343  N  NH1 . ARG A 1 42  ? 13.263  -7.987  -10.026 1.00 71.71 ? 41  ARG A NH1 1 
ATOM   344  N  NH2 . ARG A 1 42  ? 13.066  -10.003 -11.131 1.00 71.06 ? 41  ARG A NH2 1 
ATOM   345  N  N   . LYS A 1 43  ? 6.102   -11.215 -9.988  1.00 38.54 ? 42  LYS A N   1 
ATOM   346  C  CA  . LYS A 1 43  ? 5.485   -12.220 -10.806 1.00 38.49 ? 42  LYS A CA  1 
ATOM   347  C  C   . LYS A 1 43  ? 3.979   -11.999 -10.848 1.00 36.51 ? 42  LYS A C   1 
ATOM   348  O  O   . LYS A 1 43  ? 3.333   -12.357 -11.830 1.00 36.51 ? 42  LYS A O   1 
ATOM   349  C  CB  . LYS A 1 43  ? 5.856   -13.623 -10.252 1.00 41.96 ? 42  LYS A CB  1 
ATOM   350  C  CG  . LYS A 1 43  ? 5.166   -14.070 -8.964  1.00 46.92 ? 42  LYS A CG  1 
ATOM   351  C  CD  . LYS A 1 43  ? 5.580   -15.455 -8.465  1.00 49.53 ? 42  LYS A CD  1 
ATOM   352  C  CE  . LYS A 1 43  ? 4.806   -15.836 -7.180  1.00 51.01 ? 42  LYS A CE  1 
ATOM   353  N  NZ  . LYS A 1 43  ? 5.271   -15.178 -5.959  1.00 53.05 ? 42  LYS A NZ  1 
ATOM   354  N  N   . TYR A 1 44  ? 3.351   -11.357 -9.875  1.00 33.10 ? 43  TYR A N   1 
ATOM   355  C  CA  . TYR A 1 44  ? 1.925   -11.168 -10.007 1.00 32.82 ? 43  TYR A CA  1 
ATOM   356  C  C   . TYR A 1 44  ? 1.639   -10.087 -11.024 1.00 35.24 ? 43  TYR A C   1 
ATOM   357  O  O   . TYR A 1 44  ? 0.481   -9.884  -11.400 1.00 38.12 ? 43  TYR A O   1 
ATOM   358  C  CB  . TYR A 1 44  ? 1.347   -10.805 -8.678  1.00 31.80 ? 43  TYR A CB  1 
ATOM   359  C  CG  . TYR A 1 44  ? 1.515   -11.932 -7.675  1.00 34.96 ? 43  TYR A CG  1 
ATOM   360  C  CD1 . TYR A 1 44  ? 0.544   -12.927 -7.574  1.00 37.34 ? 43  TYR A CD1 1 
ATOM   361  C  CD2 . TYR A 1 44  ? 2.593   -11.918 -6.805  1.00 31.34 ? 43  TYR A CD2 1 
ATOM   362  C  CE1 . TYR A 1 44  ? 0.654   -13.903 -6.578  1.00 39.08 ? 43  TYR A CE1 1 
ATOM   363  C  CE2 . TYR A 1 44  ? 2.707   -12.887 -5.810  1.00 34.94 ? 43  TYR A CE2 1 
ATOM   364  C  CZ  . TYR A 1 44  ? 1.738   -13.878 -5.696  1.00 39.07 ? 43  TYR A CZ  1 
ATOM   365  O  OH  . TYR A 1 44  ? 1.841   -14.843 -4.699  1.00 44.63 ? 43  TYR A OH  1 
ATOM   366  N  N   . PHE A 1 45  ? 2.671   -9.398  -11.507 1.00 37.47 ? 44  PHE A N   1 
ATOM   367  C  CA  . PHE A 1 45  ? 2.594   -8.339  -12.501 1.00 41.47 ? 44  PHE A CA  1 
ATOM   368  C  C   . PHE A 1 45  ? 2.932   -8.811  -13.893 1.00 44.97 ? 44  PHE A C   1 
ATOM   369  O  O   . PHE A 1 45  ? 4.049   -8.639  -14.439 1.00 44.45 ? 44  PHE A O   1 
ATOM   370  C  CB  . PHE A 1 45  ? 3.496   -7.184  -12.109 1.00 41.45 ? 44  PHE A CB  1 
ATOM   371  C  CG  . PHE A 1 45  ? 2.881   -6.461  -10.932 1.00 43.19 ? 44  PHE A CG  1 
ATOM   372  C  CD1 . PHE A 1 45  ? 1.962   -5.441  -11.183 1.00 43.94 ? 44  PHE A CD1 1 
ATOM   373  C  CD2 . PHE A 1 45  ? 3.209   -6.812  -9.616  1.00 42.89 ? 44  PHE A CD2 1 
ATOM   374  C  CE1 . PHE A 1 45  ? 1.373   -4.761  -10.109 1.00 46.76 ? 44  PHE A CE1 1 
ATOM   375  C  CE2 . PHE A 1 45  ? 2.613   -6.129  -8.560  1.00 43.14 ? 44  PHE A CE2 1 
ATOM   376  C  CZ  . PHE A 1 45  ? 1.705   -5.104  -8.798  1.00 43.96 ? 44  PHE A CZ  1 
ATOM   377  N  N   . LYS A 1 46  ? 1.821   -9.430  -14.375 1.00 47.92 ? 45  LYS A N   1 
ATOM   378  C  CA  . LYS A 1 46  ? 1.685   -9.920  -15.791 1.00 51.34 ? 45  LYS A CA  1 
ATOM   379  C  C   . LYS A 1 46  ? 2.764   -9.696  -16.877 1.00 51.28 ? 45  LYS A C   1 
ATOM   380  O  O   . LYS A 1 46  ? 3.494   -10.708 -17.003 1.00 57.06 ? 45  LYS A O   1 
ATOM   381  C  CB  . LYS A 1 46  ? 0.347   -9.452  -16.399 1.00 54.01 ? 45  LYS A CB  1 
ATOM   382  C  CG  . LYS A 1 46  ? -0.229  -10.697 -17.094 1.00 56.97 ? 45  LYS A CG  1 
ATOM   383  C  CD  . LYS A 1 46  ? -0.385  -10.419 -18.571 1.00 62.03 ? 45  LYS A CD  1 
ATOM   384  C  CE  . LYS A 1 46  ? -1.764  -10.828 -19.062 1.00 65.05 ? 45  LYS A CE  1 
ATOM   385  N  NZ  . LYS A 1 46  ? -2.854  -10.152 -18.367 1.00 66.34 ? 45  LYS A NZ  1 
ATOM   386  N  N   . SER A 1 47  ? 3.081   -8.670  -17.722 1.00 46.15 ? 46  SER A N   1 
ATOM   387  C  CA  . SER A 1 47  ? 4.242   -8.930  -18.567 1.00 42.64 ? 46  SER A CA  1 
ATOM   388  C  C   . SER A 1 47  ? 5.288   -7.931  -18.150 1.00 43.11 ? 46  SER A C   1 
ATOM   389  O  O   . SER A 1 47  ? 6.073   -7.582  -19.020 1.00 40.13 ? 46  SER A O   1 
ATOM   390  C  CB  . SER A 1 47  ? 3.844   -8.728  -19.997 0.00 42.97 ? 46  SER A CB  1 
ATOM   391  O  OG  . SER A 1 47  ? 4.069   -10.040 -20.497 0.00 40.54 ? 46  SER A OG  1 
ATOM   392  N  N   . ARG A 1 48  ? 5.330   -7.575  -16.830 1.00 43.95 ? 47  ARG A N   1 
ATOM   393  C  CA  . ARG A 1 48  ? 6.358   -6.659  -16.240 1.00 42.93 ? 47  ARG A CA  1 
ATOM   394  C  C   . ARG A 1 48  ? 7.255   -7.350  -15.240 1.00 40.29 ? 47  ARG A C   1 
ATOM   395  O  O   . ARG A 1 48  ? 8.153   -6.823  -14.625 1.00 39.65 ? 47  ARG A O   1 
ATOM   396  C  CB  . ARG A 1 48  ? 5.593   -5.518  -15.588 1.00 41.62 ? 47  ARG A CB  1 
ATOM   397  C  CG  . ARG A 1 48  ? 4.963   -4.660  -16.652 1.00 40.93 ? 47  ARG A CG  1 
ATOM   398  C  CD  . ARG A 1 48  ? 4.023   -3.637  -16.104 1.00 43.71 ? 47  ARG A CD  1 
ATOM   399  N  NE  . ARG A 1 48  ? 3.533   -2.810  -17.190 1.00 43.66 ? 47  ARG A NE  1 
ATOM   400  C  CZ  . ARG A 1 48  ? 2.408   -3.087  -17.855 1.00 48.76 ? 47  ARG A CZ  1 
ATOM   401  N  NH1 . ARG A 1 48  ? 1.624   -4.152  -17.576 1.00 48.95 ? 47  ARG A NH1 1 
ATOM   402  N  NH2 . ARG A 1 48  ? 2.087   -2.252  -18.835 1.00 51.70 ? 47  ARG A NH2 1 
ATOM   403  N  N   . GLU A 1 49  ? 6.993   -8.647  -15.193 1.00 38.74 ? 48  GLU A N   1 
ATOM   404  C  CA  . GLU A 1 49  ? 7.669   -9.685  -14.349 1.00 37.59 ? 48  GLU A CA  1 
ATOM   405  C  C   . GLU A 1 49  ? 9.208   -9.643  -14.244 1.00 37.36 ? 48  GLU A C   1 
ATOM   406  O  O   . GLU A 1 49  ? 9.807   -10.183 -13.291 1.00 36.83 ? 48  GLU A O   1 
ATOM   407  C  CB  . GLU A 1 49  ? 7.343   -11.089 -14.854 1.00 36.03 ? 48  GLU A CB  1 
ATOM   408  C  CG  . GLU A 1 49  ? 5.973   -11.259 -15.484 1.00 35.06 ? 48  GLU A CG  1 
ATOM   409  C  CD  . GLU A 1 49  ? 5.986   -12.288 -16.595 1.00 36.37 ? 48  GLU A CD  1 
ATOM   410  O  OE1 . GLU A 1 49  ? 6.823   -12.207 -17.503 0.00 33.77 ? 48  GLU A OE1 1 
ATOM   411  O  OE2 . GLU A 1 49  ? 5.189   -13.239 -16.519 0.00 34.17 ? 48  GLU A OE2 1 
ATOM   412  N  N   . GLU A 1 50  ? 9.971   -9.190  -15.236 1.00 36.20 ? 49  GLU A N   1 
ATOM   413  C  CA  . GLU A 1 50  ? 11.401  -9.152  -14.975 1.00 37.47 ? 49  GLU A CA  1 
ATOM   414  C  C   . GLU A 1 50  ? 11.812  -7.689  -15.056 1.00 38.15 ? 49  GLU A C   1 
ATOM   415  O  O   . GLU A 1 50  ? 12.911  -7.338  -15.506 1.00 38.04 ? 49  GLU A O   1 
ATOM   416  C  CB  . GLU A 1 50  ? 12.006  -10.082 -16.022 1.00 38.76 ? 49  GLU A CB  1 
ATOM   417  C  CG  . GLU A 1 50  ? 11.767  -11.561 -15.688 1.00 35.94 ? 49  GLU A CG  1 
ATOM   418  C  CD  . GLU A 1 50  ? 11.787  -12.616 -16.804 0.00 32.83 ? 49  GLU A CD  1 
ATOM   419  O  OE1 . GLU A 1 50  ? 12.060  -12.325 -17.979 0.00 30.53 ? 49  GLU A OE1 1 
ATOM   420  O  OE2 . GLU A 1 50  ? 11.532  -13.774 -16.461 0.00 30.33 ? 49  GLU A OE2 1 
ATOM   421  N  N   . TYR A 1 51  ? 10.937  -6.819  -14.572 1.00 40.95 ? 50  TYR A N   1 
ATOM   422  C  CA  . TYR A 1 51  ? 11.256  -5.414  -14.443 1.00 40.23 ? 50  TYR A CA  1 
ATOM   423  C  C   . TYR A 1 51  ? 12.186  -5.135  -13.295 1.00 38.59 ? 50  TYR A C   1 
ATOM   424  O  O   . TYR A 1 51  ? 12.235  -5.833  -12.288 1.00 36.96 ? 50  TYR A O   1 
ATOM   425  C  CB  . TYR A 1 51  ? 10.089  -4.537  -14.140 1.00 41.02 ? 50  TYR A CB  1 
ATOM   426  C  CG  . TYR A 1 51  ? 9.374   -4.106  -15.378 1.00 42.50 ? 50  TYR A CG  1 
ATOM   427  C  CD1 . TYR A 1 51  ? 9.497   -4.748  -16.615 1.00 45.05 ? 50  TYR A CD1 1 
ATOM   428  C  CD2 . TYR A 1 51  ? 8.542   -3.017  -15.225 1.00 44.72 ? 50  TYR A CD2 1 
ATOM   429  C  CE1 . TYR A 1 51  ? 8.762   -4.281  -17.703 1.00 46.13 ? 50  TYR A CE1 1 
ATOM   430  C  CE2 . TYR A 1 51  ? 7.810   -2.545  -16.309 1.00 47.18 ? 50  TYR A CE2 1 
ATOM   431  C  CZ  . TYR A 1 51  ? 7.918   -3.183  -17.542 1.00 47.26 ? 50  TYR A CZ  1 
ATOM   432  O  OH  . TYR A 1 51  ? 7.148   -2.747  -18.598 1.00 45.31 ? 50  TYR A OH  1 
ATOM   433  N  N   . THR A 1 52  ? 12.967  -4.079  -13.514 1.00 39.12 ? 51  THR A N   1 
ATOM   434  C  CA  . THR A 1 52  ? 13.879  -3.523  -12.486 1.00 40.38 ? 51  THR A CA  1 
ATOM   435  C  C   . THR A 1 52  ? 13.234  -2.191  -12.062 1.00 41.05 ? 51  THR A C   1 
ATOM   436  O  O   . THR A 1 52  ? 12.310  -1.690  -12.779 1.00 38.70 ? 51  THR A O   1 
ATOM   437  C  CB  . THR A 1 52  ? 15.301  -3.197  -13.066 1.00 40.33 ? 51  THR A CB  1 
ATOM   438  O  OG1 . THR A 1 52  ? 15.185  -2.128  -14.016 0.00 40.03 ? 51  THR A OG1 1 
ATOM   439  C  CG2 . THR A 1 52  ? 15.884  -4.403  -13.784 0.00 40.17 ? 51  THR A CG2 1 
ATOM   440  N  N   . ALA A 1 53  ? 13.766  -1.564  -10.999 1.00 44.57 ? 52  ALA A N   1 
ATOM   441  C  CA  . ALA A 1 53  ? 13.295  -0.255  -10.549 1.00 48.47 ? 52  ALA A CA  1 
ATOM   442  C  C   . ALA A 1 53  ? 13.265  0.719   -11.719 1.00 51.21 ? 52  ALA A C   1 
ATOM   443  O  O   . ALA A 1 53  ? 12.315  1.485   -11.876 1.00 54.37 ? 52  ALA A O   1 
ATOM   444  C  CB  . ALA A 1 53  ? 14.222  0.328   -9.495  1.00 46.02 ? 52  ALA A CB  1 
ATOM   445  N  N   . GLU A 1 54  ? 14.273  0.551   -12.597 1.00 53.35 ? 53  GLU A N   1 
ATOM   446  C  CA  . GLU A 1 54  ? 14.500  1.338   -13.805 1.00 55.95 ? 53  GLU A CA  1 
ATOM   447  C  C   . GLU A 1 54  ? 13.351  1.283   -14.793 1.00 53.06 ? 53  GLU A C   1 
ATOM   448  O  O   . GLU A 1 54  ? 12.771  2.289   -15.223 1.00 52.69 ? 53  GLU A O   1 
ATOM   449  C  CB  . GLU A 1 54  ? 15.767  0.839   -14.506 1.00 62.90 ? 53  GLU A CB  1 
ATOM   450  C  CG  . GLU A 1 54  ? 16.982  1.745   -14.355 1.00 71.04 ? 53  GLU A CG  1 
ATOM   451  C  CD  . GLU A 1 54  ? 17.658  2.066   -15.699 1.00 77.45 ? 53  GLU A CD  1 
ATOM   452  O  OE1 . GLU A 1 54  ? 16.957  2.421   -16.658 1.00 78.84 ? 53  GLU A OE1 1 
ATOM   453  O  OE2 . GLU A 1 54  ? 18.890  1.968   -15.792 1.00 82.45 ? 53  GLU A OE2 1 
ATOM   454  N  N   . ASP A 1 55  ? 13.032  0.036   -15.124 1.00 51.29 ? 54  ASP A N   1 
ATOM   455  C  CA  . ASP A 1 55  ? 11.934  -0.251  -16.030 1.00 49.03 ? 54  ASP A CA  1 
ATOM   456  C  C   . ASP A 1 55  ? 10.668  0.284   -15.382 1.00 45.64 ? 54  ASP A C   1 
ATOM   457  O  O   . ASP A 1 55  ? 9.841   0.916   -16.038 1.00 44.70 ? 54  ASP A O   1 
ATOM   458  C  CB  . ASP A 1 55  ? 11.815  -1.745  -16.229 1.00 51.34 ? 54  ASP A CB  1 
ATOM   459  C  CG  . ASP A 1 55  ? 12.991  -2.418  -16.938 1.00 54.24 ? 54  ASP A CG  1 
ATOM   460  O  OD1 . ASP A 1 55  ? 14.157  -2.071  -16.703 1.00 52.54 ? 54  ASP A OD1 1 
ATOM   461  O  OD2 . ASP A 1 55  ? 12.719  -3.319  -17.730 1.00 58.03 ? 54  ASP A OD2 1 
ATOM   462  N  N   . VAL A 1 56  ? 10.562  0.123   -14.062 1.00 43.05 ? 55  VAL A N   1 
ATOM   463  C  CA  . VAL A 1 56  ? 9.388   0.586   -13.383 1.00 38.96 ? 55  VAL A CA  1 
ATOM   464  C  C   . VAL A 1 56  ? 9.388   2.104   -13.497 1.00 39.21 ? 55  VAL A C   1 
ATOM   465  O  O   . VAL A 1 56  ? 8.328   2.626   -13.833 1.00 38.58 ? 55  VAL A O   1 
ATOM   466  C  CB  . VAL A 1 56  ? 9.393   0.078   -11.918 1.00 34.37 ? 55  VAL A CB  1 
ATOM   467  C  CG1 . VAL A 1 56  ? 8.173   0.500   -11.136 1.00 30.47 ? 55  VAL A CG1 1 
ATOM   468  C  CG2 . VAL A 1 56  ? 9.231   -1.412  -11.943 1.00 32.19 ? 55  VAL A CG2 1 
ATOM   469  N  N   . GLN A 1 57  ? 10.485  2.864   -13.398 1.00 36.90 ? 56  GLN A N   1 
ATOM   470  C  CA  . GLN A 1 57  ? 10.377  4.311   -13.452 1.00 36.01 ? 56  GLN A CA  1 
ATOM   471  C  C   . GLN A 1 57  ? 9.808   4.836   -14.755 1.00 35.12 ? 56  GLN A C   1 
ATOM   472  O  O   . GLN A 1 57  ? 8.928   5.703   -14.735 1.00 38.88 ? 56  GLN A O   1 
ATOM   473  C  CB  . GLN A 1 57  ? 11.740  4.903   -13.208 1.00 39.28 ? 56  GLN A CB  1 
ATOM   474  C  CG  . GLN A 1 57  ? 11.933  6.417   -13.290 1.00 43.14 ? 56  GLN A CG  1 
ATOM   475  C  CD  . GLN A 1 57  ? 11.244  7.278   -12.243 1.00 44.48 ? 56  GLN A CD  1 
ATOM   476  O  OE1 . GLN A 1 57  ? 11.677  7.394   -11.107 1.00 48.28 ? 56  GLN A OE1 1 
ATOM   477  N  NE2 . GLN A 1 57  ? 10.133  7.931   -12.542 1.00 46.27 ? 56  GLN A NE2 1 
ATOM   478  N  N   . ASN A 1 58  ? 10.227  4.352   -15.926 1.00 34.34 ? 57  ASN A N   1 
ATOM   479  C  CA  . ASN A 1 58  ? 9.700   4.877   -17.229 1.00 33.80 ? 57  ASN A CA  1 
ATOM   480  C  C   . ASN A 1 58  ? 8.410   4.223   -17.771 1.00 32.37 ? 57  ASN A C   1 
ATOM   481  O  O   . ASN A 1 58  ? 7.952   4.653   -18.860 1.00 31.89 ? 57  ASN A O   1 
ATOM   482  C  CB  . ASN A 1 58  ? 10.791  4.766   -18.382 1.00 33.49 ? 57  ASN A CB  1 
ATOM   483  C  CG  . ASN A 1 58  ? 11.180  6.065   -19.065 0.00 31.31 ? 57  ASN A CG  1 
ATOM   484  O  OD1 . ASN A 1 58  ? 12.269  6.589   -18.853 0.00 30.20 ? 57  ASN A OD1 1 
ATOM   485  N  ND2 . ASN A 1 58  ? 10.352  6.618   -19.930 0.00 29.88 ? 57  ASN A ND2 1 
ATOM   486  N  N   . ASP A 1 59  ? 7.765   3.215   -17.163 1.00 30.13 ? 58  ASP A N   1 
ATOM   487  C  CA  . ASP A 1 59  ? 6.552   2.719   -17.760 1.00 30.64 ? 58  ASP A CA  1 
ATOM   488  C  C   . ASP A 1 59  ? 5.412   3.538   -17.220 1.00 31.22 ? 58  ASP A C   1 
ATOM   489  O  O   . ASP A 1 59  ? 5.125   3.412   -16.040 1.00 34.75 ? 58  ASP A O   1 
ATOM   490  C  CB  . ASP A 1 59  ? 6.355   1.281   -17.400 1.00 29.91 ? 58  ASP A CB  1 
ATOM   491  C  CG  . ASP A 1 59  ? 5.242   0.578   -18.178 1.00 35.67 ? 58  ASP A CG  1 
ATOM   492  O  OD1 . ASP A 1 59  ? 4.281   1.189   -18.657 1.00 39.65 ? 58  ASP A OD1 1 
ATOM   493  O  OD2 . ASP A 1 59  ? 5.318   -0.642  -18.309 1.00 38.46 ? 58  ASP A OD2 1 
ATOM   494  N  N   . PRO A 1 60  ? 4.586   4.238   -17.993 1.00 31.75 ? 59  PRO A N   1 
ATOM   495  C  CA  . PRO A 1 60  ? 3.432   4.976   -17.493 1.00 29.99 ? 59  PRO A CA  1 
ATOM   496  C  C   . PRO A 1 60  ? 2.447   4.176   -16.654 1.00 31.99 ? 59  PRO A C   1 
ATOM   497  O  O   . PRO A 1 60  ? 1.597   4.734   -15.962 1.00 33.51 ? 59  PRO A O   1 
ATOM   498  C  CB  . PRO A 1 60  ? 2.743   5.533   -18.697 1.00 28.54 ? 59  PRO A CB  1 
ATOM   499  C  CG  . PRO A 1 60  ? 3.868   5.595   -19.647 1.00 32.59 ? 59  PRO A CG  1 
ATOM   500  C  CD  . PRO A 1 60  ? 4.658   4.332   -19.435 1.00 28.98 ? 59  PRO A CD  1 
ATOM   501  N  N   . PHE A 1 61  ? 2.484   2.854   -16.685 1.00 32.16 ? 60  PHE A N   1 
ATOM   502  C  CA  . PHE A 1 61  ? 1.547   2.039   -15.938 1.00 30.94 ? 60  PHE A CA  1 
ATOM   503  C  C   . PHE A 1 61  ? 1.745   2.151   -14.434 1.00 30.83 ? 60  PHE A C   1 
ATOM   504  O  O   . PHE A 1 61  ? 0.769   2.104   -13.665 1.00 32.22 ? 60  PHE A O   1 
ATOM   505  C  CB  . PHE A 1 61  ? 1.701   0.584   -16.381 1.00 32.67 ? 60  PHE A CB  1 
ATOM   506  C  CG  . PHE A 1 61  ? 1.029   -0.469  -15.485 1.00 36.66 ? 60  PHE A CG  1 
ATOM   507  C  CD1 . PHE A 1 61  ? -0.332  -0.759  -15.660 1.00 37.60 ? 60  PHE A CD1 1 
ATOM   508  C  CD2 . PHE A 1 61  ? 1.770   -1.163  -14.508 1.00 37.20 ? 60  PHE A CD2 1 
ATOM   509  C  CE1 . PHE A 1 61  ? -0.932  -1.739  -14.858 1.00 38.84 ? 60  PHE A CE1 1 
ATOM   510  C  CE2 . PHE A 1 61  ? 1.155   -2.137  -13.717 1.00 35.24 ? 60  PHE A CE2 1 
ATOM   511  C  CZ  . PHE A 1 61  ? -0.194  -2.416  -13.884 1.00 36.08 ? 60  PHE A CZ  1 
ATOM   512  N  N   . PHE A 1 62  ? 2.987   2.265   -13.970 1.00 27.79 ? 61  PHE A N   1 
ATOM   513  C  CA  . PHE A 1 62  ? 3.196   2.320   -12.547 1.00 26.49 ? 61  PHE A CA  1 
ATOM   514  C  C   . PHE A 1 62  ? 2.843   3.687   -11.970 1.00 26.19 ? 61  PHE A C   1 
ATOM   515  O  O   . PHE A 1 62  ? 2.499   3.769   -10.779 1.00 25.14 ? 61  PHE A O   1 
ATOM   516  C  CB  . PHE A 1 62  ? 4.629   1.941   -12.235 1.00 26.73 ? 61  PHE A CB  1 
ATOM   517  C  CG  . PHE A 1 62  ? 4.843   0.445   -12.404 1.00 26.80 ? 61  PHE A CG  1 
ATOM   518  C  CD1 . PHE A 1 62  ? 4.197   -0.454  -11.542 1.00 26.37 ? 61  PHE A CD1 1 
ATOM   519  C  CD2 . PHE A 1 62  ? 5.673   -0.016  -13.428 1.00 24.11 ? 61  PHE A CD2 1 
ATOM   520  C  CE1 . PHE A 1 62  ? 4.394   -1.819  -11.711 1.00 27.99 ? 61  PHE A CE1 1 
ATOM   521  C  CE2 . PHE A 1 62  ? 5.861   -1.381  -13.586 1.00 26.23 ? 61  PHE A CE2 1 
ATOM   522  C  CZ  . PHE A 1 62  ? 5.226   -2.286  -12.732 1.00 29.21 ? 61  PHE A CZ  1 
ATOM   523  N  N   . ALA A 1 63  ? 2.831   4.734   -12.809 1.00 23.54 ? 62  ALA A N   1 
ATOM   524  C  CA  . ALA A 1 63  ? 2.383   6.031   -12.361 1.00 22.63 ? 62  ALA A CA  1 
ATOM   525  C  C   . ALA A 1 63  ? 0.877   5.892   -12.022 1.00 24.85 ? 62  ALA A C   1 
ATOM   526  O  O   . ALA A 1 63  ? 0.412   6.267   -10.944 1.00 25.92 ? 62  ALA A O   1 
ATOM   527  C  CB  . ALA A 1 63  ? 2.621   7.005   -13.480 1.00 19.41 ? 62  ALA A CB  1 
ATOM   528  N  N   . LYS A 1 64  ? 0.050   5.253   -12.841 1.00 26.69 ? 63  LYS A N   1 
ATOM   529  C  CA  . LYS A 1 64  ? -1.378  5.098   -12.548 1.00 29.27 ? 63  LYS A CA  1 
ATOM   530  C  C   . LYS A 1 64  ? -1.652  4.098   -11.394 1.00 26.51 ? 63  LYS A C   1 
ATOM   531  O  O   . LYS A 1 64  ? -2.395  4.356   -10.425 1.00 21.96 ? 63  LYS A O   1 
ATOM   532  C  CB  . LYS A 1 64  ? -2.056  4.674   -13.881 1.00 36.40 ? 63  LYS A CB  1 
ATOM   533  C  CG  . LYS A 1 64  ? -3.586  4.631   -13.940 1.00 45.39 ? 63  LYS A CG  1 
ATOM   534  C  CD  . LYS A 1 64  ? -4.312  5.708   -14.776 1.00 51.79 ? 63  LYS A CD  1 
ATOM   535  C  CE  . LYS A 1 64  ? -5.751  5.829   -14.258 1.00 54.52 ? 63  LYS A CE  1 
ATOM   536  N  NZ  . LYS A 1 64  ? -6.467  4.557   -14.182 1.00 56.74 ? 63  LYS A NZ  1 
ATOM   537  N  N   . GLN A 1 65  ? -0.949  2.966   -11.466 1.00 25.47 ? 64  GLN A N   1 
ATOM   538  C  CA  . GLN A 1 65  ? -1.093  1.944   -10.471 1.00 24.32 ? 64  GLN A CA  1 
ATOM   539  C  C   . GLN A 1 65  ? -0.666  2.407   -9.081  1.00 23.97 ? 64  GLN A C   1 
ATOM   540  O  O   . GLN A 1 65  ? -1.337  2.125   -8.075  1.00 23.59 ? 64  GLN A O   1 
ATOM   541  C  CB  . GLN A 1 65  ? -0.302  0.754   -10.956 1.00 20.55 ? 64  GLN A CB  1 
ATOM   542  C  CG  . GLN A 1 65  ? -0.404  -0.426  -10.043 1.00 23.68 ? 64  GLN A CG  1 
ATOM   543  C  CD  . GLN A 1 65  ? -1.814  -0.750  -9.609  1.00 27.38 ? 64  GLN A CD  1 
ATOM   544  O  OE1 . GLN A 1 65  ? -2.763  -0.591  -10.368 1.00 33.11 ? 64  GLN A OE1 1 
ATOM   545  N  NE2 . GLN A 1 65  ? -2.056  -1.204  -8.396  1.00 29.53 ? 64  GLN A NE2 1 
ATOM   546  N  N   . GLY A 1 66  ? 0.391   3.205   -9.040  1.00 22.03 ? 65  GLY A N   1 
ATOM   547  C  CA  . GLY A 1 66  ? 0.909   3.734   -7.816  1.00 17.61 ? 65  GLY A CA  1 
ATOM   548  C  C   . GLY A 1 66  ? -0.105  4.624   -7.184  1.00 17.50 ? 65  GLY A C   1 
ATOM   549  O  O   . GLY A 1 66  ? -0.308  4.578   -5.968  1.00 18.99 ? 65  GLY A O   1 
ATOM   550  N  N   . GLN A 1 67  ? -0.802  5.387   -8.011  1.00 17.52 ? 66  GLN A N   1 
ATOM   551  C  CA  . GLN A 1 67  ? -1.872  6.154   -7.463  1.00 22.63 ? 66  GLN A CA  1 
ATOM   552  C  C   . GLN A 1 67  ? -3.020  5.311   -6.995  1.00 22.86 ? 66  GLN A C   1 
ATOM   553  O  O   . GLN A 1 67  ? -3.549  5.618   -5.931  1.00 25.30 ? 66  GLN A O   1 
ATOM   554  C  CB  . GLN A 1 67  ? -2.325  7.131   -8.474  1.00 28.39 ? 66  GLN A CB  1 
ATOM   555  C  CG  . GLN A 1 67  ? -1.256  8.222   -8.450  1.00 36.97 ? 66  GLN A CG  1 
ATOM   556  C  CD  . GLN A 1 67  ? -1.215  8.927   -7.087  1.00 40.27 ? 66  GLN A CD  1 
ATOM   557  O  OE1 . GLN A 1 67  ? -2.211  9.553   -6.724  1.00 44.96 ? 66  GLN A OE1 1 
ATOM   558  N  NE2 . GLN A 1 67  ? -0.150  8.869   -6.275  1.00 37.74 ? 66  GLN A NE2 1 
ATOM   559  N  N   . LYS A 1 68  ? -3.366  4.223   -7.676  1.00 22.79 ? 67  LYS A N   1 
ATOM   560  C  CA  . LYS A 1 68  ? -4.427  3.341   -7.167  1.00 22.08 ? 67  LYS A CA  1 
ATOM   561  C  C   . LYS A 1 68  ? -4.080  2.748   -5.824  1.00 20.03 ? 67  LYS A C   1 
ATOM   562  O  O   . LYS A 1 68  ? -4.897  2.846   -4.897  1.00 21.45 ? 67  LYS A O   1 
ATOM   563  C  CB  . LYS A 1 68  ? -4.753  2.165   -8.113  1.00 18.25 ? 67  LYS A CB  1 
ATOM   564  C  CG  . LYS A 1 68  ? -5.491  2.711   -9.348  1.00 18.38 ? 67  LYS A CG  1 
ATOM   565  C  CD  . LYS A 1 68  ? -5.858  1.552   -10.268 1.00 23.92 ? 67  LYS A CD  1 
ATOM   566  C  CE  . LYS A 1 68  ? -6.483  1.974   -11.624 1.00 26.40 ? 67  LYS A CE  1 
ATOM   567  N  NZ  . LYS A 1 68  ? -6.622  0.830   -12.540 1.00 26.26 ? 67  LYS A NZ  1 
ATOM   568  N  N   . ILE A 1 69  ? -2.884  2.228   -5.629  1.00 17.25 ? 68  ILE A N   1 
ATOM   569  C  CA  . ILE A 1 69  ? -2.587  1.690   -4.340  1.00 16.05 ? 68  ILE A CA  1 
ATOM   570  C  C   . ILE A 1 69  ? -2.325  2.815   -3.341  1.00 17.23 ? 68  ILE A C   1 
ATOM   571  O  O   . ILE A 1 69  ? -2.688  2.613   -2.191  1.00 16.03 ? 68  ILE A O   1 
ATOM   572  C  CB  . ILE A 1 69  ? -1.379  0.719   -4.438  1.00 18.98 ? 68  ILE A CB  1 
ATOM   573  C  CG1 . ILE A 1 69  ? -1.115  0.063   -3.098  1.00 15.19 ? 68  ILE A CG1 1 
ATOM   574  C  CG2 . ILE A 1 69  ? -0.146  1.493   -4.896  1.00 21.37 ? 68  ILE A CG2 1 
ATOM   575  C  CD1 . ILE A 1 69  ? -0.140  -1.093  -3.235  1.00 18.53 ? 68  ILE A CD1 1 
ATOM   576  N  N   . LEU A 1 70  ? -1.770  3.994   -3.621  1.00 15.95 ? 69  LEU A N   1 
ATOM   577  C  CA  . LEU A 1 70  ? -1.559  4.945   -2.560  1.00 13.46 ? 69  LEU A CA  1 
ATOM   578  C  C   . LEU A 1 70  ? -2.895  5.427   -2.109  1.00 14.13 ? 69  LEU A C   1 
ATOM   579  O  O   . LEU A 1 70  ? -3.077  5.560   -0.892  1.00 14.55 ? 69  LEU A O   1 
ATOM   580  C  CB  . LEU A 1 70  ? -0.733  6.125   -3.007  1.00 14.79 ? 69  LEU A CB  1 
ATOM   581  C  CG  . LEU A 1 70  ? 0.793   6.067   -2.834  1.00 15.78 ? 69  LEU A CG  1 
ATOM   582  C  CD1 . LEU A 1 70  ? 1.340   7.444   -3.186  1.00 16.14 ? 69  LEU A CD1 1 
ATOM   583  C  CD2 . LEU A 1 70  ? 1.215   5.770   -1.401  1.00 12.02 ? 69  LEU A CD2 1 
ATOM   584  N  N   . LEU A 1 71  ? -3.878  5.626   -2.987  1.00 13.28 ? 70  LEU A N   1 
ATOM   585  C  CA  . LEU A 1 71  ? -5.213  5.992   -2.539  1.00 11.31 ? 70  LEU A CA  1 
ATOM   586  C  C   . LEU A 1 71  ? -5.792  4.904   -1.635  1.00 15.44 ? 70  LEU A C   1 
ATOM   587  O  O   . LEU A 1 71  ? -6.323  5.248   -0.567  1.00 19.56 ? 70  LEU A O   1 
ATOM   588  C  CB  . LEU A 1 71  ? -6.152  6.182   -3.674  1.00 8.54  ? 70  LEU A CB  1 
ATOM   589  C  CG  . LEU A 1 71  ? -7.595  6.560   -3.365  1.00 9.96  ? 70  LEU A CG  1 
ATOM   590  C  CD1 . LEU A 1 71  ? -7.706  7.718   -2.413  1.00 8.05  ? 70  LEU A CD1 1 
ATOM   591  C  CD2 . LEU A 1 71  ? -8.246  6.827   -4.667  1.00 10.29 ? 70  LEU A CD2 1 
ATOM   592  N  N   . ALA A 1 72  ? -5.698  3.608   -1.943  1.00 14.80 ? 71  ALA A N   1 
ATOM   593  C  CA  . ALA A 1 72  ? -6.228  2.580   -1.040  1.00 14.59 ? 71  ALA A CA  1 
ATOM   594  C  C   . ALA A 1 72  ? -5.600  2.570   0.361   1.00 12.61 ? 71  ALA A C   1 
ATOM   595  O  O   . ALA A 1 72  ? -6.354  2.388   1.300   1.00 13.82 ? 71  ALA A O   1 
ATOM   596  C  CB  . ALA A 1 72  ? -6.072  1.190   -1.648  1.00 11.52 ? 71  ALA A CB  1 
ATOM   597  N  N   . CYS A 1 73  ? -4.334  2.890   0.588   1.00 10.88 ? 72  CYS A N   1 
ATOM   598  C  CA  . CYS A 1 73  ? -3.775  3.021   1.926   1.00 12.39 ? 72  CYS A CA  1 
ATOM   599  C  C   . CYS A 1 73  ? -4.323  4.253   2.605   1.00 14.09 ? 72  CYS A C   1 
ATOM   600  O  O   . CYS A 1 73  ? -4.612  4.204   3.794   1.00 16.75 ? 72  CYS A O   1 
ATOM   601  C  CB  . CYS A 1 73  ? -2.282  3.164   1.906   1.00 12.62 ? 72  CYS A CB  1 
ATOM   602  S  SG  . CYS A 1 73  ? -1.529  1.621   1.344   1.00 18.70 ? 72  CYS A SG  1 
ATOM   603  N  N   . HIS A 1 74  ? -4.522  5.353   1.892   1.00 10.50 ? 73  HIS A N   1 
ATOM   604  C  CA  . HIS A 1 74  ? -5.097  6.492   2.511   1.00 10.02 ? 73  HIS A CA  1 
ATOM   605  C  C   . HIS A 1 74  ? -6.529  6.189   2.874   1.00 10.96 ? 73  HIS A C   1 
ATOM   606  O  O   . HIS A 1 74  ? -6.979  6.638   3.924   1.00 12.46 ? 73  HIS A O   1 
ATOM   607  C  CB  . HIS A 1 74  ? -5.071  7.681   1.587   1.00 12.35 ? 73  HIS A CB  1 
ATOM   608  C  CG  . HIS A 1 74  ? -3.704  8.249   1.337   1.00 12.53 ? 73  HIS A CG  1 
ATOM   609  N  ND1 . HIS A 1 74  ? -2.579  7.582   0.831   1.00 13.37 ? 73  HIS A ND1 1 
ATOM   610  C  CD2 . HIS A 1 74  ? -3.453  9.591   1.566   1.00 11.40 ? 73  HIS A CD2 1 
ATOM   611  C  CE1 . HIS A 1 74  ? -1.654  8.552   0.699   1.00 7.30  ? 73  HIS A CE1 1 
ATOM   612  N  NE2 . HIS A 1 74  ? -2.119  9.705   1.129   1.00 12.62 ? 73  HIS A NE2 1 
ATOM   613  N  N   . VAL A 1 75  ? -7.294  5.447   2.078   1.00 11.31 ? 74  VAL A N   1 
ATOM   614  C  CA  . VAL A 1 75  ? -8.675  5.144   2.429   1.00 9.42  ? 74  VAL A CA  1 
ATOM   615  C  C   . VAL A 1 75  ? -8.712  4.164   3.603   1.00 14.06 ? 74  VAL A C   1 
ATOM   616  O  O   . VAL A 1 75  ? -9.561  4.311   4.498   1.00 15.09 ? 74  VAL A O   1 
ATOM   617  C  CB  . VAL A 1 75  ? -9.395  4.564   1.213   1.00 10.50 ? 74  VAL A CB  1 
ATOM   618  C  CG1 . VAL A 1 75  ? -10.786 4.158   1.636   1.00 6.21  ? 74  VAL A CG1 1 
ATOM   619  C  CG2 . VAL A 1 75  ? -9.530  5.599   0.057   1.00 8.40  ? 74  VAL A CG2 1 
ATOM   620  N  N   . LEU A 1 76  ? -7.811  3.172   3.725   1.00 14.64 ? 75  LEU A N   1 
ATOM   621  C  CA  . LEU A 1 76  ? -7.930  2.223   4.835   1.00 13.78 ? 75  LEU A CA  1 
ATOM   622  C  C   . LEU A 1 76  ? -7.632  2.889   6.131   1.00 13.01 ? 75  LEU A C   1 
ATOM   623  O  O   . LEU A 1 76  ? -8.288  2.560   7.100   1.00 15.10 ? 75  LEU A O   1 
ATOM   624  C  CB  . LEU A 1 76  ? -6.997  1.041   4.727   1.00 7.92  ? 75  LEU A CB  1 
ATOM   625  C  CG  . LEU A 1 76  ? -7.339  -0.046  3.720   1.00 13.89 ? 75  LEU A CG  1 
ATOM   626  C  CD1 . LEU A 1 76  ? -6.049  -0.741  3.304   1.00 11.57 ? 75  LEU A CD1 1 
ATOM   627  C  CD2 . LEU A 1 76  ? -8.347  -1.037  4.301   1.00 7.33  ? 75  LEU A CD2 1 
ATOM   628  N  N   . CYS A 1 77  ? -6.748  3.859   6.287   1.00 14.70 ? 76  CYS A N   1 
ATOM   629  C  CA  . CYS A 1 77  ? -6.655  4.426   7.617   1.00 18.10 ? 76  CYS A CA  1 
ATOM   630  C  C   . CYS A 1 77  ? -7.637  5.574   7.878   1.00 13.33 ? 76  CYS A C   1 
ATOM   631  O  O   . CYS A 1 77  ? -7.909  5.828   9.042   1.00 13.88 ? 76  CYS A O   1 
ATOM   632  C  CB  . CYS A 1 77  ? -5.158  4.765   7.830   1.00 25.40 ? 76  CYS A CB  1 
ATOM   633  S  SG  . CYS A 1 77  ? -4.602  6.178   6.940   1.00 40.18 ? 76  CYS A SG  1 
ATOM   634  N  N   . ALA A 1 78  ? -8.255  6.261   6.909   1.00 11.95 ? 77  ALA A N   1 
ATOM   635  C  CA  . ALA A 1 78  ? -9.321  7.229   7.194   1.00 13.09 ? 77  ALA A CA  1 
ATOM   636  C  C   . ALA A 1 78  ? -10.600 6.475   7.559   1.00 13.81 ? 77  ALA A C   1 
ATOM   637  O  O   . ALA A 1 78  ? -11.470 7.009   8.227   1.00 15.91 ? 77  ALA A O   1 
ATOM   638  C  CB  . ALA A 1 78  ? -9.563  8.054   5.978   1.00 8.79  ? 77  ALA A CB  1 
ATOM   639  N  N   . THR A 1 79  ? -10.814 5.215   7.177   1.00 15.50 ? 78  THR A N   1 
ATOM   640  C  CA  . THR A 1 79  ? -11.980 4.440   7.577   1.00 14.97 ? 78  THR A CA  1 
ATOM   641  C  C   . THR A 1 79  ? -11.725 3.536   8.778   1.00 14.08 ? 78  THR A C   1 
ATOM   642  O  O   . THR A 1 79  ? -12.624 2.815   9.174   1.00 14.33 ? 78  THR A O   1 
ATOM   643  C  CB  . THR A 1 79  ? -12.490 3.551   6.407   1.00 11.16 ? 78  THR A CB  1 
ATOM   644  O  OG1 . THR A 1 79  ? -11.395 2.729   6.082   1.00 13.81 ? 78  THR A OG1 1 
ATOM   645  C  CG2 . THR A 1 79  ? -12.935 4.302   5.164   1.00 6.17  ? 78  THR A CG2 1 
ATOM   646  N  N   . TYR A 1 80  ? -10.584 3.587   9.436   1.00 10.85 ? 79  TYR A N   1 
ATOM   647  C  CA  . TYR A 1 80  ? -10.279 2.719   10.519  1.00 9.80  ? 79  TYR A CA  1 
ATOM   648  C  C   . TYR A 1 80  ? -11.166 2.922   11.727  1.00 13.34 ? 79  TYR A C   1 
ATOM   649  O  O   . TYR A 1 80  ? -11.538 1.969   12.433  1.00 15.61 ? 79  TYR A O   1 
ATOM   650  C  CB  . TYR A 1 80  ? -8.771  2.908   10.888  1.00 14.82 ? 79  TYR A CB  1 
ATOM   651  C  CG  . TYR A 1 80  ? -8.340  1.836   11.872  1.00 15.03 ? 79  TYR A CG  1 
ATOM   652  C  CD1 . TYR A 1 80  ? -8.373  0.466   11.525  1.00 17.02 ? 79  TYR A CD1 1 
ATOM   653  C  CD2 . TYR A 1 80  ? -7.942  2.225   13.157  1.00 16.39 ? 79  TYR A CD2 1 
ATOM   654  C  CE1 . TYR A 1 80  ? -8.028  -0.531  12.445  1.00 12.32 ? 79  TYR A CE1 1 
ATOM   655  C  CE2 . TYR A 1 80  ? -7.594  1.220   14.076  1.00 16.67 ? 79  TYR A CE2 1 
ATOM   656  C  CZ  . TYR A 1 80  ? -7.643  -0.130  13.722  1.00 16.24 ? 79  TYR A CZ  1 
ATOM   657  O  OH  . TYR A 1 80  ? -7.316  -1.057  14.688  1.00 19.20 ? 79  TYR A OH  1 
ATOM   658  N  N   . ASP A 1 81  ? -11.582 4.155   12.005  1.00 16.22 ? 80  ASP A N   1 
ATOM   659  C  CA  . ASP A 1 81  ? -12.397 4.344   13.189  1.00 17.71 ? 80  ASP A CA  1 
ATOM   660  C  C   . ASP A 1 81  ? -13.823 3.827   13.011  1.00 19.80 ? 80  ASP A C   1 
ATOM   661  O  O   . ASP A 1 81  ? -14.550 3.804   13.983  1.00 21.64 ? 80  ASP A O   1 
ATOM   662  C  CB  . ASP A 1 81  ? -12.357 5.851   13.597  1.00 18.04 ? 80  ASP A CB  1 
ATOM   663  C  CG  . ASP A 1 81  ? -12.869 6.905   12.611  1.00 21.82 ? 80  ASP A CG  1 
ATOM   664  O  OD1 . ASP A 1 81  ? -12.869 6.612   11.421  1.00 15.79 ? 80  ASP A OD1 1 
ATOM   665  O  OD2 . ASP A 1 81  ? -13.227 8.016   13.021  1.00 24.42 ? 80  ASP A OD2 1 
ATOM   666  N  N   . ASP A 1 82  ? -14.305 3.379   11.851  1.00 19.40 ? 81  ASP A N   1 
ATOM   667  C  CA  . ASP A 1 82  ? -15.618 2.767   11.681  1.00 18.08 ? 81  ASP A CA  1 
ATOM   668  C  C   . ASP A 1 82  ? -15.256 1.410   11.089  1.00 18.05 ? 81  ASP A C   1 
ATOM   669  O  O   . ASP A 1 82  ? -15.045 1.210   9.883   1.00 16.35 ? 81  ASP A O   1 
ATOM   670  C  CB  . ASP A 1 82  ? -16.507 3.546   10.679  1.00 21.82 ? 81  ASP A CB  1 
ATOM   671  C  CG  . ASP A 1 82  ? -17.890 2.976   10.358  1.00 25.24 ? 81  ASP A CG  1 
ATOM   672  O  OD1 . ASP A 1 82  ? -18.571 2.410   11.207  1.00 33.20 ? 81  ASP A OD1 1 
ATOM   673  O  OD2 . ASP A 1 82  ? -18.312 3.121   9.234   1.00 30.36 ? 81  ASP A OD2 1 
ATOM   674  N  N   . ARG A 1 83  ? -15.189 0.433   11.964  1.00 16.72 ? 82  ARG A N   1 
ATOM   675  C  CA  . ARG A 1 83  ? -14.810 -0.868  11.523  1.00 18.78 ? 82  ARG A CA  1 
ATOM   676  C  C   . ARG A 1 83  ? -15.712 -1.498  10.494  1.00 19.90 ? 82  ARG A C   1 
ATOM   677  O  O   . ARG A 1 83  ? -15.191 -2.323  9.737   1.00 23.29 ? 82  ARG A O   1 
ATOM   678  C  CB  . ARG A 1 83  ? -14.700 -1.810  12.704  1.00 20.94 ? 82  ARG A CB  1 
ATOM   679  C  CG  . ARG A 1 83  ? -13.328 -1.691  13.381  1.00 29.05 ? 82  ARG A CG  1 
ATOM   680  C  CD  . ARG A 1 83  ? -12.145 -2.003  12.426  1.00 28.59 ? 82  ARG A CD  1 
ATOM   681  N  NE  . ARG A 1 83  ? -12.079 -3.371  11.880  1.00 27.06 ? 82  ARG A NE  1 
ATOM   682  C  CZ  . ARG A 1 83  ? -11.238 -4.293  12.368  1.00 22.32 ? 82  ARG A CZ  1 
ATOM   683  N  NH1 . ARG A 1 83  ? -10.457 -4.001  13.384  1.00 19.39 ? 82  ARG A NH1 1 
ATOM   684  N  NH2 . ARG A 1 83  ? -11.091 -5.476  11.774  1.00 24.89 ? 82  ARG A NH2 1 
ATOM   685  N  N   . GLU A 1 84  ? -17.004 -1.161  10.387  1.00 17.61 ? 83  GLU A N   1 
ATOM   686  C  CA  . GLU A 1 84  ? -17.864 -1.770  9.385   1.00 16.74 ? 83  GLU A CA  1 
ATOM   687  C  C   . GLU A 1 84  ? -17.493 -1.299  7.992   1.00 16.00 ? 83  GLU A C   1 
ATOM   688  O  O   . GLU A 1 84  ? -17.401 -2.105  7.055   1.00 16.27 ? 83  GLU A O   1 
ATOM   689  C  CB  . GLU A 1 84  ? -19.306 -1.425  9.621   1.00 20.30 ? 83  GLU A CB  1 
ATOM   690  C  CG  . GLU A 1 84  ? -20.229 -2.572  9.085   1.00 32.83 ? 83  GLU A CG  1 
ATOM   691  C  CD  . GLU A 1 84  ? -21.750 -2.348  9.212   1.00 35.09 ? 83  GLU A CD  1 
ATOM   692  O  OE1 . GLU A 1 84  ? -22.233 -2.102  10.319  1.00 41.84 ? 83  GLU A OE1 1 
ATOM   693  O  OE2 . GLU A 1 84  ? -22.471 -2.419  8.223   1.00 33.18 ? 83  GLU A OE2 1 
ATOM   694  N  N   . THR A 1 85  ? -17.159 -0.008  7.868   1.00 16.21 ? 84  THR A N   1 
ATOM   695  C  CA  . THR A 1 85  ? -16.662 0.500   6.594   1.00 15.28 ? 84  THR A CA  1 
ATOM   696  C  C   . THR A 1 85  ? -15.286 -0.034  6.272   1.00 15.29 ? 84  THR A C   1 
ATOM   697  O  O   . THR A 1 85  ? -15.042 -0.405  5.109   1.00 17.88 ? 84  THR A O   1 
ATOM   698  C  CB  . THR A 1 85  ? -16.573 1.993   6.593   1.00 9.26  ? 84  THR A CB  1 
ATOM   699  O  OG1 . THR A 1 85  ? -17.909 2.382   6.793   1.00 10.89 ? 84  THR A OG1 1 
ATOM   700  C  CG2 . THR A 1 85  ? -16.113 2.637   5.307   1.00 8.53  ? 84  THR A CG2 1 
ATOM   701  N  N   . PHE A 1 86  ? -14.396 -0.074  7.270   1.00 14.29 ? 85  PHE A N   1 
ATOM   702  C  CA  . PHE A 1 86  ? -13.027 -0.563  7.098   1.00 15.54 ? 85  PHE A CA  1 
ATOM   703  C  C   . PHE A 1 86  ? -13.030 -1.988  6.560   1.00 14.21 ? 85  PHE A C   1 
ATOM   704  O  O   . PHE A 1 86  ? -12.366 -2.281  5.558   1.00 14.71 ? 85  PHE A O   1 
ATOM   705  C  CB  . PHE A 1 86  ? -12.275 -0.489  8.459   1.00 10.60 ? 85  PHE A CB  1 
ATOM   706  C  CG  . PHE A 1 86  ? -10.871 -1.029  8.394   1.00 10.65 ? 85  PHE A CG  1 
ATOM   707  C  CD1 . PHE A 1 86  ? -9.842  -0.186  7.997   1.00 10.58 ? 85  PHE A CD1 1 
ATOM   708  C  CD2 . PHE A 1 86  ? -10.602 -2.364  8.705   1.00 12.97 ? 85  PHE A CD2 1 
ATOM   709  C  CE1 . PHE A 1 86  ? -8.534  -0.659  7.933   1.00 9.05  ? 85  PHE A CE1 1 
ATOM   710  C  CE2 . PHE A 1 86  ? -9.305  -2.842  8.637   1.00 16.66 ? 85  PHE A CE2 1 
ATOM   711  C  CZ  . PHE A 1 86  ? -8.273  -1.990  8.253   1.00 15.20 ? 85  PHE A CZ  1 
ATOM   712  N  N   . ASN A 1 87  ? -13.836 -2.876  7.171   1.00 14.16 ? 86  ASN A N   1 
ATOM   713  C  CA  . ASN A 1 87  ? -13.875 -4.278  6.777   1.00 10.91 ? 86  ASN A CA  1 
ATOM   714  C  C   . ASN A 1 87  ? -14.486 -4.413  5.454   1.00 14.62 ? 86  ASN A C   1 
ATOM   715  O  O   . ASN A 1 87  ? -13.981 -5.194  4.666   1.00 20.01 ? 86  ASN A O   1 
ATOM   716  C  CB  . ASN A 1 87  ? -14.705 -5.137  7.686   1.00 14.29 ? 86  ASN A CB  1 
ATOM   717  C  CG  . ASN A 1 87  ? -14.201 -5.089  9.117   1.00 21.48 ? 86  ASN A CG  1 
ATOM   718  O  OD1 . ASN A 1 87  ? -13.033 -4.785  9.361   1.00 22.18 ? 86  ASN A OD1 1 
ATOM   719  N  ND2 . ASN A 1 87  ? -15.010 -5.366  10.138  1.00 17.04 ? 86  ASN A ND2 1 
ATOM   720  N  N   . ALA A 1 88  ? -15.598 -3.747  5.175   1.00 15.09 ? 87  ALA A N   1 
ATOM   721  C  CA  . ALA A 1 88  ? -16.166 -3.766  3.848   1.00 16.33 ? 87  ALA A CA  1 
ATOM   722  C  C   . ALA A 1 88  ? -15.227 -3.322  2.704   1.00 13.74 ? 87  ALA A C   1 
ATOM   723  O  O   . ALA A 1 88  ? -15.169 -3.909  1.621   1.00 11.69 ? 87  ALA A O   1 
ATOM   724  C  CB  . ALA A 1 88  ? -17.403 -2.883  3.900   1.00 18.27 ? 87  ALA A CB  1 
ATOM   725  N  N   . TYR A 1 89  ? -14.466 -2.270  2.943   1.00 14.38 ? 88  TYR A N   1 
ATOM   726  C  CA  . TYR A 1 89  ? -13.468 -1.799  1.994   1.00 15.34 ? 88  TYR A CA  1 
ATOM   727  C  C   . TYR A 1 89  ? -12.335 -2.811  1.782   1.00 15.10 ? 88  TYR A C   1 
ATOM   728  O  O   . TYR A 1 89  ? -11.942 -3.041  0.640   1.00 11.12 ? 88  TYR A O   1 
ATOM   729  C  CB  . TYR A 1 89  ? -12.950 -0.487  2.510   1.00 12.28 ? 88  TYR A CB  1 
ATOM   730  C  CG  . TYR A 1 89  ? -12.132 0.200   1.436   1.00 15.98 ? 88  TYR A CG  1 
ATOM   731  C  CD1 . TYR A 1 89  ? -12.740 0.691   0.266   1.00 14.13 ? 88  TYR A CD1 1 
ATOM   732  C  CD2 . TYR A 1 89  ? -10.760 0.290   1.637   1.00 14.90 ? 88  TYR A CD2 1 
ATOM   733  C  CE1 . TYR A 1 89  ? -11.949 1.293   -0.692  1.00 15.54 ? 88  TYR A CE1 1 
ATOM   734  C  CE2 . TYR A 1 89  ? -9.985  0.870   0.688   1.00 13.01 ? 88  TYR A CE2 1 
ATOM   735  C  CZ  . TYR A 1 89  ? -10.567 1.363   -0.465  1.00 14.90 ? 88  TYR A CZ  1 
ATOM   736  O  OH  . TYR A 1 89  ? -9.701  1.992   -1.339  1.00 12.60 ? 88  TYR A OH  1 
ATOM   737  N  N   . THR A 1 90  ? -11.785 -3.439  2.814   1.00 15.84 ? 89  THR A N   1 
ATOM   738  C  CA  . THR A 1 90  ? -10.821 -4.518  2.687   1.00 16.64 ? 89  THR A CA  1 
ATOM   739  C  C   . THR A 1 90  ? -11.388 -5.680  1.858   1.00 19.24 ? 89  THR A C   1 
ATOM   740  O  O   . THR A 1 90  ? -10.714 -6.218  0.970   1.00 23.05 ? 89  THR A O   1 
ATOM   741  C  CB  . THR A 1 90  ? -10.451 -4.952  4.114   1.00 21.68 ? 89  THR A CB  1 
ATOM   742  O  OG1 . THR A 1 90  ? -9.915  -3.798  4.763   1.00 19.85 ? 89  THR A OG1 1 
ATOM   743  C  CG2 . THR A 1 90  ? -9.452  -6.085  4.156   1.00 22.02 ? 89  THR A CG2 1 
ATOM   744  N  N   . ARG A 1 91  ? -12.643 -6.095  2.030   1.00 19.34 ? 90  ARG A N   1 
ATOM   745  C  CA  . ARG A 1 91  ? -13.225 -7.165  1.212   1.00 20.05 ? 90  ARG A CA  1 
ATOM   746  C  C   . ARG A 1 91  ? -13.268 -6.732  -0.243  1.00 19.46 ? 90  ARG A C   1 
ATOM   747  O  O   . ARG A 1 91  ? -12.941 -7.499  -1.156  1.00 22.79 ? 90  ARG A O   1 
ATOM   748  C  CB  . ARG A 1 91  ? -14.649 -7.498  1.697   1.00 17.52 ? 90  ARG A CB  1 
ATOM   749  C  CG  . ARG A 1 91  ? -14.642 -8.099  3.099   1.00 24.57 ? 90  ARG A CG  1 
ATOM   750  C  CD  . ARG A 1 91  ? -15.962 -8.598  3.716   1.00 35.12 ? 90  ARG A CD  1 
ATOM   751  N  NE  . ARG A 1 91  ? -16.894 -7.586  4.233   1.00 41.65 ? 90  ARG A NE  1 
ATOM   752  C  CZ  . ARG A 1 91  ? -17.826 -6.974  3.458   1.00 42.96 ? 90  ARG A CZ  1 
ATOM   753  N  NH1 . ARG A 1 91  ? -17.969 -7.228  2.166   1.00 42.10 ? 90  ARG A NH1 1 
ATOM   754  N  NH2 . ARG A 1 91  ? -18.678 -6.099  3.987   1.00 42.54 ? 90  ARG A NH2 1 
ATOM   755  N  N   . GLU A 1 92  ? -13.614 -5.479  -0.504  1.00 19.59 ? 91  GLU A N   1 
ATOM   756  C  CA  . GLU A 1 92  ? -13.661 -4.985  -1.868  1.00 20.65 ? 91  GLU A CA  1 
ATOM   757  C  C   . GLU A 1 92  ? -12.281 -4.931  -2.468  1.00 19.65 ? 91  GLU A C   1 
ATOM   758  O  O   . GLU A 1 92  ? -12.139 -5.314  -3.624  1.00 20.77 ? 91  GLU A O   1 
ATOM   759  C  CB  . GLU A 1 92  ? -14.242 -3.629  -1.897  1.00 19.45 ? 91  GLU A CB  1 
ATOM   760  C  CG  . GLU A 1 92  ? -14.550 -3.267  -3.307  1.00 23.83 ? 91  GLU A CG  1 
ATOM   761  C  CD  . GLU A 1 92  ? -15.200 -1.916  -3.371  1.00 29.00 ? 91  GLU A CD  1 
ATOM   762  O  OE1 . GLU A 1 92  ? -14.506 -0.916  -3.148  1.00 26.23 ? 91  GLU A OE1 1 
ATOM   763  O  OE2 . GLU A 1 92  ? -16.402 -1.879  -3.623  1.00 27.59 ? 91  GLU A OE2 1 
ATOM   764  N  N   . LEU A 1 93  ? -11.244 -4.586  -1.713  1.00 18.43 ? 92  LEU A N   1 
ATOM   765  C  CA  . LEU A 1 93  ? -9.869  -4.649  -2.184  1.00 18.98 ? 92  LEU A CA  1 
ATOM   766  C  C   . LEU A 1 93  ? -9.587  -6.067  -2.580  1.00 21.41 ? 92  LEU A C   1 
ATOM   767  O  O   . LEU A 1 93  ? -8.945  -6.270  -3.605  1.00 25.01 ? 92  LEU A O   1 
ATOM   768  C  CB  . LEU A 1 93  ? -8.837  -4.302  -1.105  1.00 18.45 ? 92  LEU A CB  1 
ATOM   769  C  CG  . LEU A 1 93  ? -7.969  -3.037  -1.107  1.00 19.48 ? 92  LEU A CG  1 
ATOM   770  C  CD1 . LEU A 1 93  ? -8.535  -1.965  -2.008  1.00 16.56 ? 92  LEU A CD1 1 
ATOM   771  C  CD2 . LEU A 1 93  ? -7.921  -2.451  0.288   1.00 12.45 ? 92  LEU A CD2 1 
ATOM   772  N  N   . LEU A 1 94  ? -10.056 -7.075  -1.832  1.00 23.65 ? 93  LEU A N   1 
ATOM   773  C  CA  . LEU A 1 94  ? -9.795  -8.465  -2.192  1.00 24.10 ? 93  LEU A CA  1 
ATOM   774  C  C   . LEU A 1 94  ? -10.531 -8.807  -3.458  1.00 22.98 ? 93  LEU A C   1 
ATOM   775  O  O   . LEU A 1 94  ? -9.976  -9.396  -4.380  1.00 26.33 ? 93  LEU A O   1 
ATOM   776  C  CB  . LEU A 1 94  ? -10.244 -9.470  -1.102  1.00 27.52 ? 93  LEU A CB  1 
ATOM   777  C  CG  . LEU A 1 94  ? -9.423  -10.790 -0.742  1.00 32.06 ? 93  LEU A CG  1 
ATOM   778  C  CD1 . LEU A 1 94  ? -10.348 -11.684 0.101   1.00 32.89 ? 93  LEU A CD1 1 
ATOM   779  C  CD2 . LEU A 1 94  ? -8.999  -11.627 -1.972  1.00 31.64 ? 93  LEU A CD2 1 
ATOM   780  N  N   . ASP A 1 95  ? -11.759 -8.351  -3.562  1.00 23.49 ? 94  ASP A N   1 
ATOM   781  C  CA  . ASP A 1 95  ? -12.598 -8.652  -4.688  1.00 23.07 ? 94  ASP A CA  1 
ATOM   782  C  C   . ASP A 1 95  ? -12.045 -8.056  -5.971  1.00 24.84 ? 94  ASP A C   1 
ATOM   783  O  O   . ASP A 1 95  ? -12.125 -8.668  -7.042  1.00 17.92 ? 94  ASP A O   1 
ATOM   784  C  CB  . ASP A 1 95  ? -14.037 -8.131  -4.405  1.00 27.05 ? 94  ASP A CB  1 
ATOM   785  C  CG  . ASP A 1 95  ? -14.877 -8.906  -3.377  1.00 33.05 ? 94  ASP A CG  1 
ATOM   786  O  OD1 . ASP A 1 95  ? -14.523 -10.002 -2.921  1.00 37.85 ? 94  ASP A OD1 1 
ATOM   787  O  OD2 . ASP A 1 95  ? -15.932 -8.401  -3.021  1.00 41.05 ? 94  ASP A OD2 1 
ATOM   788  N  N   . ARG A 1 96  ? -11.431 -6.879  -5.876  1.00 22.53 ? 95  ARG A N   1 
ATOM   789  C  CA  . ARG A 1 96  ? -10.854 -6.201  -7.024  1.00 22.48 ? 95  ARG A CA  1 
ATOM   790  C  C   . ARG A 1 96  ? -9.590  -6.867  -7.511  1.00 21.50 ? 95  ARG A C   1 
ATOM   791  O  O   . ARG A 1 96  ? -9.200  -6.650  -8.646  1.00 22.73 ? 95  ARG A O   1 
ATOM   792  C  CB  . ARG A 1 96  ? -10.546 -4.722  -6.690  1.00 21.79 ? 95  ARG A CB  1 
ATOM   793  C  CG  . ARG A 1 96  ? -11.838 -3.910  -6.427  1.00 21.82 ? 95  ARG A CG  1 
ATOM   794  C  CD  . ARG A 1 96  ? -11.612 -2.511  -5.864  1.00 20.90 ? 95  ARG A CD  1 
ATOM   795  N  NE  . ARG A 1 96  ? -11.092 -1.583  -6.851  1.00 22.72 ? 95  ARG A NE  1 
ATOM   796  C  CZ  . ARG A 1 96  ? -10.748 -0.340  -6.513  1.00 22.36 ? 95  ARG A CZ  1 
ATOM   797  N  NH1 . ARG A 1 96  ? -10.895 0.074   -5.263  1.00 24.68 ? 95  ARG A NH1 1 
ATOM   798  N  NH2 . ARG A 1 96  ? -10.203 0.482   -7.417  1.00 27.37 ? 95  ARG A NH2 1 
ATOM   799  N  N   . HIS A 1 97  ? -8.899  -7.662  -6.723  1.00 18.02 ? 96  HIS A N   1 
ATOM   800  C  CA  . HIS A 1 97  ? -7.757  -8.356  -7.262  1.00 21.77 ? 96  HIS A CA  1 
ATOM   801  C  C   . HIS A 1 97  ? -8.295  -9.636  -7.854  1.00 20.05 ? 96  HIS A C   1 
ATOM   802  O  O   . HIS A 1 97  ? -7.933  -10.049 -8.950  1.00 19.09 ? 96  HIS A O   1 
ATOM   803  C  CB  . HIS A 1 97  ? -6.744  -8.678  -6.175  1.00 23.71 ? 96  HIS A CB  1 
ATOM   804  C  CG  . HIS A 1 97  ? -5.990  -7.467  -5.689  1.00 21.38 ? 96  HIS A CG  1 
ATOM   805  N  ND1 . HIS A 1 97  ? -6.414  -6.590  -4.700  1.00 21.67 ? 96  HIS A ND1 1 
ATOM   806  C  CD2 . HIS A 1 97  ? -4.767  -7.087  -6.210  1.00 22.89 ? 96  HIS A CD2 1 
ATOM   807  C  CE1 . HIS A 1 97  ? -5.447  -5.662  -4.615  1.00 23.04 ? 96  HIS A CE1 1 
ATOM   808  N  NE2 . HIS A 1 97  ? -4.506  -5.919  -5.471  1.00 26.77 ? 96  HIS A NE2 1 
ATOM   809  N  N   . ALA A 1 98  ? -9.187  -10.292 -7.140  1.00 23.14 ? 97  ALA A N   1 
ATOM   810  C  CA  . ALA A 1 98  ? -9.801  -11.498 -7.634  1.00 29.52 ? 97  ALA A CA  1 
ATOM   811  C  C   . ALA A 1 98  ? -10.537 -11.329 -8.964  1.00 31.96 ? 97  ALA A C   1 
ATOM   812  O  O   . ALA A 1 98  ? -10.632 -12.217 -9.795  1.00 37.94 ? 97  ALA A O   1 
ATOM   813  C  CB  . ALA A 1 98  ? -10.764 -12.012 -6.594  1.00 24.65 ? 97  ALA A CB  1 
ATOM   814  N  N   . ARG A 1 99  ? -11.007 -10.127 -9.216  1.00 36.86 ? 98  ARG A N   1 
ATOM   815  C  CA  . ARG A 1 99  ? -11.720 -9.667  -10.423 1.00 39.63 ? 98  ARG A CA  1 
ATOM   816  C  C   . ARG A 1 99  ? -10.889 -10.027 -11.639 1.00 40.88 ? 98  ARG A C   1 
ATOM   817  O  O   . ARG A 1 99  ? -11.369 -10.622 -12.621 1.00 41.83 ? 98  ARG A O   1 
ATOM   818  C  CB  . ARG A 1 99  ? -11.806 -8.167  -10.374 1.00 42.28 ? 98  ARG A CB  1 
ATOM   819  C  CG  . ARG A 1 99  ? -13.121 -7.507  -10.796 1.00 44.75 ? 98  ARG A CG  1 
ATOM   820  C  CD  . ARG A 1 99  ? -12.987 -6.740  -12.139 1.00 45.00 ? 98  ARG A CD  1 
ATOM   821  N  NE  . ARG A 1 99  ? -13.276 -7.452  -13.409 1.00 42.85 ? 98  ARG A NE  1 
ATOM   822  C  CZ  . ARG A 1 99  ? -14.207 -8.373  -13.661 0.00 37.29 ? 98  ARG A CZ  1 
ATOM   823  N  NH1 . ARG A 1 99  ? -15.053 -8.826  -12.752 0.00 33.91 ? 98  ARG A NH1 1 
ATOM   824  N  NH2 . ARG A 1 99  ? -14.350 -8.807  -14.915 0.00 33.89 ? 98  ARG A NH2 1 
ATOM   825  N  N   . ASP A 1 100 ? -9.627  -9.650  -11.506 1.00 43.54 ? 99  ASP A N   1 
ATOM   826  C  CA  . ASP A 1 100 ? -8.604  -9.781  -12.513 1.00 44.73 ? 99  ASP A CA  1 
ATOM   827  C  C   . ASP A 1 100 ? -7.654  -10.941 -12.204 1.00 44.30 ? 99  ASP A C   1 
ATOM   828  O  O   . ASP A 1 100 ? -6.494  -10.953 -12.624 1.00 45.48 ? 99  ASP A O   1 
ATOM   829  C  CB  . ASP A 1 100 ? -7.808  -8.496  -12.555 1.00 52.92 ? 99  ASP A CB  1 
ATOM   830  C  CG  . ASP A 1 100 ? -8.537  -7.213  -12.928 1.00 58.05 ? 99  ASP A CG  1 
ATOM   831  O  OD1 . ASP A 1 100 ? -9.172  -6.614  -12.056 1.00 64.26 ? 99  ASP A OD1 1 
ATOM   832  O  OD2 . ASP A 1 100 ? -8.432  -6.796  -14.089 1.00 63.91 ? 99  ASP A OD2 1 
ATOM   833  N  N   . HIS A 1 101 ? -8.061  -11.916 -11.401 1.00 44.67 ? 100 HIS A N   1 
ATOM   834  C  CA  . HIS A 1 101 ? -7.275  -13.119 -11.084 1.00 44.26 ? 100 HIS A CA  1 
ATOM   835  C  C   . HIS A 1 101 ? -5.879  -12.914 -10.528 1.00 43.21 ? 100 HIS A C   1 
ATOM   836  O  O   . HIS A 1 101 ? -4.960  -13.718 -10.726 1.00 44.95 ? 100 HIS A O   1 
ATOM   837  C  CB  . HIS A 1 101 ? -7.183  -14.039 -12.328 1.00 42.63 ? 100 HIS A CB  1 
ATOM   838  C  CG  . HIS A 1 101 ? -8.569  -14.547 -12.670 1.00 40.33 ? 100 HIS A CG  1 
ATOM   839  N  ND1 . HIS A 1 101 ? -9.521  -15.020 -11.758 1.00 40.03 ? 100 HIS A ND1 1 
ATOM   840  C  CD2 . HIS A 1 101 ? -9.084  -14.479 -13.960 1.00 39.03 ? 100 HIS A CD2 1 
ATOM   841  C  CE1 . HIS A 1 101 ? -10.619 -15.205 -12.523 1.00 41.18 ? 100 HIS A CE1 1 
ATOM   842  N  NE2 . HIS A 1 101 ? -10.394 -14.911 -13.771 1.00 37.91 ? 100 HIS A NE2 1 
ATOM   843  N  N   . VAL A 1 102 ? -5.717  -11.838 -9.766  1.00 41.96 ? 101 VAL A N   1 
ATOM   844  C  CA  . VAL A 1 102 ? -4.472  -11.628 -9.061  1.00 40.32 ? 101 VAL A CA  1 
ATOM   845  C  C   . VAL A 1 102 ? -4.796  -12.401 -7.781  1.00 40.79 ? 101 VAL A C   1 
ATOM   846  O  O   . VAL A 1 102 ? -5.435  -11.888 -6.867  1.00 43.31 ? 101 VAL A O   1 
ATOM   847  C  CB  . VAL A 1 102 ? -4.271  -10.117 -8.834  1.00 37.45 ? 101 VAL A CB  1 
ATOM   848  C  CG1 . VAL A 1 102 ? -2.965  -9.852  -8.128  1.00 38.58 ? 101 VAL A CG1 1 
ATOM   849  C  CG2 . VAL A 1 102 ? -4.251  -9.415  -10.165 1.00 36.09 ? 101 VAL A CG2 1 
ATOM   850  N  N   . HIS A 1 103 ? -4.517  -13.688 -7.690  1.00 42.86 ? 102 HIS A N   1 
ATOM   851  C  CA  . HIS A 1 103 ? -4.782  -14.424 -6.456  1.00 43.67 ? 102 HIS A CA  1 
ATOM   852  C  C   . HIS A 1 103 ? -3.462  -14.453 -5.745  1.00 44.62 ? 102 HIS A C   1 
ATOM   853  O  O   . HIS A 1 103 ? -2.421  -14.715 -6.362  1.00 45.35 ? 102 HIS A O   1 
ATOM   854  C  CB  . HIS A 1 103 ? -5.236  -15.877 -6.687  1.00 46.99 ? 102 HIS A CB  1 
ATOM   855  C  CG  . HIS A 1 103 ? -6.629  -15.817 -7.270  1.00 50.55 ? 102 HIS A CG  1 
ATOM   856  N  ND1 . HIS A 1 103 ? -7.742  -15.405 -6.530  1.00 51.51 ? 102 HIS A ND1 1 
ATOM   857  C  CD2 . HIS A 1 103 ? -6.897  -15.864 -8.642  1.00 51.40 ? 102 HIS A CD2 1 
ATOM   858  C  CE1 . HIS A 1 103 ? -8.651  -15.117 -7.486  1.00 53.41 ? 102 HIS A CE1 1 
ATOM   859  N  NE2 . HIS A 1 103 ? -8.202  -15.343 -8.696  1.00 50.70 ? 102 HIS A NE2 1 
ATOM   860  N  N   . MET A 1 104 ? -3.489  -14.183 -4.442  1.00 45.14 ? 103 MET A N   1 
ATOM   861  C  CA  . MET A 1 104 ? -2.287  -14.069 -3.613  1.00 44.54 ? 103 MET A CA  1 
ATOM   862  C  C   . MET A 1 104 ? -2.414  -14.821 -2.301  1.00 43.66 ? 103 MET A C   1 
ATOM   863  O  O   . MET A 1 104 ? -3.464  -14.649 -1.666  1.00 44.02 ? 103 MET A O   1 
ATOM   864  C  CB  . MET A 1 104 ? -1.998  -12.598 -3.303  1.00 41.71 ? 103 MET A CB  1 
ATOM   865  C  CG  . MET A 1 104 ? -1.540  -11.983 -4.592  1.00 40.71 ? 103 MET A CG  1 
ATOM   866  S  SD  . MET A 1 104 ? -1.326  -10.210 -4.538  1.00 42.41 ? 103 MET A SD  1 
ATOM   867  C  CE  . MET A 1 104 ? -2.988  -9.654  -4.310  1.00 41.86 ? 103 MET A CE  1 
ATOM   868  N  N   . PRO A 1 105 ? -1.418  -15.639 -1.858  1.00 44.13 ? 104 PRO A N   1 
ATOM   869  C  CA  . PRO A 1 105 ? -1.396  -16.268 -0.534  1.00 43.90 ? 104 PRO A CA  1 
ATOM   870  C  C   . PRO A 1 105 ? -1.552  -15.223 0.565   1.00 44.53 ? 104 PRO A C   1 
ATOM   871  O  O   . PRO A 1 105 ? -1.023  -14.106 0.492   1.00 43.42 ? 104 PRO A O   1 
ATOM   872  C  CB  . PRO A 1 105 ? -0.070  -17.043 -0.449  1.00 42.37 ? 104 PRO A CB  1 
ATOM   873  C  CG  . PRO A 1 105 ? 0.756   -16.436 -1.563  1.00 45.80 ? 104 PRO A CG  1 
ATOM   874  C  CD  . PRO A 1 105 ? -0.264  -16.078 -2.643  1.00 43.80 ? 104 PRO A CD  1 
ATOM   875  N  N   . PRO A 1 106 ? -2.282  -15.540 1.624   1.00 43.60 ? 105 PRO A N   1 
ATOM   876  C  CA  . PRO A 1 106 ? -2.667  -14.551 2.601   1.00 43.41 ? 105 PRO A CA  1 
ATOM   877  C  C   . PRO A 1 106 ? -1.399  -13.965 3.244   1.00 43.54 ? 105 PRO A C   1 
ATOM   878  O  O   . PRO A 1 106 ? -1.433  -12.828 3.669   1.00 48.63 ? 105 PRO A O   1 
ATOM   879  C  CB  . PRO A 1 106 ? -3.601  -15.347 3.515   1.00 43.87 ? 105 PRO A CB  1 
ATOM   880  C  CG  . PRO A 1 106 ? -2.918  -16.688 3.522   1.00 44.11 ? 105 PRO A CG  1 
ATOM   881  C  CD  . PRO A 1 106 ? -2.630  -16.885 2.041   1.00 44.16 ? 105 PRO A CD  1 
ATOM   882  N  N   . GLU A 1 107 ? -0.220  -14.627 3.267   1.00 39.33 ? 106 GLU A N   1 
ATOM   883  C  CA  . GLU A 1 107 ? 0.972   -14.018 3.837   1.00 41.14 ? 106 GLU A CA  1 
ATOM   884  C  C   . GLU A 1 107 ? 1.599   -12.957 2.906   1.00 40.89 ? 106 GLU A C   1 
ATOM   885  O  O   . GLU A 1 107 ? 2.505   -12.222 3.367   1.00 37.16 ? 106 GLU A O   1 
ATOM   886  C  CB  . GLU A 1 107 ? 2.043   -15.073 4.191   1.00 43.31 ? 106 GLU A CB  1 
ATOM   887  C  CG  . GLU A 1 107 ? 1.508   -15.781 5.449   0.00 55.32 ? 106 GLU A CG  1 
ATOM   888  C  CD  . GLU A 1 107 ? 1.103   -17.262 5.376   1.00 61.10 ? 106 GLU A CD  1 
ATOM   889  O  OE1 . GLU A 1 107 ? 1.798   -18.056 4.666   1.00 64.93 ? 106 GLU A OE1 1 
ATOM   890  O  OE2 . GLU A 1 107 ? 0.066   -17.614 6.048   1.00 66.22 ? 106 GLU A OE2 1 
ATOM   891  N  N   . VAL A 1 108 ? 1.114   -12.681 1.662   1.00 39.60 ? 107 VAL A N   1 
ATOM   892  C  CA  . VAL A 1 108 ? 1.699   -11.543 0.925   1.00 38.04 ? 107 VAL A CA  1 
ATOM   893  C  C   . VAL A 1 108 ? 1.079   -10.233 1.415   1.00 39.35 ? 107 VAL A C   1 
ATOM   894  O  O   . VAL A 1 108 ? 1.720   -9.171  1.384   1.00 39.95 ? 107 VAL A O   1 
ATOM   895  C  CB  . VAL A 1 108 ? 1.484   -11.537 -0.628  1.00 34.94 ? 107 VAL A CB  1 
ATOM   896  C  CG1 . VAL A 1 108 ? 1.605   -12.950 -1.064  1.00 34.22 ? 107 VAL A CG1 1 
ATOM   897  C  CG2 . VAL A 1 108 ? 0.169   -10.956 -1.091  1.00 37.31 ? 107 VAL A CG2 1 
ATOM   898  N  N   . TRP A 1 109 ? -0.188  -10.309 1.877   1.00 38.37 ? 108 TRP A N   1 
ATOM   899  C  CA  . TRP A 1 109 ? -0.870  -9.137  2.394   1.00 36.64 ? 108 TRP A CA  1 
ATOM   900  C  C   . TRP A 1 109 ? -0.175  -8.716  3.670   1.00 38.35 ? 108 TRP A C   1 
ATOM   901  O  O   . TRP A 1 109 ? 0.009   -7.505  3.801   1.00 40.53 ? 108 TRP A O   1 
ATOM   902  C  CB  . TRP A 1 109 ? -2.331  -9.437  2.680   1.00 34.52 ? 108 TRP A CB  1 
ATOM   903  C  CG  . TRP A 1 109 ? -3.079  -9.922  1.444   1.00 33.63 ? 108 TRP A CG  1 
ATOM   904  C  CD1 . TRP A 1 109 ? -3.368  -11.248 1.204   1.00 35.16 ? 108 TRP A CD1 1 
ATOM   905  C  CD2 . TRP A 1 109 ? -3.584  -9.113  0.480   1.00 30.00 ? 108 TRP A CD2 1 
ATOM   906  N  NE1 . TRP A 1 109 ? -4.080  -11.281 0.100   1.00 32.19 ? 108 TRP A NE1 1 
ATOM   907  C  CE2 . TRP A 1 109 ? -4.247  -10.030 -0.369  1.00 30.05 ? 108 TRP A CE2 1 
ATOM   908  C  CE3 . TRP A 1 109 ? -3.577  -7.747  0.252   1.00 25.52 ? 108 TRP A CE3 1 
ATOM   909  C  CZ2 . TRP A 1 109 ? -4.913  -9.559  -1.502  1.00 25.00 ? 108 TRP A CZ2 1 
ATOM   910  C  CZ3 . TRP A 1 109 ? -4.241  -7.288  -0.889  1.00 29.10 ? 108 TRP A CZ3 1 
ATOM   911  C  CH2 . TRP A 1 109 ? -4.909  -8.176  -1.749  1.00 26.88 ? 108 TRP A CH2 1 
ATOM   912  N  N   . THR A 1 110 ? 0.291   -9.622  4.558   1.00 38.49 ? 109 THR A N   1 
ATOM   913  C  CA  . THR A 1 110 ? 1.117   -9.280  5.724   1.00 38.01 ? 109 THR A CA  1 
ATOM   914  C  C   . THR A 1 110 ? 2.415   -8.704  5.178   1.00 38.27 ? 109 THR A C   1 
ATOM   915  O  O   . THR A 1 110 ? 2.819   -7.647  5.651   1.00 40.58 ? 109 THR A O   1 
ATOM   916  C  CB  . THR A 1 110 ? 1.426   -10.562 6.592   1.00 42.80 ? 109 THR A CB  1 
ATOM   917  O  OG1 . THR A 1 110 ? 0.301   -10.689 7.465   1.00 45.62 ? 109 THR A OG1 1 
ATOM   918  C  CG2 . THR A 1 110 ? 2.741   -10.552 7.386   1.00 41.78 ? 109 THR A CG2 1 
ATOM   919  N  N   . ASP A 1 111 ? 3.101   -9.271  4.178   1.00 33.99 ? 110 ASP A N   1 
ATOM   920  C  CA  . ASP A 1 111 ? 4.366   -8.691  3.754   1.00 33.54 ? 110 ASP A CA  1 
ATOM   921  C  C   . ASP A 1 111 ? 4.244   -7.272  3.274   1.00 29.78 ? 110 ASP A C   1 
ATOM   922  O  O   . ASP A 1 111 ? 5.138   -6.455  3.501   1.00 28.85 ? 110 ASP A O   1 
ATOM   923  C  CB  . ASP A 1 111 ? 5.027   -9.472  2.616   1.00 42.51 ? 110 ASP A CB  1 
ATOM   924  C  CG  . ASP A 1 111 ? 5.439   -10.934 2.885   1.00 49.18 ? 110 ASP A CG  1 
ATOM   925  O  OD1 . ASP A 1 111 ? 5.210   -11.443 4.000   1.00 50.33 ? 110 ASP A OD1 1 
ATOM   926  O  OD2 . ASP A 1 111 ? 5.989   -11.551 1.948   1.00 52.69 ? 110 ASP A OD2 1 
ATOM   927  N  N   . PHE A 1 112 ? 3.088   -6.957  2.720   1.00 25.55 ? 111 PHE A N   1 
ATOM   928  C  CA  . PHE A 1 112 ? 2.840   -5.643  2.210   1.00 25.08 ? 111 PHE A CA  1 
ATOM   929  C  C   . PHE A 1 112 ? 3.065   -4.636  3.305   1.00 23.69 ? 111 PHE A C   1 
ATOM   930  O  O   . PHE A 1 112 ? 3.823   -3.705  3.052   1.00 26.12 ? 111 PHE A O   1 
ATOM   931  C  CB  . PHE A 1 112 ? 1.406   -5.454  1.715   1.00 24.79 ? 111 PHE A CB  1 
ATOM   932  C  CG  . PHE A 1 112 ? 1.265   -4.035  1.213   1.00 25.41 ? 111 PHE A CG  1 
ATOM   933  C  CD1 . PHE A 1 112 ? 1.744   -3.709  -0.053  1.00 29.45 ? 111 PHE A CD1 1 
ATOM   934  C  CD2 . PHE A 1 112 ? 0.678   -3.048  2.011   1.00 28.68 ? 111 PHE A CD2 1 
ATOM   935  C  CE1 . PHE A 1 112 ? 1.639   -2.389  -0.508  1.00 31.35 ? 111 PHE A CE1 1 
ATOM   936  C  CE2 . PHE A 1 112 ? 0.582   -1.738  1.545   1.00 30.25 ? 111 PHE A CE2 1 
ATOM   937  C  CZ  . PHE A 1 112 ? 1.064   -1.403  0.294   1.00 28.91 ? 111 PHE A CZ  1 
ATOM   938  N  N   . TRP A 1 113 ? 2.517   -4.773  4.513   1.00 23.78 ? 112 TRP A N   1 
ATOM   939  C  CA  . TRP A 1 113 ? 2.674   -3.706  5.483   1.00 24.74 ? 112 TRP A CA  1 
ATOM   940  C  C   . TRP A 1 113 ? 4.091   -3.579  5.936   1.00 25.01 ? 112 TRP A C   1 
ATOM   941  O  O   . TRP A 1 113 ? 4.467   -2.449  6.275   1.00 27.06 ? 112 TRP A O   1 
ATOM   942  C  CB  . TRP A 1 113 ? 1.721   -3.896  6.692   1.00 28.41 ? 112 TRP A CB  1 
ATOM   943  C  CG  . TRP A 1 113 ? 0.297   -3.838  6.116   1.00 30.18 ? 112 TRP A CG  1 
ATOM   944  C  CD1 . TRP A 1 113 ? -0.386  -5.008  5.892   1.00 28.96 ? 112 TRP A CD1 1 
ATOM   945  C  CD2 . TRP A 1 113 ? -0.377  -2.713  5.647   1.00 30.46 ? 112 TRP A CD2 1 
ATOM   946  N  NE1 . TRP A 1 113 ? -1.473  -4.638  5.252   1.00 33.72 ? 112 TRP A NE1 1 
ATOM   947  C  CE2 . TRP A 1 113 ? -1.522  -3.291  5.073   1.00 32.52 ? 112 TRP A CE2 1 
ATOM   948  C  CE3 . TRP A 1 113 ? -0.205  -1.321  5.573   1.00 30.25 ? 112 TRP A CE3 1 
ATOM   949  C  CZ2 . TRP A 1 113 ? -2.489  -2.475  4.449   1.00 33.26 ? 112 TRP A CZ2 1 
ATOM   950  C  CZ3 . TRP A 1 113 ? -1.169  -0.519  4.958   1.00 27.00 ? 112 TRP A CZ3 1 
ATOM   951  C  CH2 . TRP A 1 113 ? -2.303  -1.084  4.392   1.00 28.71 ? 112 TRP A CH2 1 
ATOM   952  N  N   . LYS A 1 114 ? 4.934   -4.621  5.873   1.00 24.13 ? 113 LYS A N   1 
ATOM   953  C  CA  . LYS A 1 114 ? 6.388   -4.420  6.110   1.00 25.67 ? 113 LYS A CA  1 
ATOM   954  C  C   . LYS A 1 114 ? 6.969   -3.532  4.980   1.00 24.39 ? 113 LYS A C   1 
ATOM   955  O  O   . LYS A 1 114 ? 7.712   -2.568  5.210   1.00 22.47 ? 113 LYS A O   1 
ATOM   956  C  CB  . LYS A 1 114 ? 7.140   -5.809  6.179   1.00 25.86 ? 113 LYS A CB  1 
ATOM   957  C  CG  . LYS A 1 114 ? 8.670   -5.756  6.226   0.00 28.48 ? 113 LYS A CG  1 
ATOM   958  C  CD  . LYS A 1 114 ? 9.301   -7.143  6.223   0.00 29.25 ? 113 LYS A CD  1 
ATOM   959  C  CE  . LYS A 1 114 ? 10.750  -6.995  5.787   1.00 32.20 ? 113 LYS A CE  1 
ATOM   960  N  NZ  . LYS A 1 114 ? 11.507  -8.201  6.013   0.00 29.02 ? 113 LYS A NZ  1 
ATOM   961  N  N   . LEU A 1 115 ? 6.570   -3.779  3.739   1.00 25.66 ? 114 LEU A N   1 
ATOM   962  C  CA  . LEU A 1 115 ? 6.989   -2.984  2.595   1.00 23.55 ? 114 LEU A CA  1 
ATOM   963  C  C   . LEU A 1 115 ? 6.513   -1.560  2.622   1.00 22.94 ? 114 LEU A C   1 
ATOM   964  O  O   . LEU A 1 115 ? 7.229   -0.688  2.138   1.00 23.52 ? 114 LEU A O   1 
ATOM   965  C  CB  . LEU A 1 115 ? 6.465   -3.608  1.330   1.00 24.58 ? 114 LEU A CB  1 
ATOM   966  C  CG  . LEU A 1 115 ? 6.733   -3.067  -0.048  1.00 21.19 ? 114 LEU A CG  1 
ATOM   967  C  CD1 . LEU A 1 115 ? 6.556   -4.282  -0.896  1.00 24.07 ? 114 LEU A CD1 1 
ATOM   968  C  CD2 . LEU A 1 115 ? 5.834   -1.927  -0.513  1.00 23.83 ? 114 LEU A CD2 1 
ATOM   969  N  N   . PHE A 1 116 ? 5.281   -1.301  3.046   1.00 22.64 ? 115 PHE A N   1 
ATOM   970  C  CA  . PHE A 1 116 ? 4.748   0.055   3.043   1.00 22.12 ? 115 PHE A CA  1 
ATOM   971  C  C   . PHE A 1 116 ? 5.489   0.899   4.050   1.00 19.81 ? 115 PHE A C   1 
ATOM   972  O  O   . PHE A 1 116 ? 5.761   2.049   3.748   1.00 19.11 ? 115 PHE A O   1 
ATOM   973  C  CB  . PHE A 1 116 ? 3.251   0.086   3.417   1.00 20.30 ? 115 PHE A CB  1 
ATOM   974  C  CG  . PHE A 1 116 ? 2.599   1.421   3.100   1.00 22.44 ? 115 PHE A CG  1 
ATOM   975  C  CD1 . PHE A 1 116 ? 2.709   1.982   1.827   1.00 19.75 ? 115 PHE A CD1 1 
ATOM   976  C  CD2 . PHE A 1 116 ? 1.916   2.088   4.100   1.00 20.81 ? 115 PHE A CD2 1 
ATOM   977  C  CE1 . PHE A 1 116 ? 2.139   3.219   1.551   1.00 20.94 ? 115 PHE A CE1 1 
ATOM   978  C  CE2 . PHE A 1 116 ? 1.349   3.328   3.813   1.00 21.52 ? 115 PHE A CE2 1 
ATOM   979  C  CZ  . PHE A 1 116 ? 1.459   3.893   2.545   1.00 23.54 ? 115 PHE A CZ  1 
ATOM   980  N  N   . GLU A 1 117 ? 5.784   0.346   5.238   1.00 21.56 ? 116 GLU A N   1 
ATOM   981  C  CA  . GLU A 1 117 ? 6.397   1.071   6.349   1.00 22.75 ? 116 GLU A CA  1 
ATOM   982  C  C   . GLU A 1 117 ? 7.820   1.430   5.984   1.00 21.19 ? 116 GLU A C   1 
ATOM   983  O  O   . GLU A 1 117 ? 8.195   2.568   6.229   1.00 19.05 ? 116 GLU A O   1 
ATOM   984  C  CB  . GLU A 1 117 ? 6.332   0.184   7.570   1.00 28.54 ? 116 GLU A CB  1 
ATOM   985  C  CG  . GLU A 1 117 ? 7.084   0.676   8.813   1.00 36.76 ? 116 GLU A CG  1 
ATOM   986  C  CD  . GLU A 1 117 ? 7.352   -0.391  9.879   1.00 39.67 ? 116 GLU A CD  1 
ATOM   987  O  OE1 . GLU A 1 117 ? 6.466   -1.229  10.110  1.00 41.95 ? 116 GLU A OE1 1 
ATOM   988  O  OE2 . GLU A 1 117 ? 8.450   -0.378  10.455  1.00 33.57 ? 116 GLU A OE2 1 
ATOM   989  N  N   . GLU A 1 118 ? 8.581   0.502   5.357   1.00 20.78 ? 117 GLU A N   1 
ATOM   990  C  CA  . GLU A 1 118 ? 9.899   0.798   4.782   1.00 19.86 ? 117 GLU A CA  1 
ATOM   991  C  C   . GLU A 1 118 ? 9.793   1.923   3.751   1.00 23.36 ? 117 GLU A C   1 
ATOM   992  O  O   . GLU A 1 118 ? 10.437  2.958   3.925   1.00 27.57 ? 117 GLU A O   1 
ATOM   993  C  CB  . GLU A 1 118 ? 10.459  -0.429  4.120   1.00 20.25 ? 117 GLU A CB  1 
ATOM   994  C  CG  . GLU A 1 118 ? 10.878  -1.502  5.120   1.00 23.30 ? 117 GLU A CG  1 
ATOM   995  C  CD  . GLU A 1 118 ? 11.172  -2.870  4.525   1.00 25.29 ? 117 GLU A CD  1 
ATOM   996  O  OE1 . GLU A 1 118 ? 11.024  -3.076  3.334   1.00 29.76 ? 117 GLU A OE1 1 
ATOM   997  O  OE2 . GLU A 1 118 ? 11.546  -3.774  5.253   1.00 31.66 ? 117 GLU A OE2 1 
ATOM   998  N  N   . TYR A 1 119 ? 8.907   1.847   2.735   1.00 22.44 ? 118 TYR A N   1 
ATOM   999  C  CA  . TYR A 1 119 ? 8.633   2.938   1.805   1.00 19.01 ? 118 TYR A CA  1 
ATOM   1000 C  C   . TYR A 1 119 ? 8.325   4.281   2.478   1.00 18.33 ? 118 TYR A C   1 
ATOM   1001 O  O   . TYR A 1 119 ? 8.825   5.338   2.058   1.00 21.05 ? 118 TYR A O   1 
ATOM   1002 C  CB  . TYR A 1 119 ? 7.461   2.508   0.892   1.00 16.72 ? 118 TYR A CB  1 
ATOM   1003 C  CG  . TYR A 1 119 ? 6.806   3.690   0.176   1.00 18.61 ? 118 TYR A CG  1 
ATOM   1004 C  CD1 . TYR A 1 119 ? 7.475   4.312   -0.883  1.00 19.19 ? 118 TYR A CD1 1 
ATOM   1005 C  CD2 . TYR A 1 119 ? 5.543   4.146   0.590   1.00 17.74 ? 118 TYR A CD2 1 
ATOM   1006 C  CE1 . TYR A 1 119 ? 6.874   5.380   -1.518  1.00 17.03 ? 118 TYR A CE1 1 
ATOM   1007 C  CE2 . TYR A 1 119 ? 4.934   5.210   -0.052  1.00 17.33 ? 118 TYR A CE2 1 
ATOM   1008 C  CZ  . TYR A 1 119 ? 5.617   5.813   -1.112  1.00 18.75 ? 118 TYR A CZ  1 
ATOM   1009 O  OH  . TYR A 1 119 ? 5.049   6.819   -1.859  1.00 23.08 ? 118 TYR A OH  1 
ATOM   1010 N  N   . LEU A 1 120 ? 7.462   4.322   3.481   1.00 19.39 ? 119 LEU A N   1 
ATOM   1011 C  CA  . LEU A 1 120 ? 7.158   5.603   4.121   1.00 22.55 ? 119 LEU A CA  1 
ATOM   1012 C  C   . LEU A 1 120 ? 8.366   6.089   4.873   1.00 21.85 ? 119 LEU A C   1 
ATOM   1013 O  O   . LEU A 1 120 ? 8.599   7.297   4.869   1.00 19.62 ? 119 LEU A O   1 
ATOM   1014 C  CB  . LEU A 1 120 ? 6.020   5.563   5.151   1.00 21.34 ? 119 LEU A CB  1 
ATOM   1015 C  CG  . LEU A 1 120 ? 4.562   5.784   4.745   1.00 27.16 ? 119 LEU A CG  1 
ATOM   1016 C  CD1 . LEU A 1 120 ? 3.733   5.791   6.009   1.00 28.90 ? 119 LEU A CD1 1 
ATOM   1017 C  CD2 . LEU A 1 120 ? 4.343   7.114   4.037   1.00 25.71 ? 119 LEU A CD2 1 
ATOM   1018 N  N   . GLY A 1 121 ? 9.156   5.177   5.443   1.00 21.22 ? 120 GLY A N   1 
ATOM   1019 C  CA  . GLY A 1 121 ? 10.337  5.545   6.180   1.00 24.96 ? 120 GLY A CA  1 
ATOM   1020 C  C   . GLY A 1 121 ? 11.299  6.317   5.314   1.00 26.31 ? 120 GLY A C   1 
ATOM   1021 O  O   . GLY A 1 121 ? 12.110  7.100   5.797   1.00 31.18 ? 120 GLY A O   1 
ATOM   1022 N  N   . LYS A 1 122 ? 11.265  6.114   4.013   1.00 31.68 ? 121 LYS A N   1 
ATOM   1023 C  CA  . LYS A 1 122 ? 12.102  6.922   3.146   1.00 33.74 ? 121 LYS A CA  1 
ATOM   1024 C  C   . LYS A 1 122 ? 11.515  8.331   2.919   1.00 34.44 ? 121 LYS A C   1 
ATOM   1025 O  O   . LYS A 1 122 ? 12.105  9.325   2.454   1.00 35.09 ? 121 LYS A O   1 
ATOM   1026 C  CB  . LYS A 1 122 ? 12.264  6.203   1.813   1.00 35.61 ? 121 LYS A CB  1 
ATOM   1027 C  CG  . LYS A 1 122 ? 13.132  4.952   1.893   1.00 42.69 ? 121 LYS A CG  1 
ATOM   1028 C  CD  . LYS A 1 122 ? 13.836  4.758   0.538   1.00 54.75 ? 121 LYS A CD  1 
ATOM   1029 C  CE  . LYS A 1 122 ? 14.859  5.925   0.218   1.00 63.51 ? 121 LYS A CE  1 
ATOM   1030 N  NZ  . LYS A 1 122 ? 15.497  5.906   -1.106  1.00 64.87 ? 121 LYS A NZ  1 
ATOM   1031 N  N   . LYS A 1 123 ? 10.228  8.405   3.183   1.00 33.21 ? 122 LYS A N   1 
ATOM   1032 C  CA  . LYS A 1 123 ? 9.514   9.643   2.953   1.00 33.25 ? 122 LYS A CA  1 
ATOM   1033 C  C   . LYS A 1 123 ? 9.478   10.564  4.184   1.00 33.54 ? 122 LYS A C   1 
ATOM   1034 O  O   . LYS A 1 123 ? 9.272   11.792  4.047   1.00 33.27 ? 122 LYS A O   1 
ATOM   1035 C  CB  . LYS A 1 123 ? 8.072   9.281   2.467   1.00 31.44 ? 122 LYS A CB  1 
ATOM   1036 C  CG  . LYS A 1 123 ? 7.980   8.640   1.068   0.00 29.63 ? 122 LYS A CG  1 
ATOM   1037 C  CD  . LYS A 1 123 ? 8.867   9.390   0.074   0.00 26.24 ? 122 LYS A CD  1 
ATOM   1038 C  CE  . LYS A 1 123 ? 8.799   8.718   -1.280  0.00 23.72 ? 122 LYS A CE  1 
ATOM   1039 N  NZ  . LYS A 1 123 ? 9.957   9.109   -2.042  0.00 21.55 ? 122 LYS A NZ  1 
ATOM   1040 N  N   . THR A 1 124 ? 9.601   10.018  5.398   1.00 34.26 ? 123 THR A N   1 
ATOM   1041 C  CA  . THR A 1 124 ? 9.528   10.784  6.617   1.00 30.60 ? 123 THR A CA  1 
ATOM   1042 C  C   . THR A 1 124 ? 10.072  9.844   7.648   1.00 30.95 ? 123 THR A C   1 
ATOM   1043 O  O   . THR A 1 124 ? 10.125  8.627   7.457   1.00 33.31 ? 123 THR A O   1 
ATOM   1044 C  CB  . THR A 1 124 ? 8.097   11.118  6.971   1.00 28.87 ? 123 THR A CB  1 
ATOM   1045 O  OG1 . THR A 1 124 ? 8.335   12.000  8.036   1.00 35.49 ? 123 THR A OG1 1 
ATOM   1046 C  CG2 . THR A 1 124 ? 7.141   9.997   7.438   1.00 27.35 ? 123 THR A CG2 1 
ATOM   1047 N  N   . THR A 1 125 ? 10.375  10.410  8.796   1.00 33.16 ? 124 THR A N   1 
ATOM   1048 C  CA  . THR A 1 125 ? 10.844  9.566   9.870   1.00 34.97 ? 124 THR A CA  1 
ATOM   1049 C  C   . THR A 1 125 ? 9.655   9.236   10.742  1.00 32.97 ? 124 THR A C   1 
ATOM   1050 O  O   . THR A 1 125 ? 8.954   10.095  11.288  1.00 38.56 ? 124 THR A O   1 
ATOM   1051 C  CB  . THR A 1 125 ? 11.910  10.241  10.747  1.00 37.21 ? 124 THR A CB  1 
ATOM   1052 O  OG1 . THR A 1 125 ? 12.747  11.040  9.917   1.00 36.66 ? 124 THR A OG1 1 
ATOM   1053 C  CG2 . THR A 1 125 ? 12.668  9.151   11.533  1.00 34.10 ? 124 THR A CG2 1 
ATOM   1054 N  N   . LEU A 1 126 ? 9.417   7.953   10.829  1.00 29.38 ? 125 LEU A N   1 
ATOM   1055 C  CA  . LEU A 1 126 ? 8.302   7.471   11.585  1.00 32.89 ? 125 LEU A CA  1 
ATOM   1056 C  C   . LEU A 1 126 ? 8.755   7.315   13.023  1.00 32.72 ? 125 LEU A C   1 
ATOM   1057 O  O   . LEU A 1 126 ? 9.845   6.775   13.238  1.00 35.60 ? 125 LEU A O   1 
ATOM   1058 C  CB  . LEU A 1 126 ? 7.857   6.122   10.991  1.00 31.71 ? 125 LEU A CB  1 
ATOM   1059 C  CG  . LEU A 1 126 ? 7.421   5.964   9.543   1.00 28.05 ? 125 LEU A CG  1 
ATOM   1060 C  CD1 . LEU A 1 126 ? 7.315   4.509   9.130   1.00 23.31 ? 125 LEU A CD1 1 
ATOM   1061 C  CD2 . LEU A 1 126 ? 6.126   6.696   9.428   1.00 27.61 ? 125 LEU A CD2 1 
ATOM   1062 N  N   . ASP A 1 127 ? 7.993   7.773   14.013  1.00 32.06 ? 126 ASP A N   1 
ATOM   1063 C  CA  . ASP A 1 127 ? 8.406   7.533   15.380  1.00 31.56 ? 126 ASP A CA  1 
ATOM   1064 C  C   . ASP A 1 127 ? 7.751   6.274   15.852  1.00 32.33 ? 126 ASP A C   1 
ATOM   1065 O  O   . ASP A 1 127 ? 6.823   5.807   15.202  1.00 32.25 ? 126 ASP A O   1 
ATOM   1066 C  CB  . ASP A 1 127 ? 8.030   8.681   16.337  1.00 29.46 ? 126 ASP A CB  1 
ATOM   1067 C  CG  . ASP A 1 127 ? 6.611   9.212   16.411  1.00 30.65 ? 126 ASP A CG  1 
ATOM   1068 O  OD1 . ASP A 1 127 ? 5.694   8.507   16.060  1.00 30.19 ? 126 ASP A OD1 1 
ATOM   1069 O  OD2 . ASP A 1 127 ? 6.421   10.343  16.836  1.00 32.97 ? 126 ASP A OD2 1 
ATOM   1070 N  N   . GLU A 1 128 ? 8.120   5.759   17.015  1.00 35.08 ? 127 GLU A N   1 
ATOM   1071 C  CA  . GLU A 1 128 ? 7.580   4.503   17.491  1.00 37.49 ? 127 GLU A CA  1 
ATOM   1072 C  C   . GLU A 1 128 ? 6.090   4.479   17.674  1.00 33.10 ? 127 GLU A C   1 
ATOM   1073 O  O   . GLU A 1 128 ? 5.488   3.470   17.330  1.00 34.41 ? 127 GLU A O   1 
ATOM   1074 C  CB  . GLU A 1 128 ? 8.205   4.082   18.827  1.00 46.91 ? 127 GLU A CB  1 
ATOM   1075 C  CG  . GLU A 1 128 ? 8.071   2.560   19.131  1.00 58.18 ? 127 GLU A CG  1 
ATOM   1076 C  CD  . GLU A 1 128 ? 8.756   1.579   18.144  1.00 63.31 ? 127 GLU A CD  1 
ATOM   1077 O  OE1 . GLU A 1 128 ? 9.577   2.014   17.318  1.00 64.59 ? 127 GLU A OE1 1 
ATOM   1078 O  OE2 . GLU A 1 128 ? 8.472   0.371   18.210  1.00 65.66 ? 127 GLU A OE2 1 
ATOM   1079 N  N   . PRO A 1 129 ? 5.416   5.494   18.163  1.00 30.19 ? 128 PRO A N   1 
ATOM   1080 C  CA  . PRO A 1 129 ? 3.971   5.528   18.153  1.00 29.76 ? 128 PRO A CA  1 
ATOM   1081 C  C   . PRO A 1 129 ? 3.388   5.367   16.736  1.00 30.53 ? 128 PRO A C   1 
ATOM   1082 O  O   . PRO A 1 129 ? 2.502   4.525   16.540  1.00 30.61 ? 128 PRO A O   1 
ATOM   1083 C  CB  . PRO A 1 129 ? 3.628   6.848   18.799  1.00 31.47 ? 128 PRO A CB  1 
ATOM   1084 C  CG  . PRO A 1 129 ? 4.807   7.095   19.730  1.00 32.81 ? 128 PRO A CG  1 
ATOM   1085 C  CD  . PRO A 1 129 ? 5.973   6.626   18.886  1.00 30.38 ? 128 PRO A CD  1 
ATOM   1086 N  N   . THR A 1 130 ? 3.875   6.090   15.732  1.00 26.11 ? 129 THR A N   1 
ATOM   1087 C  CA  . THR A 1 130 ? 3.341   5.979   14.397  1.00 26.91 ? 129 THR A CA  1 
ATOM   1088 C  C   . THR A 1 130 ? 3.610   4.615   13.836  1.00 27.14 ? 129 THR A C   1 
ATOM   1089 O  O   . THR A 1 130 ? 2.727   4.097   13.153  1.00 28.17 ? 129 THR A O   1 
ATOM   1090 C  CB  . THR A 1 130 ? 3.960   7.007   13.461  1.00 28.91 ? 129 THR A CB  1 
ATOM   1091 O  OG1 . THR A 1 130 ? 3.784   8.244   14.126  1.00 25.49 ? 129 THR A OG1 1 
ATOM   1092 C  CG2 . THR A 1 130 ? 3.372   7.039   12.069  1.00 26.27 ? 129 THR A CG2 1 
ATOM   1093 N  N   . LYS A 1 131 ? 4.778   4.026   14.099  1.00 27.20 ? 130 LYS A N   1 
ATOM   1094 C  CA  . LYS A 1 131 ? 5.085   2.702   13.605  1.00 27.41 ? 130 LYS A CA  1 
ATOM   1095 C  C   . LYS A 1 131 ? 4.145   1.724   14.275  1.00 25.64 ? 130 LYS A C   1 
ATOM   1096 O  O   . LYS A 1 131 ? 3.558   0.849   13.648  1.00 25.96 ? 130 LYS A O   1 
ATOM   1097 C  CB  . LYS A 1 131 ? 6.531   2.353   13.928  1.00 35.22 ? 130 LYS A CB  1 
ATOM   1098 C  CG  . LYS A 1 131 ? 7.596   2.934   12.994  1.00 38.43 ? 130 LYS A CG  1 
ATOM   1099 C  CD  . LYS A 1 131 ? 9.005   2.521   13.473  1.00 45.29 ? 130 LYS A CD  1 
ATOM   1100 C  CE  . LYS A 1 131 ? 10.108  2.952   12.466  1.00 50.60 ? 130 LYS A CE  1 
ATOM   1101 N  NZ  . LYS A 1 131 ? 11.483  2.961   12.966  1.00 54.09 ? 130 LYS A NZ  1 
ATOM   1102 N  N   . GLN A 1 132 ? 3.915   1.925   15.549  1.00 24.96 ? 131 GLN A N   1 
ATOM   1103 C  CA  . GLN A 1 132 ? 2.989   1.137   16.306  1.00 23.91 ? 131 GLN A CA  1 
ATOM   1104 C  C   . GLN A 1 132 ? 1.609   1.182   15.649  1.00 24.78 ? 131 GLN A C   1 
ATOM   1105 O  O   . GLN A 1 132 ? 1.016   0.146   15.355  1.00 25.87 ? 131 GLN A O   1 
ATOM   1106 C  CB  . GLN A 1 132 ? 2.999   1.714   17.696  1.00 29.49 ? 131 GLN A CB  1 
ATOM   1107 C  CG  . GLN A 1 132 ? 3.723   0.976   18.792  1.00 36.19 ? 131 GLN A CG  1 
ATOM   1108 C  CD  . GLN A 1 132 ? 2.805   -0.138  19.271  1.00 45.34 ? 131 GLN A CD  1 
ATOM   1109 O  OE1 . GLN A 1 132 ? 2.900   -1.312  18.889  1.00 50.20 ? 131 GLN A OE1 1 
ATOM   1110 N  NE2 . GLN A 1 132 ? 1.809   0.208   20.080  1.00 48.30 ? 131 GLN A NE2 1 
ATOM   1111 N  N   . ALA A 1 133 ? 1.092   2.354   15.308  1.00 24.16 ? 132 ALA A N   1 
ATOM   1112 C  CA  . ALA A 1 133 ? -0.217  2.518   14.662  1.00 22.97 ? 132 ALA A CA  1 
ATOM   1113 C  C   . ALA A 1 133 ? -0.328  1.845   13.281  1.00 21.47 ? 132 ALA A C   1 
ATOM   1114 O  O   . ALA A 1 133 ? -1.352  1.222   12.984  1.00 22.19 ? 132 ALA A O   1 
ATOM   1115 C  CB  . ALA A 1 133 ? -0.536  4.007   14.500  1.00 21.66 ? 132 ALA A CB  1 
ATOM   1116 N  N   . TRP A 1 134 ? 0.680   1.856   12.405  1.00 22.71 ? 133 TRP A N   1 
ATOM   1117 C  CA  . TRP A 1 134 ? 0.656   1.155   11.136  1.00 18.55 ? 133 TRP A CA  1 
ATOM   1118 C  C   . TRP A 1 134 ? 0.636   -0.327  11.373  1.00 19.65 ? 133 TRP A C   1 
ATOM   1119 O  O   . TRP A 1 134 ? -0.075  -1.038  10.663  1.00 21.19 ? 133 TRP A O   1 
ATOM   1120 C  CB  . TRP A 1 134 ? 1.878   1.528   10.282  1.00 15.77 ? 133 TRP A CB  1 
ATOM   1121 C  CG  . TRP A 1 134 ? 1.553   2.711   9.373   1.00 21.25 ? 133 TRP A CG  1 
ATOM   1122 C  CD1 . TRP A 1 134 ? 2.173   3.929   9.508   1.00 17.93 ? 133 TRP A CD1 1 
ATOM   1123 C  CD2 . TRP A 1 134 ? 0.586   2.713   8.382   1.00 19.21 ? 133 TRP A CD2 1 
ATOM   1124 N  NE1 . TRP A 1 134 ? 1.583   4.703   8.625   1.00 22.47 ? 133 TRP A NE1 1 
ATOM   1125 C  CE2 . TRP A 1 134 ? 0.646   4.027   7.946   1.00 20.51 ? 133 TRP A CE2 1 
ATOM   1126 C  CE3 . TRP A 1 134 ? -0.338  1.827   7.834   1.00 21.40 ? 133 TRP A CE3 1 
ATOM   1127 C  CZ2 . TRP A 1 134 ? -0.201  4.475   6.937   1.00 24.57 ? 133 TRP A CZ2 1 
ATOM   1128 C  CZ3 . TRP A 1 134 ? -1.183  2.262   6.825   1.00 22.23 ? 133 TRP A CZ3 1 
ATOM   1129 C  CH2 . TRP A 1 134 ? -1.124  3.578   6.385   1.00 24.98 ? 133 TRP A CH2 1 
ATOM   1130 N  N   . HIS A 1 135 ? 1.312   -0.826  12.420  1.00 22.53 ? 134 HIS A N   1 
ATOM   1131 C  CA  . HIS A 1 135 ? 1.308   -2.259  12.695  1.00 23.17 ? 134 HIS A CA  1 
ATOM   1132 C  C   . HIS A 1 135 ? -0.085  -2.703  13.008  1.00 19.35 ? 134 HIS A C   1 
ATOM   1133 O  O   . HIS A 1 135 ? -0.498  -3.722  12.478  1.00 18.49 ? 134 HIS A O   1 
ATOM   1134 C  CB  . HIS A 1 135 ? 2.163   -2.657  13.894  1.00 30.92 ? 134 HIS A CB  1 
ATOM   1135 C  CG  . HIS A 1 135 ? 3.628   -2.281  13.872  1.00 38.10 ? 134 HIS A CG  1 
ATOM   1136 N  ND1 . HIS A 1 135 ? 4.441   -2.200  12.728  1.00 42.16 ? 134 HIS A ND1 1 
ATOM   1137 C  CD2 . HIS A 1 135 ? 4.344   -1.968  15.039  1.00 42.79 ? 134 HIS A CD2 1 
ATOM   1138 C  CE1 . HIS A 1 135 ? 5.651   -1.833  13.231  1.00 44.02 ? 134 HIS A CE1 1 
ATOM   1139 N  NE2 . HIS A 1 135 ? 5.632   -1.699  14.533  1.00 43.17 ? 134 HIS A NE2 1 
ATOM   1140 N  N   . GLU A 1 136 ? -0.818  -1.935  13.824  1.00 20.66 ? 135 GLU A N   1 
ATOM   1141 C  CA  . GLU A 1 136 ? -2.185  -2.236  14.209  1.00 20.52 ? 135 GLU A CA  1 
ATOM   1142 C  C   . GLU A 1 136 ? -3.110  -2.198  13.022  1.00 20.88 ? 135 GLU A C   1 
ATOM   1143 O  O   . GLU A 1 136 ? -4.018  -3.018  12.982  1.00 27.45 ? 135 GLU A O   1 
ATOM   1144 C  CB  . GLU A 1 136 ? -2.655  -1.238  15.242  1.00 19.97 ? 135 GLU A CB  1 
ATOM   1145 C  CG  . GLU A 1 136 ? -4.066  -1.382  15.814  1.00 25.05 ? 135 GLU A CG  1 
ATOM   1146 C  CD  . GLU A 1 136 ? -4.551  -0.256  16.768  1.00 30.25 ? 135 GLU A CD  1 
ATOM   1147 O  OE1 . GLU A 1 136 ? -3.781  0.429   17.453  1.00 33.41 ? 135 GLU A OE1 1 
ATOM   1148 O  OE2 . GLU A 1 136 ? -5.754  -0.041  16.826  1.00 36.02 ? 135 GLU A OE2 1 
ATOM   1149 N  N   . ILE A 1 137 ? -2.996  -1.309  12.029  1.00 23.44 ? 136 ILE A N   1 
ATOM   1150 C  CA  . ILE A 1 137 ? -3.908  -1.297  10.855  1.00 21.26 ? 136 ILE A CA  1 
ATOM   1151 C  C   . ILE A 1 137 ? -3.559  -2.508  10.010  1.00 18.21 ? 136 ILE A C   1 
ATOM   1152 O  O   . ILE A 1 137 ? -4.451  -3.217  9.556   1.00 18.35 ? 136 ILE A O   1 
ATOM   1153 C  CB  . ILE A 1 137 ? -3.743  0.039   9.993   1.00 21.96 ? 136 ILE A CB  1 
ATOM   1154 C  CG1 . ILE A 1 137 ? -4.421  1.127   10.782  1.00 18.98 ? 136 ILE A CG1 1 
ATOM   1155 C  CG2 . ILE A 1 137 ? -4.368  -0.017  8.598   1.00 16.16 ? 136 ILE A CG2 1 
ATOM   1156 C  CD1 . ILE A 1 137 ? -3.944  2.500   10.392  1.00 22.28 ? 136 ILE A CD1 1 
ATOM   1157 N  N   . GLY A 1 138 ? -2.263  -2.770  9.861   1.00 15.23 ? 137 GLY A N   1 
ATOM   1158 C  CA  . GLY A 1 138 ? -1.765  -3.904  9.143   1.00 13.81 ? 137 GLY A CA  1 
ATOM   1159 C  C   . GLY A 1 138 ? -2.301  -5.195  9.715   1.00 17.48 ? 137 GLY A C   1 
ATOM   1160 O  O   . GLY A 1 138 ? -2.782  -6.060  8.986   1.00 19.73 ? 137 GLY A O   1 
ATOM   1161 N  N   . ARG A 1 139 ? -2.265  -5.344  11.026  1.00 16.50 ? 138 ARG A N   1 
ATOM   1162 C  CA  . ARG A 1 139 ? -2.742  -6.542  11.685  1.00 17.52 ? 138 ARG A CA  1 
ATOM   1163 C  C   . ARG A 1 139 ? -4.202  -6.742  11.462  1.00 18.62 ? 138 ARG A C   1 
ATOM   1164 O  O   . ARG A 1 139 ? -4.598  -7.852  11.132  1.00 21.99 ? 138 ARG A O   1 
ATOM   1165 C  CB  . ARG A 1 139 ? -2.520  -6.455  13.169  1.00 24.97 ? 138 ARG A CB  1 
ATOM   1166 C  CG  . ARG A 1 139 ? -3.009  -7.668  13.940  1.00 34.29 ? 138 ARG A CG  1 
ATOM   1167 C  CD  . ARG A 1 139 ? -2.922  -7.560  15.449  1.00 39.34 ? 138 ARG A CD  1 
ATOM   1168 N  NE  . ARG A 1 139 ? -1.688  -6.925  15.875  1.00 43.62 ? 138 ARG A NE  1 
ATOM   1169 C  CZ  . ARG A 1 139 ? -1.761  -5.792  16.568  1.00 46.24 ? 138 ARG A CZ  1 
ATOM   1170 N  NH1 . ARG A 1 139 ? -2.936  -5.207  16.899  1.00 48.60 ? 138 ARG A NH1 1 
ATOM   1171 N  NH2 . ARG A 1 139 ? -0.623  -5.202  16.897  1.00 47.63 ? 138 ARG A NH2 1 
ATOM   1172 N  N   . GLU A 1 140 ? -5.020  -5.701  11.616  1.00 18.83 ? 139 GLU A N   1 
ATOM   1173 C  CA  . GLU A 1 140 ? -6.446  -5.849  11.459  1.00 17.01 ? 139 GLU A CA  1 
ATOM   1174 C  C   . GLU A 1 140 ? -6.828  -6.121  10.036  1.00 19.00 ? 139 GLU A C   1 
ATOM   1175 O  O   . GLU A 1 140 ? -7.782  -6.857  9.808   1.00 20.39 ? 139 GLU A O   1 
ATOM   1176 C  CB  . GLU A 1 140 ? -7.188  -4.605  11.892  1.00 16.52 ? 139 GLU A CB  1 
ATOM   1177 C  CG  . GLU A 1 140 ? -7.002  -4.335  13.350  1.00 16.69 ? 139 GLU A CG  1 
ATOM   1178 C  CD  . GLU A 1 140 ? -7.464  -5.476  14.230  1.00 20.96 ? 139 GLU A CD  1 
ATOM   1179 O  OE1 . GLU A 1 140 ? -8.474  -6.127  13.957  1.00 23.39 ? 139 GLU A OE1 1 
ATOM   1180 O  OE2 . GLU A 1 140 ? -6.791  -5.723  15.217  1.00 24.07 ? 139 GLU A OE2 1 
ATOM   1181 N  N   . PHE A 1 141 ? -6.136  -5.523  9.059   1.00 20.77 ? 140 PHE A N   1 
ATOM   1182 C  CA  . PHE A 1 141 ? -6.408  -5.721  7.634   1.00 19.19 ? 140 PHE A CA  1 
ATOM   1183 C  C   . PHE A 1 141 ? -6.150  -7.157  7.246   1.00 19.31 ? 140 PHE A C   1 
ATOM   1184 O  O   . PHE A 1 141 ? -6.916  -7.794  6.518   1.00 23.13 ? 140 PHE A O   1 
ATOM   1185 C  CB  . PHE A 1 141 ? -5.526  -4.798  6.834   1.00 15.91 ? 140 PHE A CB  1 
ATOM   1186 C  CG  . PHE A 1 141 ? -5.485  -5.012  5.315   1.00 18.14 ? 140 PHE A CG  1 
ATOM   1187 C  CD1 . PHE A 1 141 ? -6.442  -4.426  4.478   1.00 15.32 ? 140 PHE A CD1 1 
ATOM   1188 C  CD2 . PHE A 1 141 ? -4.438  -5.738  4.732   1.00 23.03 ? 140 PHE A CD2 1 
ATOM   1189 C  CE1 . PHE A 1 141 ? -6.355  -4.547  3.079   1.00 16.36 ? 140 PHE A CE1 1 
ATOM   1190 C  CE2 . PHE A 1 141 ? -4.353  -5.856  3.335   1.00 22.43 ? 140 PHE A CE2 1 
ATOM   1191 C  CZ  . PHE A 1 141 ? -5.308  -5.261  2.514   1.00 18.60 ? 140 PHE A CZ  1 
ATOM   1192 N  N   . ALA A 1 142 ? -5.044  -7.663  7.761   1.00 19.87 ? 141 ALA A N   1 
ATOM   1193 C  CA  . ALA A 1 142 ? -4.633  -9.030  7.547   1.00 18.75 ? 141 ALA A CA  1 
ATOM   1194 C  C   . ALA A 1 142 ? -5.629  -10.013 8.115   1.00 18.70 ? 141 ALA A C   1 
ATOM   1195 O  O   . ALA A 1 142 ? -5.978  -10.947 7.404   1.00 17.19 ? 141 ALA A O   1 
ATOM   1196 C  CB  . ALA A 1 142 ? -3.309  -9.235  8.206   1.00 22.28 ? 141 ALA A CB  1 
ATOM   1197 N  N   . LYS A 1 143 ? -6.159  -9.830  9.331   1.00 20.33 ? 142 LYS A N   1 
ATOM   1198 C  CA  . LYS A 1 143 ? -7.193  -10.762 9.775   1.00 24.58 ? 142 LYS A CA  1 
ATOM   1199 C  C   . LYS A 1 143 ? -8.424  -10.725 8.891   1.00 23.24 ? 142 LYS A C   1 
ATOM   1200 O  O   . LYS A 1 143 ? -8.979  -11.767 8.570   1.00 22.41 ? 142 LYS A O   1 
ATOM   1201 C  CB  . LYS A 1 143 ? -7.690  -10.474 11.144  1.00 24.99 ? 142 LYS A CB  1 
ATOM   1202 C  CG  . LYS A 1 143 ? -6.644  -10.482 12.190  1.00 29.28 ? 142 LYS A CG  1 
ATOM   1203 C  CD  . LYS A 1 143 ? -7.341  -9.854  13.413  1.00 31.79 ? 142 LYS A CD  1 
ATOM   1204 C  CE  . LYS A 1 143 ? -6.194  -9.569  14.379  1.00 33.08 ? 142 LYS A CE  1 
ATOM   1205 N  NZ  . LYS A 1 143 ? -6.479  -8.565  15.372  1.00 33.21 ? 142 LYS A NZ  1 
ATOM   1206 N  N   . GLU A 1 144 ? -8.859  -9.544  8.473   1.00 22.99 ? 143 GLU A N   1 
ATOM   1207 C  CA  . GLU A 1 144 ? -10.020 -9.414  7.619   1.00 20.27 ? 143 GLU A CA  1 
ATOM   1208 C  C   . GLU A 1 144 ? -9.831  -9.981  6.262   1.00 21.76 ? 143 GLU A C   1 
ATOM   1209 O  O   . GLU A 1 144 ? -10.732 -10.506 5.647   1.00 22.06 ? 143 GLU A O   1 
ATOM   1210 C  CB  . GLU A 1 144 ? -10.408 -7.979  7.395   1.00 25.15 ? 143 GLU A CB  1 
ATOM   1211 C  CG  . GLU A 1 144 ? -10.952 -7.331  8.622   1.00 29.39 ? 143 GLU A CG  1 
ATOM   1212 C  CD  . GLU A 1 144 ? -12.181 -8.059  9.123   1.00 31.95 ? 143 GLU A CD  1 
ATOM   1213 O  OE1 . GLU A 1 144 ? -13.074 -8.372  8.326   1.00 32.41 ? 143 GLU A OE1 1 
ATOM   1214 O  OE2 . GLU A 1 144 ? -12.211 -8.313  10.320  1.00 33.52 ? 143 GLU A OE2 1 
ATOM   1215 N  N   . ILE A 1 145 ? -8.670  -9.762  5.705   1.00 25.47 ? 144 ILE A N   1 
ATOM   1216 C  CA  . ILE A 1 145 ? -8.399  -10.318 4.406   1.00 27.67 ? 144 ILE A CA  1 
ATOM   1217 C  C   . ILE A 1 145 ? -8.447  -11.806 4.626   1.00 32.07 ? 144 ILE A C   1 
ATOM   1218 O  O   . ILE A 1 145 ? -8.903  -12.516 3.752   1.00 36.99 ? 144 ILE A O   1 
ATOM   1219 C  CB  . ILE A 1 145 ? -7.006  -9.852  3.903   1.00 25.97 ? 144 ILE A CB  1 
ATOM   1220 C  CG1 . ILE A 1 145 ? -7.240  -8.648  3.034   1.00 28.09 ? 144 ILE A CG1 1 
ATOM   1221 C  CG2 . ILE A 1 145 ? -6.232  -10.923 3.137   1.00 28.44 ? 144 ILE A CG2 1 
ATOM   1222 C  CD1 . ILE A 1 145 ? -8.260  -8.721  1.907   1.00 21.69 ? 144 ILE A CD1 1 
ATOM   1223 N  N   . ASN A 1 146 ? -8.031  -12.308 5.780   1.00 36.16 ? 145 ASN A N   1 
ATOM   1224 C  CA  . ASN A 1 146 ? -8.038  -13.734 5.998   1.00 39.38 ? 145 ASN A CA  1 
ATOM   1225 C  C   . ASN A 1 146 ? -9.433  -14.352 6.121   1.00 42.89 ? 145 ASN A C   1 
ATOM   1226 O  O   . ASN A 1 146 ? -9.577  -15.470 6.619   1.00 43.72 ? 145 ASN A O   1 
ATOM   1227 C  CB  . ASN A 1 146 ? -7.179  -13.987 7.225   1.00 44.28 ? 145 ASN A CB  1 
ATOM   1228 C  CG  . ASN A 1 146 ? -6.767  -15.438 7.341   1.00 49.65 ? 145 ASN A CG  1 
ATOM   1229 O  OD1 . ASN A 1 146 ? -5.920  -15.940 6.585   1.00 53.42 ? 145 ASN A OD1 1 
ATOM   1230 N  ND2 . ASN A 1 146 ? -7.393  -16.133 8.290   1.00 49.45 ? 145 ASN A ND2 1 
ATOM   1231 N  N   . LYS A 1 147 ? -10.517 -13.637 5.832   1.00 46.54 ? 146 LYS A N   1 
ATOM   1232 C  CA  . LYS A 1 147 ? -11.802 -14.266 5.583   1.00 50.56 ? 146 LYS A CA  1 
ATOM   1233 C  C   . LYS A 1 147 ? -12.333 -13.557 4.285   1.00 55.72 ? 146 LYS A C   1 
ATOM   1234 O  O   . LYS A 1 147 ? -11.995 -14.052 3.183   1.00 60.06 ? 146 LYS A O   1 
ATOM   1235 C  CB  . LYS A 1 147 ? -12.762 -14.088 6.781   1.00 48.76 ? 146 LYS A CB  1 
ATOM   1236 C  CG  . LYS A 1 147 ? -12.306 -13.383 8.071   1.00 48.91 ? 146 LYS A CG  1 
ATOM   1237 C  CD  . LYS A 1 147 ? -13.527 -13.066 8.943   1.00 45.61 ? 146 LYS A CD  1 
ATOM   1238 C  CE  . LYS A 1 147 ? -13.284 -11.855 9.808   1.00 44.92 ? 146 LYS A CE  1 
ATOM   1239 N  NZ  . LYS A 1 147 ? -12.480 -12.163 10.980  1.00 46.94 ? 146 LYS A NZ  1 
HETATM 1240 C  CHA . HEM B 2 .   ? -4.447  -3.968  -8.354  1.00 26.92 ? 301 HEM A CHA 1 
HETATM 1241 C  CHB . HEM B 2 .   ? -4.549  -2.057  -3.950  1.00 19.96 ? 301 HEM A CHB 1 
HETATM 1242 C  CHC . HEM B 2 .   ? -1.312  -5.261  -2.553  1.00 26.32 ? 301 HEM A CHC 1 
HETATM 1243 C  CHD . HEM B 2 .   ? -0.797  -6.826  -7.104  1.00 26.81 ? 301 HEM A CHD 1 
HETATM 1244 C  C1A . HEM B 2 .   ? -4.845  -3.257  -7.235  1.00 26.30 ? 301 HEM A C1A 1 
HETATM 1245 C  C2A . HEM B 2 .   ? -5.816  -2.205  -7.240  1.00 26.26 ? 301 HEM A C2A 1 
HETATM 1246 C  C3A . HEM B 2 .   ? -5.823  -1.632  -6.015  1.00 24.41 ? 301 HEM A C3A 1 
HETATM 1247 C  C4A . HEM B 2 .   ? -4.821  -2.339  -5.269  1.00 23.38 ? 301 HEM A C4A 1 
HETATM 1248 C  CMA . HEM B 2 .   ? -6.698  -0.490  -5.477  1.00 22.43 ? 301 HEM A CMA 1 
HETATM 1249 C  CAA . HEM B 2 .   ? -6.566  -1.741  -8.459  1.00 32.82 ? 301 HEM A CAA 1 
HETATM 1250 C  CBA . HEM B 2 .   ? -7.851  -2.488  -8.702  1.00 39.84 ? 301 HEM A CBA 1 
HETATM 1251 C  CGA . HEM B 2 .   ? -8.678  -1.802  -9.773  1.00 44.27 ? 301 HEM A CGA 1 
HETATM 1252 O  O1A . HEM B 2 .   ? -8.199  -1.618  -10.902 1.00 49.43 ? 301 HEM A O1A 1 
HETATM 1253 O  O2A . HEM B 2 .   ? -9.798  -1.422  -9.444  1.00 45.52 ? 301 HEM A O2A 1 
HETATM 1254 C  C1B . HEM B 2 .   ? -3.704  -2.768  -3.156  1.00 22.60 ? 301 HEM A C1B 1 
HETATM 1255 C  C2B . HEM B 2 .   ? -3.530  -2.571  -1.683  1.00 22.39 ? 301 HEM A C2B 1 
HETATM 1256 C  C3B . HEM B 2 .   ? -2.663  -3.505  -1.312  1.00 22.28 ? 301 HEM A C3B 1 
HETATM 1257 C  C4B . HEM B 2 .   ? -2.262  -4.260  -2.522  1.00 23.47 ? 301 HEM A C4B 1 
HETATM 1258 C  CMB . HEM B 2 .   ? -4.058  -1.524  -0.698  1.00 14.10 ? 301 HEM A CMB 1 
HETATM 1259 C  CAB . HEM B 2 .   ? -2.218  -3.584  -0.018  1.00 22.29 ? 301 HEM A CAB 1 
HETATM 1260 C  CBB . HEM B 2 .   ? -2.300  -4.783  0.763   1.00 26.31 ? 301 HEM A CBB 1 
HETATM 1261 C  C1C . HEM B 2 .   ? -0.908  -5.998  -3.650  1.00 28.18 ? 301 HEM A C1C 1 
HETATM 1262 C  C2C . HEM B 2 .   ? 0.218   -6.933  -3.629  1.00 28.71 ? 301 HEM A C2C 1 
HETATM 1263 C  C3C . HEM B 2 .   ? 0.346   -7.355  -4.919  1.00 29.00 ? 301 HEM A C3C 1 
HETATM 1264 C  C4C . HEM B 2 .   ? -0.667  -6.694  -5.719  1.00 30.99 ? 301 HEM A C4C 1 
HETATM 1265 C  CMC . HEM B 2 .   ? 1.067   -7.336  -2.418  1.00 17.37 ? 301 HEM A CMC 1 
HETATM 1266 C  CAC . HEM B 2 .   ? 1.186   -8.335  -5.394  1.00 31.26 ? 301 HEM A CAC 1 
HETATM 1267 C  CBC . HEM B 2 .   ? 2.490   -8.033  -5.888  1.00 36.21 ? 301 HEM A CBC 1 
HETATM 1268 C  C1D . HEM B 2 .   ? -1.695  -6.137  -7.858  1.00 27.45 ? 301 HEM A C1D 1 
HETATM 1269 C  C2D . HEM B 2 .   ? -1.882  -6.334  -9.283  1.00 30.94 ? 301 HEM A C2D 1 
HETATM 1270 C  C3D . HEM B 2 .   ? -2.957  -5.577  -9.615  1.00 30.53 ? 301 HEM A C3D 1 
HETATM 1271 C  C4D . HEM B 2 .   ? -3.377  -4.862  -8.423  1.00 28.19 ? 301 HEM A C4D 1 
HETATM 1272 C  CMD . HEM B 2 .   ? -1.011  -7.119  -10.252 1.00 28.23 ? 301 HEM A CMD 1 
HETATM 1273 C  CAD . HEM B 2 .   ? -3.622  -5.528  -10.972 1.00 30.21 ? 301 HEM A CAD 1 
HETATM 1274 C  CBD . HEM B 2 .   ? -2.983  -4.473  -11.848 1.00 33.45 ? 301 HEM A CBD 1 
HETATM 1275 C  CGD . HEM B 2 .   ? -3.692  -4.265  -13.192 1.00 37.80 ? 301 HEM A CGD 1 
HETATM 1276 O  O1D . HEM B 2 .   ? -3.133  -4.703  -14.195 1.00 37.55 ? 301 HEM A O1D 1 
HETATM 1277 O  O2D . HEM B 2 .   ? -4.769  -3.660  -13.257 1.00 35.34 ? 301 HEM A O2D 1 
HETATM 1278 N  NA  . HEM B 2 .   ? -4.230  -3.337  -6.022  1.00 24.36 ? 301 HEM A NA  1 
HETATM 1279 N  NB  . HEM B 2 .   ? -2.932  -3.817  -3.651  1.00 23.23 ? 301 HEM A NB  1 
HETATM 1280 N  NC  . HEM B 2 .   ? -1.429  -5.838  -4.932  1.00 29.17 ? 301 HEM A NC  1 
HETATM 1281 N  ND  . HEM B 2 .   ? -2.600  -5.213  -7.347  1.00 26.99 ? 301 HEM A ND  1 
HETATM 1282 FE FE  . HEM B 2 .   ? -2.793  -4.534  -5.524  1.00 26.35 ? 301 HEM A FE  1 
HETATM 1283 O  O1  . OXY C 3 .   ? -1.398  -3.333  -6.009  1.00 27.75 ? 302 OXY A O1  1 
HETATM 1284 O  O2  . OXY C 3 .   ? -0.230  -3.553  -6.244  1.00 22.38 ? 302 OXY A O2  1 
HETATM 1285 O  O   . HOH D 4 .   ? -10.307 2.840   -3.872  1.00 16.20 ? 303 HOH A O   1 
HETATM 1286 O  O   . HOH D 4 .   ? -7.765  2.755   -4.977  1.00 17.74 ? 304 HOH A O   1 
HETATM 1287 O  O   . HOH D 4 .   ? 2.251   10.085  13.027  1.00 27.46 ? 305 HOH A O   1 
HETATM 1288 O  O   . HOH D 4 .   ? -18.352 -4.874  6.974   1.00 22.61 ? 306 HOH A O   1 
HETATM 1289 O  O   . HOH D 4 .   ? -22.998 0.681   8.346   1.00 20.32 ? 307 HOH A O   1 
HETATM 1290 O  O   . HOH D 4 .   ? -4.022  -0.240  -12.725 1.00 29.65 ? 308 HOH A O   1 
HETATM 1291 O  O   . HOH D 4 .   ? -11.949 -1.414  -2.408  1.00 27.93 ? 309 HOH A O   1 
HETATM 1292 O  O   . HOH D 4 .   ? 1.944   -6.419  15.551  1.00 41.71 ? 310 HOH A O   1 
HETATM 1293 O  O   . HOH D 4 .   ? -15.682 -7.427  12.882  1.00 63.31 ? 311 HOH A O   1 
HETATM 1294 O  O   . HOH D 4 .   ? 4.199   -7.048  8.306   1.00 45.47 ? 312 HOH A O   1 
HETATM 1295 O  O   . HOH D 4 .   ? -16.997 -6.743  -5.281  1.00 50.43 ? 313 HOH A O   1 
HETATM 1296 O  O   . HOH D 4 .   ? 0.701   3.369   18.641  1.00 43.92 ? 314 HOH A O   1 
HETATM 1297 O  O   . HOH D 4 .   ? -23.443 -3.448  12.746  1.00 64.27 ? 315 HOH A O   1 
HETATM 1298 O  O   . HOH D 4 .   ? -13.689 -10.702 0.460   1.00 57.67 ? 316 HOH A O   1 
HETATM 1299 O  O   . HOH D 4 .   ? -9.321  2.094   -9.495  1.00 45.45 ? 317 HOH A O   1 
HETATM 1300 O  O   . HOH D 4 .   ? 4.872   18.080  -7.786  1.00 36.32 ? 318 HOH A O   1 
HETATM 1301 O  O   . HOH D 4 .   ? -1.277  -9.127  -13.498 1.00 31.56 ? 319 HOH A O   1 
HETATM 1302 O  O   . HOH D 4 .   ? -24.612 -0.629  11.146  1.00 51.83 ? 320 HOH A O   1 
HETATM 1303 O  O   . HOH D 4 .   ? 3.877   -1.574  8.995   1.00 32.25 ? 321 HOH A O   1 
HETATM 1304 O  O   . HOH D 4 .   ? 4.062   -3.967  10.242  1.00 49.78 ? 322 HOH A O   1 
HETATM 1305 O  O   . HOH D 4 .   ? -8.638  11.611  13.806  1.00 52.84 ? 323 HOH A O   1 
HETATM 1306 O  O   . HOH D 4 .   ? -3.695  -2.913  -16.984 1.00 55.20 ? 324 HOH A O   1 
HETATM 1307 O  O   . HOH D 4 .   ? -1.572  13.282  16.258  1.00 45.28 ? 325 HOH A O   1 
HETATM 1308 O  O   . HOH D 4 .   ? -4.410  -16.828 -12.939 1.00 45.66 ? 326 HOH A O   1 
HETATM 1309 O  O   . HOH D 4 .   ? -7.037  6.278   -8.664  1.00 45.43 ? 327 HOH A O   1 
HETATM 1310 O  O   . HOH D 4 .   ? -15.271 1.119   14.870  1.00 40.28 ? 328 HOH A O   1 
HETATM 1311 O  O   . HOH D 4 .   ? 3.155   11.654  18.400  1.00 60.50 ? 329 HOH A O   1 
HETATM 1312 O  O   . HOH D 4 .   ? -10.220 -1.548  15.175  1.00 52.59 ? 330 HOH A O   1 
HETATM 1313 O  O   . HOH D 4 .   ? -18.605 -0.188  12.653  1.00 34.93 ? 331 HOH A O   1 
HETATM 1314 O  O   . HOH D 4 .   ? 7.124   14.029  0.144   1.00 52.46 ? 332 HOH A O   1 
HETATM 1315 O  O   . HOH D 4 .   ? -17.253 -5.000  0.760   1.00 34.35 ? 333 HOH A O   1 
HETATM 1316 O  O   . HOH D 4 .   ? -13.733 3.480   16.855  1.00 62.77 ? 334 HOH A O   1 
HETATM 1317 O  O   . HOH D 4 .   ? -7.020  12.951  11.547  1.00 36.47 ? 335 HOH A O   1 
HETATM 1318 O  O   . HOH D 4 .   ? -18.313 5.304   12.990  1.00 36.81 ? 336 HOH A O   1 
HETATM 1319 O  O   . HOH D 4 .   ? -9.290  -3.541  17.665  1.00 55.45 ? 337 HOH A O   1 
HETATM 1320 O  O   . HOH D 4 .   ? -4.398  13.468  11.081  1.00 52.75 ? 338 HOH A O   1 
HETATM 1321 O  O   . HOH D 4 .   ? -16.218 6.858   14.471  1.00 41.13 ? 339 HOH A O   1 
HETATM 1322 O  O   . HOH D 4 .   ? 5.978   5.823   -14.711 1.00 47.39 ? 340 HOH A O   1 
HETATM 1323 O  O   . HOH D 4 .   ? 7.590   14.255  -14.403 1.00 59.15 ? 341 HOH A O   1 
HETATM 1324 O  O   . HOH D 4 .   ? 7.136   19.315  -6.980  1.00 57.01 ? 342 HOH A O   1 
HETATM 1325 O  O   . HOH D 4 .   ? 11.004  -4.581  8.505   1.00 66.33 ? 343 HOH A O   1 
HETATM 1326 O  O   . HOH D 4 .   ? -1.184  0.715   19.342  1.00 38.05 ? 344 HOH A O   1 
HETATM 1327 O  O   . HOH D 4 .   ? -18.787 -8.101  -0.454  1.00 60.58 ? 345 HOH A O   1 
HETATM 1328 O  O   . HOH D 4 .   ? -17.179 4.057   16.032  1.00 71.16 ? 346 HOH A O   1 
HETATM 1329 O  O   . HOH D 4 .   ? -8.241  -8.832  -16.377 1.00 70.76 ? 347 HOH A O   1 
HETATM 1330 O  O   . HOH D 4 .   ? 14.599  8.677   7.904   1.00 53.58 ? 348 HOH A O   1 
HETATM 1331 O  O   . HOH D 4 .   ? 1.033   -2.388  17.433  1.00 38.20 ? 349 HOH A O   1 
HETATM 1332 O  O   . HOH D 4 .   ? 15.858  5.887   -9.856  1.00 52.13 ? 350 HOH A O   1 
HETATM 1333 O  O   . HOH D 4 .   ? -20.995 0.725   12.264  1.00 49.17 ? 351 HOH A O   1 
HETATM 1334 O  O   . HOH D 4 .   ? 3.503   16.906  3.798   1.00 56.15 ? 352 HOH A O   1 
HETATM 1335 O  O   . HOH D 4 .   ? 13.418  2.459   4.833   1.00 58.81 ? 353 HOH A O   1 
HETATM 1336 O  O   . HOH D 4 .   ? 9.681   14.961  -2.121  1.00 63.42 ? 354 HOH A O   1 
HETATM 1337 O  O   . HOH D 4 .   ? 0.056   -6.390  -14.725 1.00 45.31 ? 355 HOH A O   1 
HETATM 1338 O  O   . HOH D 4 .   ? -12.161 -15.163 -9.225  1.00 51.33 ? 356 HOH A O   1 
HETATM 1339 O  O   . HOH D 4 .   ? -20.915 2.147   9.808   1.00 52.33 ? 357 HOH A O   1 
HETATM 1340 O  O   . HOH D 4 .   ? -4.801  8.817   -6.738  1.00 65.48 ? 358 HOH A O   1 
HETATM 1341 O  O   . HOH D 4 .   ? 3.727   19.992  -4.370  1.00 63.86 ? 359 HOH A O   1 
HETATM 1342 O  O   . HOH D 4 .   ? -18.018 -5.786  9.742   1.00 42.10 ? 360 HOH A O   1 
HETATM 1343 O  O   . HOH D 4 .   ? -4.679  6.067   -10.700 1.00 70.69 ? 361 HOH A O   1 
HETATM 1344 O  O   . HOH D 4 .   ? -18.361 -8.783  8.282   1.00 54.24 ? 362 HOH A O   1 
HETATM 1345 O  O   . HOH D 4 .   ? 19.312  -1.041  -15.037 1.00 69.20 ? 363 HOH A O   1 
HETATM 1346 O  O   . HOH D 4 .   ? -5.534  -12.561 -3.774  1.00 51.79 ? 364 HOH A O   1 
# 
